data_2DNZ
#
_entry.id   2DNZ
#
_entity_poly.entity_id   1
_entity_poly.type   'polypeptide(L)'
_entity_poly.pdbx_seq_one_letter_code
;GSSGSSGLYVGSLHFNITEDMLRGIFEPFGKIDNIVLMKDSDTGRSKGYGFITFSDSECARRALEQLNGFELAGRPMRVG
HVTERLDGGSGPSSG
;
_entity_poly.pdbx_strand_id   A
#
# COMPACT_ATOMS: atom_id res chain seq x y z
N GLY A 1 -12.69 -10.78 -8.86
CA GLY A 1 -13.98 -10.12 -8.68
C GLY A 1 -13.86 -8.82 -7.91
N SER A 2 -14.65 -8.69 -6.85
CA SER A 2 -14.63 -7.49 -6.03
C SER A 2 -13.72 -7.66 -4.81
N SER A 3 -13.90 -8.77 -4.10
CA SER A 3 -13.11 -9.06 -2.91
C SER A 3 -11.98 -10.04 -3.24
N GLY A 4 -10.85 -9.49 -3.67
CA GLY A 4 -9.71 -10.33 -4.00
C GLY A 4 -8.52 -9.53 -4.47
N SER A 5 -8.77 -8.52 -5.30
CA SER A 5 -7.70 -7.67 -5.82
C SER A 5 -6.64 -7.43 -4.76
N SER A 6 -5.41 -7.84 -5.07
CA SER A 6 -4.29 -7.67 -4.15
C SER A 6 -3.67 -6.28 -4.30
N GLY A 7 -4.21 -5.32 -3.57
CA GLY A 7 -3.70 -3.96 -3.63
C GLY A 7 -3.38 -3.39 -2.25
N LEU A 8 -2.27 -2.66 -2.16
CA LEU A 8 -1.87 -2.06 -0.89
C LEU A 8 -1.77 -0.54 -1.02
N TYR A 9 -2.08 0.14 0.07
CA TYR A 9 -2.04 1.61 0.09
C TYR A 9 -0.90 2.10 0.99
N VAL A 10 -0.21 3.15 0.54
CA VAL A 10 0.89 3.72 1.31
C VAL A 10 0.67 5.20 1.55
N GLY A 11 0.85 5.63 2.80
CA GLY A 11 0.66 7.03 3.14
C GLY A 11 1.63 7.50 4.21
N SER A 12 1.74 8.81 4.37
CA SER A 12 2.65 9.38 5.36
C SER A 12 4.10 9.23 4.92
N LEU A 13 4.36 9.53 3.66
CA LEU A 13 5.71 9.42 3.11
C LEU A 13 6.30 10.81 2.83
N HIS A 14 7.58 10.85 2.50
CA HIS A 14 8.25 12.11 2.20
C HIS A 14 8.15 12.45 0.72
N PHE A 15 7.67 13.66 0.42
CA PHE A 15 7.52 14.10 -0.96
C PHE A 15 8.72 13.69 -1.79
N ASN A 16 9.92 13.84 -1.24
CA ASN A 16 11.14 13.48 -1.94
C ASN A 16 11.04 12.06 -2.50
N ILE A 17 10.50 11.15 -1.70
CA ILE A 17 10.35 9.76 -2.12
C ILE A 17 9.82 9.67 -3.55
N THR A 18 10.17 8.58 -4.24
CA THR A 18 9.72 8.38 -5.60
C THR A 18 9.28 6.93 -5.82
N GLU A 19 8.82 6.64 -7.04
CA GLU A 19 8.37 5.29 -7.38
C GLU A 19 9.50 4.28 -7.24
N ASP A 20 10.71 4.71 -7.57
CA ASP A 20 11.88 3.84 -7.47
C ASP A 20 12.10 3.36 -6.05
N MET A 21 11.78 4.23 -5.09
CA MET A 21 11.95 3.90 -3.68
C MET A 21 10.88 2.90 -3.23
N LEU A 22 9.65 3.10 -3.70
CA LEU A 22 8.54 2.21 -3.36
C LEU A 22 8.73 0.83 -3.98
N ARG A 23 9.16 0.82 -5.24
CA ARG A 23 9.39 -0.43 -5.95
C ARG A 23 10.56 -1.21 -5.35
N GLY A 24 11.61 -0.48 -4.98
CA GLY A 24 12.78 -1.11 -4.39
C GLY A 24 12.50 -1.71 -3.03
N ILE A 25 11.63 -1.06 -2.27
CA ILE A 25 11.27 -1.54 -0.94
C ILE A 25 10.23 -2.64 -1.01
N PHE A 26 9.24 -2.45 -1.88
CA PHE A 26 8.17 -3.44 -2.05
C PHE A 26 8.60 -4.55 -3.01
N GLU A 27 9.82 -4.43 -3.54
CA GLU A 27 10.34 -5.42 -4.46
C GLU A 27 10.65 -6.73 -3.75
N PRO A 28 11.55 -6.66 -2.75
CA PRO A 28 11.96 -7.82 -1.96
C PRO A 28 10.84 -8.33 -1.05
N PHE A 29 9.67 -7.68 -1.14
CA PHE A 29 8.53 -8.07 -0.33
C PHE A 29 7.52 -8.86 -1.15
N GLY A 30 7.45 -8.57 -2.44
CA GLY A 30 6.53 -9.27 -3.32
C GLY A 30 6.56 -8.73 -4.74
N LYS A 31 6.29 -9.61 -5.70
CA LYS A 31 6.29 -9.22 -7.11
C LYS A 31 5.32 -8.07 -7.36
N ILE A 32 5.86 -6.90 -7.66
CA ILE A 32 5.04 -5.72 -7.93
C ILE A 32 4.49 -5.74 -9.35
N ASP A 33 3.17 -5.64 -9.46
CA ASP A 33 2.50 -5.64 -10.76
C ASP A 33 2.55 -4.26 -11.40
N ASN A 34 2.29 -3.24 -10.59
CA ASN A 34 2.30 -1.85 -11.08
C ASN A 34 2.27 -0.87 -9.92
N ILE A 35 2.87 0.30 -10.12
CA ILE A 35 2.91 1.33 -9.09
C ILE A 35 2.43 2.67 -9.64
N VAL A 36 1.54 3.32 -8.90
CA VAL A 36 1.02 4.62 -9.31
C VAL A 36 1.00 5.60 -8.14
N LEU A 37 1.59 6.77 -8.36
CA LEU A 37 1.65 7.79 -7.32
C LEU A 37 0.46 8.75 -7.44
N MET A 38 -0.15 9.08 -6.31
CA MET A 38 -1.28 9.99 -6.28
C MET A 38 -0.87 11.37 -5.79
N LYS A 39 -1.33 12.41 -6.48
CA LYS A 39 -1.00 13.78 -6.12
C LYS A 39 -2.25 14.67 -6.20
N ASP A 40 -2.05 15.96 -5.97
CA ASP A 40 -3.15 16.92 -6.03
C ASP A 40 -3.11 17.71 -7.34
N SER A 41 -4.02 18.68 -7.46
CA SER A 41 -4.09 19.51 -8.66
C SER A 41 -3.84 20.97 -8.32
N ASP A 42 -4.52 21.45 -7.28
CA ASP A 42 -4.38 22.84 -6.85
C ASP A 42 -2.98 23.09 -6.27
N THR A 43 -2.35 22.02 -5.79
CA THR A 43 -1.02 22.12 -5.21
C THR A 43 0.01 21.37 -6.04
N GLY A 44 -0.40 20.21 -6.56
CA GLY A 44 0.49 19.41 -7.37
C GLY A 44 1.71 18.93 -6.60
N ARG A 45 1.56 18.83 -5.28
CA ARG A 45 2.65 18.39 -4.42
C ARG A 45 2.32 17.05 -3.77
N SER A 46 3.02 16.00 -4.19
CA SER A 46 2.80 14.66 -3.65
C SER A 46 2.51 14.73 -2.15
N LYS A 47 1.24 14.57 -1.79
CA LYS A 47 0.82 14.60 -0.39
C LYS A 47 1.67 13.64 0.45
N GLY A 48 2.12 12.56 -0.18
CA GLY A 48 2.93 11.58 0.52
C GLY A 48 2.27 10.22 0.57
N TYR A 49 1.59 9.85 -0.50
CA TYR A 49 0.90 8.56 -0.56
C TYR A 49 0.88 8.03 -1.99
N GLY A 50 0.60 6.74 -2.13
CA GLY A 50 0.55 6.13 -3.45
C GLY A 50 -0.16 4.78 -3.44
N PHE A 51 -0.34 4.20 -4.62
CA PHE A 51 -1.01 2.91 -4.74
C PHE A 51 -0.09 1.88 -5.37
N ILE A 52 -0.11 0.66 -4.82
CA ILE A 52 0.72 -0.42 -5.33
C ILE A 52 -0.06 -1.74 -5.38
N THR A 53 0.12 -2.48 -6.46
CA THR A 53 -0.56 -3.76 -6.63
C THR A 53 0.44 -4.90 -6.75
N PHE A 54 0.24 -5.95 -5.95
CA PHE A 54 1.12 -7.10 -5.96
C PHE A 54 0.54 -8.22 -6.81
N SER A 55 1.24 -9.35 -6.87
CA SER A 55 0.79 -10.49 -7.66
C SER A 55 0.03 -11.48 -6.79
N ASP A 56 0.53 -11.72 -5.58
CA ASP A 56 -0.10 -12.63 -4.65
C ASP A 56 -0.59 -11.91 -3.40
N SER A 57 -1.76 -12.30 -2.91
CA SER A 57 -2.33 -11.68 -1.72
C SER A 57 -1.45 -11.93 -0.50
N GLU A 58 -0.84 -13.11 -0.44
CA GLU A 58 0.03 -13.46 0.68
C GLU A 58 1.22 -12.52 0.76
N CYS A 59 1.82 -12.23 -0.40
CA CYS A 59 2.97 -11.35 -0.47
C CYS A 59 2.61 -9.95 0.03
N ALA A 60 1.42 -9.48 -0.35
CA ALA A 60 0.96 -8.15 0.05
C ALA A 60 0.84 -8.06 1.57
N ARG A 61 0.29 -9.10 2.18
CA ARG A 61 0.11 -9.12 3.63
C ARG A 61 1.46 -9.02 4.34
N ARG A 62 2.42 -9.82 3.91
CA ARG A 62 3.75 -9.81 4.51
C ARG A 62 4.38 -8.42 4.42
N ALA A 63 4.37 -7.85 3.22
CA ALA A 63 4.94 -6.53 3.01
C ALA A 63 4.25 -5.49 3.89
N LEU A 64 2.95 -5.66 4.10
CA LEU A 64 2.19 -4.74 4.93
C LEU A 64 2.68 -4.76 6.38
N GLU A 65 2.98 -5.96 6.88
CA GLU A 65 3.45 -6.12 8.24
C GLU A 65 4.85 -5.54 8.40
N GLN A 66 5.70 -5.79 7.42
CA GLN A 66 7.08 -5.29 7.44
C GLN A 66 7.11 -3.78 7.22
N LEU A 67 6.25 -3.30 6.33
CA LEU A 67 6.19 -1.88 6.02
C LEU A 67 5.51 -1.10 7.15
N ASN A 68 4.38 -1.62 7.62
CA ASN A 68 3.64 -0.98 8.71
C ASN A 68 4.59 -0.54 9.82
N GLY A 69 4.75 0.77 9.96
CA GLY A 69 5.62 1.31 10.99
C GLY A 69 7.09 1.15 10.64
N PHE A 70 7.42 1.32 9.36
CA PHE A 70 8.79 1.20 8.89
C PHE A 70 9.39 2.58 8.61
N GLU A 71 10.03 3.16 9.61
CA GLU A 71 10.66 4.47 9.47
C GLU A 71 11.50 4.53 8.21
N LEU A 72 11.14 5.43 7.30
CA LEU A 72 11.88 5.59 6.06
C LEU A 72 12.74 6.84 6.09
N ALA A 73 12.17 7.94 6.58
CA ALA A 73 12.90 9.20 6.68
C ALA A 73 12.91 9.72 8.11
N GLY A 74 13.09 8.80 9.06
CA GLY A 74 13.13 9.19 10.46
C GLY A 74 11.80 8.95 11.15
N ARG A 75 10.71 9.00 10.39
CA ARG A 75 9.38 8.79 10.95
C ARG A 75 8.72 7.57 10.32
N PRO A 76 7.87 6.89 11.10
CA PRO A 76 7.15 5.69 10.64
C PRO A 76 6.08 6.03 9.61
N MET A 77 6.07 5.26 8.51
CA MET A 77 5.09 5.48 7.45
C MET A 77 3.81 4.71 7.74
N ARG A 78 2.78 4.98 6.93
CA ARG A 78 1.49 4.32 7.10
C ARG A 78 1.23 3.32 5.97
N VAL A 79 0.91 2.09 6.35
CA VAL A 79 0.64 1.04 5.37
C VAL A 79 -0.65 0.29 5.70
N GLY A 80 -1.53 0.19 4.71
CA GLY A 80 -2.80 -0.50 4.92
C GLY A 80 -3.35 -1.08 3.64
N HIS A 81 -4.30 -2.00 3.78
CA HIS A 81 -4.92 -2.64 2.62
C HIS A 81 -5.82 -1.66 1.87
N VAL A 82 -5.88 -1.80 0.56
CA VAL A 82 -6.70 -0.94 -0.28
C VAL A 82 -8.18 -1.27 -0.13
N THR A 83 -8.49 -2.56 -0.08
CA THR A 83 -9.86 -3.01 0.07
C THR A 83 -10.34 -2.92 1.52
N GLU A 84 -9.38 -2.70 2.42
CA GLU A 84 -9.69 -2.59 3.84
C GLU A 84 -10.67 -3.69 4.27
N ARG A 85 -10.45 -4.89 3.79
CA ARG A 85 -11.32 -6.02 4.11
C ARG A 85 -10.50 -7.22 4.58
N LEU A 86 -10.94 -7.86 5.66
CA LEU A 86 -10.24 -9.01 6.21
C LEU A 86 -10.43 -10.23 5.32
N ASP A 87 -9.63 -11.26 5.54
CA ASP A 87 -9.71 -12.49 4.77
C ASP A 87 -8.81 -13.57 5.36
N GLY A 88 -9.05 -14.81 4.96
CA GLY A 88 -8.26 -15.92 5.46
C GLY A 88 -8.98 -17.25 5.36
N GLY A 89 -8.27 -18.34 5.67
CA GLY A 89 -8.87 -19.65 5.60
C GLY A 89 -9.29 -20.16 6.97
N SER A 90 -10.59 -20.28 7.18
CA SER A 90 -11.13 -20.75 8.46
C SER A 90 -10.85 -22.24 8.63
N GLY A 91 -10.87 -22.70 9.88
CA GLY A 91 -10.62 -24.10 10.17
C GLY A 91 -10.03 -24.32 11.54
N PRO A 92 -10.87 -24.23 12.58
CA PRO A 92 -10.44 -24.41 13.97
C PRO A 92 -10.07 -25.85 14.28
N SER A 93 -10.32 -26.74 13.32
CA SER A 93 -10.02 -28.16 13.48
C SER A 93 -8.67 -28.35 14.16
N SER A 94 -8.56 -29.40 14.97
CA SER A 94 -7.32 -29.69 15.68
C SER A 94 -6.85 -28.48 16.47
N GLY A 95 -7.80 -27.81 17.13
CA GLY A 95 -7.46 -26.63 17.92
C GLY A 95 -8.32 -26.50 19.15
N GLY A 1 -15.19 -6.13 -12.60
CA GLY A 1 -14.86 -6.43 -11.22
C GLY A 1 -13.75 -7.44 -11.09
N SER A 2 -13.06 -7.43 -9.96
CA SER A 2 -11.97 -8.37 -9.72
C SER A 2 -12.10 -9.03 -8.35
N SER A 3 -11.67 -10.28 -8.26
CA SER A 3 -11.75 -11.04 -7.02
C SER A 3 -10.39 -11.08 -6.33
N GLY A 4 -10.38 -10.75 -5.04
CA GLY A 4 -9.14 -10.75 -4.28
C GLY A 4 -8.27 -9.55 -4.59
N SER A 5 -8.49 -8.46 -3.86
CA SER A 5 -7.71 -7.24 -4.06
C SER A 5 -6.41 -7.28 -3.27
N SER A 6 -5.31 -7.57 -3.96
CA SER A 6 -4.01 -7.65 -3.31
C SER A 6 -3.29 -6.30 -3.38
N GLY A 7 -4.07 -5.22 -3.32
CA GLY A 7 -3.49 -3.89 -3.37
C GLY A 7 -3.19 -3.34 -1.99
N LEU A 8 -2.17 -2.49 -1.91
CA LEU A 8 -1.78 -1.89 -0.65
C LEU A 8 -1.70 -0.36 -0.76
N TYR A 9 -2.07 0.32 0.31
CA TYR A 9 -2.05 1.78 0.32
C TYR A 9 -0.93 2.30 1.23
N VAL A 10 -0.20 3.31 0.76
CA VAL A 10 0.88 3.89 1.53
C VAL A 10 0.67 5.38 1.73
N GLY A 11 0.95 5.86 2.95
CA GLY A 11 0.78 7.27 3.25
C GLY A 11 1.82 7.77 4.23
N SER A 12 1.95 9.10 4.32
CA SER A 12 2.91 9.72 5.22
C SER A 12 4.33 9.56 4.68
N LEU A 13 4.51 9.86 3.41
CA LEU A 13 5.82 9.76 2.77
C LEU A 13 6.39 11.14 2.47
N HIS A 14 7.66 11.17 2.07
CA HIS A 14 8.32 12.43 1.74
C HIS A 14 8.21 12.74 0.25
N PHE A 15 7.70 13.93 -0.07
CA PHE A 15 7.54 14.33 -1.46
C PHE A 15 8.73 13.87 -2.30
N ASN A 16 9.94 14.13 -1.81
CA ASN A 16 11.15 13.73 -2.52
C ASN A 16 11.05 12.30 -3.02
N ILE A 17 10.57 11.41 -2.15
CA ILE A 17 10.41 10.00 -2.51
C ILE A 17 9.91 9.85 -3.94
N THR A 18 10.21 8.71 -4.56
CA THR A 18 9.80 8.44 -5.93
C THR A 18 9.30 7.01 -6.08
N GLU A 19 8.77 6.69 -7.25
CA GLU A 19 8.26 5.35 -7.52
C GLU A 19 9.36 4.31 -7.38
N ASP A 20 10.58 4.68 -7.77
CA ASP A 20 11.71 3.78 -7.69
C ASP A 20 11.95 3.33 -6.25
N MET A 21 11.69 4.22 -5.31
CA MET A 21 11.87 3.91 -3.89
C MET A 21 10.80 2.93 -3.41
N LEU A 22 9.58 3.13 -3.88
CA LEU A 22 8.46 2.26 -3.49
C LEU A 22 8.64 0.86 -4.08
N ARG A 23 9.06 0.80 -5.34
CA ARG A 23 9.26 -0.48 -6.01
C ARG A 23 10.45 -1.24 -5.40
N GLY A 24 11.47 -0.48 -5.01
CA GLY A 24 12.65 -1.10 -4.42
C GLY A 24 12.36 -1.73 -3.08
N ILE A 25 11.58 -1.04 -2.25
CA ILE A 25 11.23 -1.54 -0.93
C ILE A 25 10.19 -2.65 -1.02
N PHE A 26 9.21 -2.46 -1.90
CA PHE A 26 8.15 -3.45 -2.08
C PHE A 26 8.61 -4.58 -2.99
N GLU A 27 9.83 -4.44 -3.52
CA GLU A 27 10.38 -5.45 -4.42
C GLU A 27 10.71 -6.73 -3.66
N PRO A 28 11.59 -6.62 -2.65
CA PRO A 28 12.00 -7.76 -1.82
C PRO A 28 10.88 -8.25 -0.91
N PHE A 29 9.71 -7.64 -1.04
CA PHE A 29 8.55 -8.01 -0.23
C PHE A 29 7.57 -8.85 -1.04
N GLY A 30 7.39 -8.48 -2.31
CA GLY A 30 6.47 -9.20 -3.17
C GLY A 30 6.48 -8.68 -4.60
N LYS A 31 6.24 -9.57 -5.55
CA LYS A 31 6.23 -9.20 -6.96
C LYS A 31 5.29 -8.02 -7.19
N ILE A 32 5.85 -6.90 -7.65
CA ILE A 32 5.08 -5.70 -7.91
C ILE A 32 4.51 -5.71 -9.33
N ASP A 33 3.19 -5.58 -9.43
CA ASP A 33 2.52 -5.57 -10.73
C ASP A 33 2.57 -4.19 -11.36
N ASN A 34 2.29 -3.15 -10.56
CA ASN A 34 2.30 -1.79 -11.04
C ASN A 34 2.25 -0.80 -9.88
N ILE A 35 2.85 0.37 -10.07
CA ILE A 35 2.88 1.40 -9.04
C ILE A 35 2.35 2.72 -9.57
N VAL A 36 1.51 3.39 -8.78
CA VAL A 36 0.93 4.67 -9.17
C VAL A 36 1.00 5.67 -8.01
N LEU A 37 1.49 6.87 -8.31
CA LEU A 37 1.61 7.92 -7.31
C LEU A 37 0.48 8.93 -7.44
N MET A 38 -0.17 9.25 -6.33
CA MET A 38 -1.27 10.21 -6.33
C MET A 38 -0.78 11.59 -5.90
N LYS A 39 -1.06 12.59 -6.72
CA LYS A 39 -0.66 13.96 -6.43
C LYS A 39 -1.83 14.92 -6.56
N ASP A 40 -1.65 16.14 -6.07
CA ASP A 40 -2.71 17.15 -6.14
C ASP A 40 -2.54 18.01 -7.39
N SER A 41 -3.42 19.00 -7.54
CA SER A 41 -3.38 19.90 -8.69
C SER A 41 -3.01 21.31 -8.26
N ASP A 42 -3.74 21.84 -7.29
CA ASP A 42 -3.48 23.18 -6.78
C ASP A 42 -2.06 23.30 -6.23
N THR A 43 -1.61 22.24 -5.56
CA THR A 43 -0.26 22.23 -4.98
C THR A 43 0.69 21.42 -5.86
N GLY A 44 0.18 20.39 -6.51
CA GLY A 44 1.00 19.57 -7.37
C GLY A 44 2.21 19.00 -6.64
N ARG A 45 2.07 18.80 -5.33
CA ARG A 45 3.15 18.26 -4.52
C ARG A 45 2.73 16.96 -3.84
N SER A 46 3.29 15.85 -4.30
CA SER A 46 2.97 14.54 -3.74
C SER A 46 2.73 14.65 -2.24
N LYS A 47 1.46 14.60 -1.84
CA LYS A 47 1.09 14.69 -0.44
C LYS A 47 1.91 13.71 0.41
N GLY A 48 2.22 12.56 -0.17
CA GLY A 48 3.00 11.56 0.54
C GLY A 48 2.29 10.21 0.62
N TYR A 49 1.61 9.85 -0.46
CA TYR A 49 0.88 8.58 -0.50
C TYR A 49 0.84 8.03 -1.93
N GLY A 50 0.55 6.74 -2.05
CA GLY A 50 0.48 6.10 -3.35
C GLY A 50 -0.19 4.75 -3.31
N PHE A 51 -0.45 4.18 -4.48
CA PHE A 51 -1.10 2.89 -4.57
C PHE A 51 -0.18 1.86 -5.24
N ILE A 52 -0.10 0.67 -4.66
CA ILE A 52 0.74 -0.39 -5.20
C ILE A 52 -0.02 -1.71 -5.28
N THR A 53 0.16 -2.42 -6.38
CA THR A 53 -0.50 -3.71 -6.58
C THR A 53 0.50 -4.84 -6.70
N PHE A 54 0.29 -5.89 -5.92
CA PHE A 54 1.18 -7.05 -5.93
C PHE A 54 0.63 -8.15 -6.82
N SER A 55 1.33 -9.29 -6.87
CA SER A 55 0.92 -10.42 -7.67
C SER A 55 0.25 -11.49 -6.81
N ASP A 56 0.82 -11.74 -5.64
CA ASP A 56 0.30 -12.73 -4.73
C ASP A 56 -0.27 -12.07 -3.47
N SER A 57 -1.42 -12.56 -3.00
CA SER A 57 -2.06 -12.01 -1.81
C SER A 57 -1.18 -12.21 -0.59
N GLU A 58 -0.56 -13.38 -0.49
CA GLU A 58 0.31 -13.69 0.64
C GLU A 58 1.48 -12.72 0.71
N CYS A 59 2.08 -12.44 -0.45
CA CYS A 59 3.22 -11.54 -0.52
C CYS A 59 2.84 -10.14 -0.03
N ALA A 60 1.66 -9.67 -0.44
CA ALA A 60 1.18 -8.36 -0.05
C ALA A 60 0.98 -8.28 1.46
N ARG A 61 0.46 -9.36 2.05
CA ARG A 61 0.23 -9.41 3.48
C ARG A 61 1.53 -9.21 4.26
N ARG A 62 2.55 -9.97 3.87
CA ARG A 62 3.86 -9.88 4.53
C ARG A 62 4.41 -8.47 4.44
N ALA A 63 4.41 -7.91 3.23
CA ALA A 63 4.93 -6.56 3.01
C ALA A 63 4.18 -5.55 3.88
N LEU A 64 2.89 -5.78 4.08
CA LEU A 64 2.07 -4.88 4.89
C LEU A 64 2.53 -4.89 6.34
N GLU A 65 2.81 -6.08 6.86
CA GLU A 65 3.27 -6.22 8.24
C GLU A 65 4.66 -5.64 8.42
N GLN A 66 5.54 -5.91 7.45
CA GLN A 66 6.91 -5.41 7.51
C GLN A 66 6.95 -3.89 7.32
N LEU A 67 6.13 -3.40 6.39
CA LEU A 67 6.06 -1.97 6.12
C LEU A 67 5.34 -1.23 7.24
N ASN A 68 4.21 -1.77 7.67
CA ASN A 68 3.43 -1.16 8.74
C ASN A 68 4.33 -0.75 9.91
N GLY A 69 4.47 0.56 10.12
CA GLY A 69 5.30 1.06 11.20
C GLY A 69 6.78 0.95 10.89
N PHE A 70 7.14 1.22 9.64
CA PHE A 70 8.53 1.15 9.21
C PHE A 70 9.11 2.55 9.00
N GLU A 71 10.17 2.86 9.75
CA GLU A 71 10.82 4.16 9.65
C GLU A 71 11.47 4.34 8.29
N LEU A 72 10.97 5.28 7.50
CA LEU A 72 11.51 5.56 6.18
C LEU A 72 12.46 6.75 6.21
N ALA A 73 11.93 7.91 6.59
CA ALA A 73 12.74 9.13 6.67
C ALA A 73 12.86 9.61 8.10
N GLY A 74 12.90 8.68 9.04
CA GLY A 74 13.01 9.04 10.45
C GLY A 74 11.80 8.59 11.25
N ARG A 75 10.62 8.63 10.63
CA ARG A 75 9.40 8.23 11.30
C ARG A 75 8.73 7.09 10.56
N PRO A 76 7.90 6.31 11.28
CA PRO A 76 7.18 5.17 10.70
C PRO A 76 6.09 5.60 9.73
N MET A 77 6.08 4.98 8.56
CA MET A 77 5.08 5.31 7.54
C MET A 77 3.76 4.62 7.84
N ARG A 78 2.72 4.98 7.08
CA ARG A 78 1.40 4.39 7.28
C ARG A 78 1.07 3.41 6.16
N VAL A 79 0.85 2.15 6.53
CA VAL A 79 0.53 1.11 5.55
C VAL A 79 -0.79 0.43 5.89
N GLY A 80 -1.65 0.28 4.90
CA GLY A 80 -2.93 -0.37 5.12
C GLY A 80 -3.49 -0.98 3.85
N HIS A 81 -4.47 -1.87 4.01
CA HIS A 81 -5.10 -2.53 2.87
C HIS A 81 -5.94 -1.55 2.06
N VAL A 82 -5.81 -1.61 0.75
CA VAL A 82 -6.57 -0.73 -0.15
C VAL A 82 -8.04 -1.14 -0.21
N THR A 83 -8.89 -0.33 0.41
CA THR A 83 -10.33 -0.61 0.42
C THR A 83 -11.13 0.66 0.70
N GLU A 84 -12.27 0.78 0.04
CA GLU A 84 -13.14 1.95 0.21
C GLU A 84 -14.33 1.61 1.09
N ARG A 85 -14.22 1.87 2.38
CA ARG A 85 -15.30 1.58 3.32
C ARG A 85 -15.06 2.29 4.66
N LEU A 86 -16.13 2.73 5.29
CA LEU A 86 -16.04 3.41 6.57
C LEU A 86 -16.26 2.44 7.73
N ASP A 87 -15.97 2.89 8.95
CA ASP A 87 -16.15 2.07 10.14
C ASP A 87 -17.21 2.67 11.05
N GLY A 88 -17.84 1.81 11.85
CA GLY A 88 -18.87 2.27 12.77
C GLY A 88 -19.66 1.12 13.37
N GLY A 89 -19.54 0.94 14.69
CA GLY A 89 -20.26 -0.12 15.36
C GLY A 89 -19.62 -0.49 16.69
N SER A 90 -20.27 -0.06 17.78
CA SER A 90 -19.76 -0.34 19.12
C SER A 90 -20.91 -0.61 20.09
N GLY A 91 -20.66 -1.45 21.09
CA GLY A 91 -21.68 -1.76 22.07
C GLY A 91 -22.10 -3.22 22.02
N PRO A 92 -21.27 -4.11 22.58
CA PRO A 92 -21.55 -5.54 22.61
C PRO A 92 -22.70 -5.89 23.54
N SER A 93 -23.14 -4.91 24.32
CA SER A 93 -24.24 -5.13 25.25
C SER A 93 -25.31 -4.05 25.09
N SER A 94 -26.47 -4.27 25.69
CA SER A 94 -27.58 -3.33 25.61
C SER A 94 -27.26 -2.05 26.40
N GLY A 95 -26.83 -1.02 25.68
CA GLY A 95 -26.51 0.24 26.32
C GLY A 95 -27.74 1.01 26.76
N GLY A 1 -14.75 -11.25 -10.49
CA GLY A 1 -14.62 -12.69 -10.53
C GLY A 1 -13.70 -13.22 -9.45
N SER A 2 -12.40 -13.06 -9.64
CA SER A 2 -11.41 -13.54 -8.68
C SER A 2 -11.26 -12.55 -7.53
N SER A 3 -10.59 -12.98 -6.47
CA SER A 3 -10.38 -12.14 -5.29
C SER A 3 -9.11 -11.30 -5.45
N GLY A 4 -9.10 -10.13 -4.82
CA GLY A 4 -7.95 -9.25 -4.90
C GLY A 4 -7.10 -9.30 -3.65
N SER A 5 -7.51 -8.53 -2.64
CA SER A 5 -6.77 -8.48 -1.37
C SER A 5 -5.27 -8.39 -1.62
N SER A 6 -4.90 -7.60 -2.63
CA SER A 6 -3.49 -7.42 -2.98
C SER A 6 -3.11 -5.95 -2.96
N GLY A 7 -3.96 -5.11 -3.55
CA GLY A 7 -3.70 -3.69 -3.58
C GLY A 7 -3.45 -3.11 -2.20
N LEU A 8 -2.28 -2.51 -2.00
CA LEU A 8 -1.92 -1.93 -0.72
C LEU A 8 -1.84 -0.40 -0.82
N TYR A 9 -2.19 0.27 0.26
CA TYR A 9 -2.16 1.73 0.29
C TYR A 9 -1.00 2.23 1.15
N VAL A 10 -0.31 3.26 0.66
CA VAL A 10 0.82 3.82 1.37
C VAL A 10 0.63 5.32 1.59
N GLY A 11 0.85 5.76 2.83
CA GLY A 11 0.70 7.17 3.16
C GLY A 11 1.72 7.64 4.17
N SER A 12 1.85 8.96 4.31
CA SER A 12 2.79 9.54 5.25
C SER A 12 4.22 9.38 4.74
N LEU A 13 4.42 9.64 3.46
CA LEU A 13 5.74 9.53 2.84
C LEU A 13 6.36 10.90 2.62
N HIS A 14 7.66 10.92 2.34
CA HIS A 14 8.37 12.17 2.10
C HIS A 14 8.26 12.59 0.64
N PHE A 15 7.85 13.83 0.42
CA PHE A 15 7.70 14.36 -0.94
C PHE A 15 8.81 13.84 -1.84
N ASN A 16 10.05 13.97 -1.39
CA ASN A 16 11.21 13.52 -2.16
C ASN A 16 10.98 12.12 -2.69
N ILE A 17 10.45 11.24 -1.84
CA ILE A 17 10.19 9.87 -2.23
C ILE A 17 9.67 9.78 -3.67
N THR A 18 10.01 8.69 -4.35
CA THR A 18 9.58 8.49 -5.73
C THR A 18 9.15 7.06 -5.97
N GLU A 19 8.71 6.76 -7.19
CA GLU A 19 8.27 5.42 -7.55
C GLU A 19 9.40 4.41 -7.38
N ASP A 20 10.62 4.86 -7.69
CA ASP A 20 11.79 3.99 -7.57
C ASP A 20 12.00 3.55 -6.13
N MET A 21 11.64 4.41 -5.19
CA MET A 21 11.78 4.10 -3.78
C MET A 21 10.76 3.06 -3.33
N LEU A 22 9.53 3.21 -3.81
CA LEU A 22 8.46 2.28 -3.48
C LEU A 22 8.69 0.92 -4.12
N ARG A 23 9.10 0.93 -5.38
CA ARG A 23 9.36 -0.31 -6.11
C ARG A 23 10.52 -1.08 -5.48
N GLY A 24 11.54 -0.34 -5.02
CA GLY A 24 12.69 -0.97 -4.41
C GLY A 24 12.37 -1.59 -3.06
N ILE A 25 11.53 -0.90 -2.28
CA ILE A 25 11.15 -1.39 -0.96
C ILE A 25 10.13 -2.51 -1.07
N PHE A 26 9.15 -2.33 -1.94
CA PHE A 26 8.10 -3.34 -2.15
C PHE A 26 8.59 -4.45 -3.07
N GLU A 27 9.82 -4.30 -3.58
CA GLU A 27 10.39 -5.28 -4.48
C GLU A 27 10.73 -6.57 -3.73
N PRO A 28 11.61 -6.46 -2.72
CA PRO A 28 12.03 -7.60 -1.92
C PRO A 28 10.92 -8.13 -1.02
N PHE A 29 9.75 -7.52 -1.14
CA PHE A 29 8.59 -7.92 -0.33
C PHE A 29 7.62 -8.76 -1.16
N GLY A 30 7.56 -8.48 -2.45
CA GLY A 30 6.67 -9.23 -3.34
C GLY A 30 6.66 -8.67 -4.75
N LYS A 31 6.43 -9.54 -5.72
CA LYS A 31 6.39 -9.14 -7.12
C LYS A 31 5.39 -8.01 -7.33
N ILE A 32 5.90 -6.84 -7.68
CA ILE A 32 5.05 -5.68 -7.92
C ILE A 32 4.49 -5.68 -9.33
N ASP A 33 3.16 -5.65 -9.44
CA ASP A 33 2.49 -5.66 -10.73
C ASP A 33 2.52 -4.26 -11.36
N ASN A 34 2.26 -3.25 -10.54
CA ASN A 34 2.25 -1.87 -11.02
C ASN A 34 2.21 -0.89 -9.85
N ILE A 35 2.89 0.24 -10.01
CA ILE A 35 2.93 1.27 -8.98
C ILE A 35 2.35 2.59 -9.48
N VAL A 36 1.51 3.21 -8.65
CA VAL A 36 0.90 4.49 -9.01
C VAL A 36 0.97 5.47 -7.85
N LEU A 37 1.46 6.67 -8.13
CA LEU A 37 1.58 7.71 -7.11
C LEU A 37 0.40 8.67 -7.18
N MET A 38 -0.09 9.08 -6.01
CA MET A 38 -1.21 10.01 -5.94
C MET A 38 -0.72 11.46 -5.84
N LYS A 39 -1.31 12.33 -6.63
CA LYS A 39 -0.95 13.74 -6.64
C LYS A 39 -2.18 14.64 -6.74
N ASP A 40 -2.17 15.74 -6.01
CA ASP A 40 -3.28 16.68 -6.02
C ASP A 40 -3.54 17.19 -7.44
N SER A 41 -4.54 18.06 -7.57
CA SER A 41 -4.89 18.62 -8.87
C SER A 41 -4.55 20.11 -8.94
N ASP A 42 -4.57 20.76 -7.78
CA ASP A 42 -4.27 22.19 -7.70
C ASP A 42 -2.77 22.41 -7.54
N THR A 43 -2.18 21.73 -6.57
CA THR A 43 -0.75 21.86 -6.31
C THR A 43 0.05 20.83 -7.11
N GLY A 44 -0.59 19.71 -7.43
CA GLY A 44 0.07 18.66 -8.20
C GLY A 44 1.38 18.24 -7.57
N ARG A 45 1.50 18.42 -6.26
CA ARG A 45 2.72 18.05 -5.54
C ARG A 45 2.47 16.83 -4.66
N SER A 46 3.02 15.69 -5.06
CA SER A 46 2.87 14.45 -4.31
C SER A 46 2.84 14.73 -2.81
N LYS A 47 1.73 14.39 -2.16
CA LYS A 47 1.58 14.60 -0.73
C LYS A 47 2.37 13.55 0.06
N GLY A 48 2.59 12.40 -0.56
CA GLY A 48 3.34 11.34 0.11
C GLY A 48 2.53 10.07 0.25
N TYR A 49 1.70 9.78 -0.75
CA TYR A 49 0.86 8.59 -0.72
C TYR A 49 0.65 8.04 -2.13
N GLY A 50 0.36 6.75 -2.23
CA GLY A 50 0.13 6.13 -3.51
C GLY A 50 -0.48 4.75 -3.39
N PHE A 51 -0.70 4.10 -4.53
CA PHE A 51 -1.28 2.76 -4.55
C PHE A 51 -0.35 1.77 -5.25
N ILE A 52 -0.24 0.58 -4.67
CA ILE A 52 0.63 -0.46 -5.23
C ILE A 52 -0.10 -1.80 -5.31
N THR A 53 0.12 -2.53 -6.40
CA THR A 53 -0.52 -3.83 -6.59
C THR A 53 0.52 -4.94 -6.69
N PHE A 54 0.31 -6.00 -5.91
CA PHE A 54 1.24 -7.13 -5.91
C PHE A 54 0.71 -8.26 -6.80
N SER A 55 1.45 -9.37 -6.83
CA SER A 55 1.06 -10.51 -7.64
C SER A 55 0.42 -11.59 -6.76
N ASP A 56 0.98 -11.79 -5.58
CA ASP A 56 0.46 -12.80 -4.65
C ASP A 56 -0.15 -12.13 -3.42
N SER A 57 -1.30 -12.61 -3.00
CA SER A 57 -1.99 -12.06 -1.83
C SER A 57 -1.13 -12.21 -0.58
N GLU A 58 -0.46 -13.34 -0.46
CA GLU A 58 0.40 -13.60 0.69
C GLU A 58 1.55 -12.60 0.75
N CYS A 59 2.14 -12.31 -0.40
CA CYS A 59 3.24 -11.36 -0.47
C CYS A 59 2.80 -9.96 -0.03
N ALA A 60 1.57 -9.61 -0.37
CA ALA A 60 1.03 -8.31 -0.01
C ALA A 60 0.84 -8.19 1.50
N ARG A 61 0.35 -9.26 2.12
CA ARG A 61 0.13 -9.28 3.57
C ARG A 61 1.44 -9.09 4.32
N ARG A 62 2.45 -9.85 3.94
CA ARG A 62 3.76 -9.78 4.57
C ARG A 62 4.32 -8.36 4.48
N ALA A 63 4.34 -7.82 3.26
CA ALA A 63 4.85 -6.47 3.03
C ALA A 63 4.12 -5.45 3.89
N LEU A 64 2.83 -5.68 4.10
CA LEU A 64 2.00 -4.78 4.90
C LEU A 64 2.48 -4.76 6.36
N GLU A 65 2.77 -5.94 6.90
CA GLU A 65 3.23 -6.06 8.27
C GLU A 65 4.63 -5.48 8.43
N GLN A 66 5.50 -5.78 7.46
CA GLN A 66 6.87 -5.28 7.50
C GLN A 66 6.91 -3.78 7.29
N LEU A 67 6.10 -3.29 6.36
CA LEU A 67 6.04 -1.86 6.06
C LEU A 67 5.33 -1.10 7.18
N ASN A 68 4.20 -1.63 7.62
CA ASN A 68 3.42 -1.01 8.69
C ASN A 68 4.32 -0.59 9.85
N GLY A 69 4.52 0.71 9.99
CA GLY A 69 5.36 1.23 11.06
C GLY A 69 6.83 1.13 10.74
N PHE A 70 7.16 1.26 9.45
CA PHE A 70 8.55 1.18 9.00
C PHE A 70 9.17 2.57 8.91
N GLU A 71 10.26 2.77 9.63
CA GLU A 71 10.95 4.06 9.61
C GLU A 71 11.64 4.31 8.28
N LEU A 72 10.96 5.03 7.39
CA LEU A 72 11.50 5.34 6.07
C LEU A 72 12.53 6.47 6.15
N ALA A 73 12.06 7.64 6.57
CA ALA A 73 12.93 8.80 6.69
C ALA A 73 13.05 9.25 8.15
N GLY A 74 13.17 8.28 9.06
CA GLY A 74 13.28 8.59 10.46
C GLY A 74 11.98 8.41 11.22
N ARG A 75 10.87 8.44 10.48
CA ARG A 75 9.55 8.26 11.08
C ARG A 75 8.81 7.11 10.42
N PRO A 76 7.94 6.45 11.21
CA PRO A 76 7.14 5.31 10.72
C PRO A 76 6.07 5.75 9.73
N MET A 77 6.07 5.14 8.55
CA MET A 77 5.10 5.45 7.51
C MET A 77 3.75 4.80 7.81
N ARG A 78 2.75 5.13 7.01
CA ARG A 78 1.41 4.58 7.18
C ARG A 78 1.10 3.57 6.08
N VAL A 79 0.85 2.33 6.48
CA VAL A 79 0.52 1.27 5.53
C VAL A 79 -0.80 0.60 5.88
N GLY A 80 -1.68 0.49 4.90
CA GLY A 80 -2.98 -0.13 5.12
C GLY A 80 -3.59 -0.69 3.85
N HIS A 81 -4.55 -1.60 3.99
CA HIS A 81 -5.21 -2.20 2.84
C HIS A 81 -6.15 -1.21 2.17
N VAL A 82 -6.09 -1.14 0.85
CA VAL A 82 -6.93 -0.23 0.09
C VAL A 82 -8.41 -0.42 0.46
N THR A 83 -8.96 -1.58 0.12
CA THR A 83 -10.36 -1.88 0.40
C THR A 83 -10.65 -1.74 1.90
N GLU A 84 -11.73 -1.05 2.22
CA GLU A 84 -12.12 -0.84 3.61
C GLU A 84 -13.32 -1.71 3.98
N ARG A 85 -13.06 -2.99 4.22
CA ARG A 85 -14.11 -3.93 4.58
C ARG A 85 -14.07 -4.25 6.07
N LEU A 86 -15.24 -4.51 6.66
CA LEU A 86 -15.34 -4.83 8.07
C LEU A 86 -16.05 -6.16 8.28
N ASP A 87 -15.72 -7.14 7.43
CA ASP A 87 -16.32 -8.46 7.52
C ASP A 87 -15.53 -9.36 8.48
N GLY A 88 -16.20 -10.35 9.06
CA GLY A 88 -15.54 -11.26 9.98
C GLY A 88 -16.18 -11.25 11.34
N GLY A 89 -15.93 -12.31 12.12
CA GLY A 89 -16.50 -12.41 13.45
C GLY A 89 -16.49 -13.82 13.98
N SER A 90 -17.10 -14.74 13.23
CA SER A 90 -17.16 -16.13 13.63
C SER A 90 -15.79 -16.78 13.59
N GLY A 91 -15.03 -16.49 12.54
CA GLY A 91 -13.69 -17.05 12.40
C GLY A 91 -13.70 -18.44 11.81
N PRO A 92 -12.63 -19.20 12.06
CA PRO A 92 -12.49 -20.57 11.55
C PRO A 92 -13.45 -21.54 12.23
N SER A 93 -14.17 -22.31 11.43
CA SER A 93 -15.13 -23.27 11.96
C SER A 93 -14.41 -24.47 12.59
N SER A 94 -15.18 -25.37 13.18
CA SER A 94 -14.62 -26.56 13.82
C SER A 94 -15.13 -27.83 13.15
N GLY A 95 -14.20 -28.73 12.84
CA GLY A 95 -14.57 -29.98 12.19
C GLY A 95 -13.73 -30.26 10.96
N GLY A 1 -13.09 -19.58 -5.35
CA GLY A 1 -12.86 -18.51 -6.32
C GLY A 1 -11.45 -17.96 -6.23
N SER A 2 -11.35 -16.62 -6.23
CA SER A 2 -10.05 -15.97 -6.15
C SER A 2 -9.99 -15.02 -4.96
N SER A 3 -8.78 -14.76 -4.48
CA SER A 3 -8.58 -13.89 -3.33
C SER A 3 -9.20 -12.52 -3.59
N GLY A 4 -8.84 -11.91 -4.71
CA GLY A 4 -9.38 -10.61 -5.07
C GLY A 4 -8.35 -9.73 -5.74
N SER A 5 -8.23 -8.49 -5.27
CA SER A 5 -7.29 -7.54 -5.84
C SER A 5 -6.19 -7.18 -4.83
N SER A 6 -5.03 -7.81 -4.98
CA SER A 6 -3.92 -7.57 -4.08
C SER A 6 -3.41 -6.14 -4.21
N GLY A 7 -3.95 -5.25 -3.39
CA GLY A 7 -3.55 -3.86 -3.42
C GLY A 7 -3.24 -3.30 -2.05
N LEU A 8 -2.20 -2.48 -1.96
CA LEU A 8 -1.79 -1.89 -0.69
C LEU A 8 -1.73 -0.37 -0.80
N TYR A 9 -2.09 0.31 0.28
CA TYR A 9 -2.09 1.76 0.31
C TYR A 9 -0.96 2.28 1.21
N VAL A 10 -0.15 3.19 0.67
CA VAL A 10 0.96 3.78 1.41
C VAL A 10 0.73 5.26 1.67
N GLY A 11 0.96 5.68 2.90
CA GLY A 11 0.78 7.08 3.25
C GLY A 11 1.81 7.57 4.25
N SER A 12 1.91 8.88 4.42
CA SER A 12 2.87 9.47 5.34
C SER A 12 4.29 9.35 4.80
N LEU A 13 4.46 9.63 3.52
CA LEU A 13 5.77 9.55 2.88
C LEU A 13 6.33 10.94 2.60
N HIS A 14 7.61 11.00 2.27
CA HIS A 14 8.27 12.27 1.98
C HIS A 14 8.23 12.57 0.48
N PHE A 15 7.81 13.79 0.14
CA PHE A 15 7.72 14.20 -1.25
C PHE A 15 8.87 13.62 -2.07
N ASN A 16 10.10 13.86 -1.61
CA ASN A 16 11.29 13.35 -2.30
C ASN A 16 11.07 11.91 -2.77
N ILE A 17 10.48 11.09 -1.91
CA ILE A 17 10.22 9.70 -2.24
C ILE A 17 9.72 9.56 -3.67
N THR A 18 10.37 8.69 -4.44
CA THR A 18 9.99 8.46 -5.83
C THR A 18 9.47 7.04 -6.03
N GLU A 19 8.95 6.77 -7.22
CA GLU A 19 8.42 5.45 -7.55
C GLU A 19 9.50 4.38 -7.43
N ASP A 20 10.73 4.75 -7.75
CA ASP A 20 11.85 3.83 -7.68
C ASP A 20 12.08 3.37 -6.25
N MET A 21 11.80 4.25 -5.29
CA MET A 21 11.97 3.92 -3.88
C MET A 21 10.91 2.93 -3.41
N LEU A 22 9.67 3.14 -3.86
CA LEU A 22 8.57 2.26 -3.48
C LEU A 22 8.76 0.86 -4.07
N ARG A 23 9.17 0.81 -5.33
CA ARG A 23 9.39 -0.46 -6.02
C ARG A 23 10.57 -1.20 -5.40
N GLY A 24 11.62 -0.47 -5.05
CA GLY A 24 12.79 -1.08 -4.46
C GLY A 24 12.51 -1.67 -3.09
N ILE A 25 11.64 -1.02 -2.34
CA ILE A 25 11.28 -1.48 -1.00
C ILE A 25 10.23 -2.59 -1.07
N PHE A 26 9.26 -2.43 -1.97
CA PHE A 26 8.20 -3.41 -2.13
C PHE A 26 8.64 -4.54 -3.06
N GLU A 27 9.86 -4.43 -3.58
CA GLU A 27 10.40 -5.43 -4.49
C GLU A 27 10.70 -6.73 -3.75
N PRO A 28 11.58 -6.65 -2.73
CA PRO A 28 11.97 -7.80 -1.93
C PRO A 28 10.84 -8.30 -1.04
N PHE A 29 9.68 -7.66 -1.15
CA PHE A 29 8.52 -8.04 -0.34
C PHE A 29 7.52 -8.84 -1.17
N GLY A 30 7.47 -8.55 -2.47
CA GLY A 30 6.56 -9.26 -3.35
C GLY A 30 6.63 -8.75 -4.78
N LYS A 31 6.20 -9.59 -5.72
CA LYS A 31 6.22 -9.23 -7.13
C LYS A 31 5.29 -8.05 -7.40
N ILE A 32 5.86 -6.89 -7.69
CA ILE A 32 5.09 -5.70 -7.97
C ILE A 32 4.51 -5.73 -9.37
N ASP A 33 3.19 -5.57 -9.48
CA ASP A 33 2.51 -5.59 -10.76
C ASP A 33 2.51 -4.20 -11.39
N ASN A 34 2.23 -3.19 -10.58
CA ASN A 34 2.18 -1.82 -11.04
C ASN A 34 2.24 -0.84 -9.88
N ILE A 35 2.92 0.29 -10.08
CA ILE A 35 3.05 1.30 -9.04
C ILE A 35 2.54 2.66 -9.54
N VAL A 36 1.63 3.25 -8.77
CA VAL A 36 1.08 4.55 -9.13
C VAL A 36 1.06 5.49 -7.92
N LEU A 37 1.59 6.70 -8.11
CA LEU A 37 1.63 7.70 -7.04
C LEU A 37 0.40 8.59 -7.09
N MET A 38 -0.15 8.89 -5.91
CA MET A 38 -1.32 9.75 -5.81
C MET A 38 -0.92 11.20 -5.55
N LYS A 39 -1.40 12.11 -6.39
CA LYS A 39 -1.10 13.52 -6.24
C LYS A 39 -2.37 14.36 -6.29
N ASP A 40 -2.30 15.57 -5.74
CA ASP A 40 -3.44 16.47 -5.72
C ASP A 40 -3.78 16.96 -7.13
N SER A 41 -4.80 17.80 -7.23
CA SER A 41 -5.22 18.33 -8.53
C SER A 41 -4.93 19.82 -8.62
N ASP A 42 -5.04 20.52 -7.50
CA ASP A 42 -4.78 21.95 -7.46
C ASP A 42 -3.32 22.23 -7.12
N THR A 43 -2.85 21.68 -6.00
CA THR A 43 -1.48 21.87 -5.57
C THR A 43 -0.52 21.04 -6.43
N GLY A 44 -1.05 20.05 -7.12
CA GLY A 44 -0.23 19.21 -7.96
C GLY A 44 1.01 18.70 -7.25
N ARG A 45 0.93 18.60 -5.93
CA ARG A 45 2.06 18.13 -5.12
C ARG A 45 1.68 16.89 -4.33
N SER A 46 2.47 15.83 -4.48
CA SER A 46 2.22 14.58 -3.78
C SER A 46 2.07 14.82 -2.28
N LYS A 47 1.22 14.01 -1.65
CA LYS A 47 0.99 14.12 -0.22
C LYS A 47 1.71 13.01 0.54
N GLY A 48 2.66 12.36 -0.12
CA GLY A 48 3.41 11.29 0.51
C GLY A 48 2.62 10.00 0.58
N TYR A 49 1.88 9.70 -0.48
CA TYR A 49 1.07 8.48 -0.52
C TYR A 49 0.94 7.98 -1.96
N GLY A 50 0.51 6.72 -2.10
CA GLY A 50 0.34 6.14 -3.41
C GLY A 50 -0.33 4.78 -3.36
N PHE A 51 -0.58 4.20 -4.54
CA PHE A 51 -1.22 2.90 -4.62
C PHE A 51 -0.29 1.89 -5.28
N ILE A 52 -0.22 0.69 -4.71
CA ILE A 52 0.64 -0.37 -5.24
C ILE A 52 -0.12 -1.69 -5.35
N THR A 53 0.12 -2.42 -6.42
CA THR A 53 -0.54 -3.70 -6.64
C THR A 53 0.47 -4.83 -6.76
N PHE A 54 0.28 -5.89 -5.97
CA PHE A 54 1.18 -7.03 -6.00
C PHE A 54 0.63 -8.15 -6.87
N SER A 55 1.32 -9.29 -6.89
CA SER A 55 0.89 -10.42 -7.68
C SER A 55 0.18 -11.45 -6.82
N ASP A 56 0.70 -11.68 -5.62
CA ASP A 56 0.11 -12.63 -4.70
C ASP A 56 -0.43 -11.93 -3.45
N SER A 57 -1.58 -12.38 -2.98
CA SER A 57 -2.21 -11.80 -1.78
C SER A 57 -1.32 -11.97 -0.57
N GLU A 58 -0.69 -13.14 -0.47
CA GLU A 58 0.19 -13.45 0.66
C GLU A 58 1.37 -12.48 0.70
N CYS A 59 1.95 -12.21 -0.46
CA CYS A 59 3.09 -11.31 -0.57
C CYS A 59 2.73 -9.92 -0.08
N ALA A 60 1.51 -9.48 -0.40
CA ALA A 60 1.04 -8.16 0.01
C ALA A 60 0.88 -8.09 1.53
N ARG A 61 0.35 -9.17 2.11
CA ARG A 61 0.14 -9.22 3.55
C ARG A 61 1.44 -9.03 4.30
N ARG A 62 2.47 -9.78 3.90
CA ARG A 62 3.77 -9.69 4.54
C ARG A 62 4.34 -8.28 4.44
N ALA A 63 4.31 -7.72 3.24
CA ALA A 63 4.81 -6.37 3.01
C ALA A 63 4.09 -5.35 3.89
N LEU A 64 2.80 -5.58 4.11
CA LEU A 64 2.00 -4.69 4.94
C LEU A 64 2.48 -4.70 6.38
N GLU A 65 2.76 -5.89 6.89
CA GLU A 65 3.24 -6.04 8.27
C GLU A 65 4.65 -5.47 8.43
N GLN A 66 5.51 -5.76 7.45
CA GLN A 66 6.88 -5.28 7.47
C GLN A 66 6.94 -3.77 7.28
N LEU A 67 6.11 -3.26 6.37
CA LEU A 67 6.06 -1.84 6.09
C LEU A 67 5.37 -1.07 7.21
N ASN A 68 4.25 -1.62 7.67
CA ASN A 68 3.49 -0.99 8.75
C ASN A 68 4.42 -0.55 9.88
N GLY A 69 4.77 0.73 9.88
CA GLY A 69 5.64 1.26 10.92
C GLY A 69 7.09 1.30 10.47
N PHE A 70 7.31 1.36 9.16
CA PHE A 70 8.66 1.41 8.62
C PHE A 70 9.24 2.81 8.70
N GLU A 71 10.31 2.96 9.48
CA GLU A 71 10.96 4.25 9.65
C GLU A 71 11.87 4.56 8.47
N LEU A 72 11.31 5.20 7.45
CA LEU A 72 12.07 5.56 6.26
C LEU A 72 12.76 6.91 6.44
N ALA A 73 11.96 7.94 6.67
CA ALA A 73 12.49 9.29 6.87
C ALA A 73 12.44 9.69 8.33
N GLY A 74 12.86 8.77 9.21
CA GLY A 74 12.86 9.06 10.63
C GLY A 74 11.51 8.79 11.27
N ARG A 75 10.44 8.92 10.48
CA ARG A 75 9.10 8.69 10.98
C ARG A 75 8.48 7.46 10.33
N PRO A 76 7.68 6.71 11.12
CA PRO A 76 7.01 5.50 10.63
C PRO A 76 5.91 5.81 9.63
N MET A 77 6.02 5.21 8.45
CA MET A 77 5.02 5.42 7.40
C MET A 77 3.73 4.67 7.72
N ARG A 78 2.68 4.95 6.95
CA ARG A 78 1.39 4.30 7.15
C ARG A 78 1.10 3.32 6.01
N VAL A 79 0.88 2.06 6.37
CA VAL A 79 0.58 1.03 5.39
C VAL A 79 -0.71 0.28 5.73
N GLY A 80 -1.67 0.33 4.83
CA GLY A 80 -2.94 -0.34 5.05
C GLY A 80 -3.53 -0.92 3.78
N HIS A 81 -4.44 -1.87 3.93
CA HIS A 81 -5.08 -2.51 2.79
C HIS A 81 -6.03 -1.54 2.09
N VAL A 82 -5.79 -1.30 0.81
CA VAL A 82 -6.62 -0.39 0.03
C VAL A 82 -8.07 -0.89 -0.04
N THR A 83 -8.22 -2.19 -0.28
CA THR A 83 -9.54 -2.80 -0.35
C THR A 83 -9.50 -4.27 0.03
N GLU A 84 -10.14 -4.62 1.15
CA GLU A 84 -10.17 -5.99 1.62
C GLU A 84 -11.60 -6.42 1.93
N ARG A 85 -11.86 -7.73 1.83
CA ARG A 85 -13.18 -8.27 2.10
C ARG A 85 -13.09 -9.74 2.49
N LEU A 86 -13.79 -10.12 3.55
CA LEU A 86 -13.79 -11.50 4.03
C LEU A 86 -15.22 -12.04 4.13
N ASP A 87 -15.44 -13.21 3.57
CA ASP A 87 -16.76 -13.84 3.61
C ASP A 87 -16.69 -15.23 4.22
N GLY A 88 -17.67 -15.57 5.05
CA GLY A 88 -17.70 -16.87 5.69
C GLY A 88 -19.07 -17.52 5.65
N GLY A 89 -19.55 -17.97 6.80
CA GLY A 89 -20.85 -18.61 6.85
C GLY A 89 -21.10 -19.27 8.19
N SER A 90 -21.29 -20.59 8.17
CA SER A 90 -21.55 -21.34 9.39
C SER A 90 -20.26 -21.61 10.16
N GLY A 91 -20.31 -21.41 11.47
CA GLY A 91 -19.14 -21.64 12.30
C GLY A 91 -19.43 -21.49 13.78
N PRO A 92 -19.91 -22.58 14.40
CA PRO A 92 -20.24 -22.59 15.83
C PRO A 92 -19.01 -22.51 16.71
N SER A 93 -17.84 -22.46 16.08
CA SER A 93 -16.58 -22.37 16.82
C SER A 93 -16.25 -23.70 17.50
N SER A 94 -16.28 -24.78 16.71
CA SER A 94 -16.00 -26.11 17.24
C SER A 94 -14.59 -26.57 16.83
N GLY A 95 -14.06 -27.55 17.55
CA GLY A 95 -12.73 -28.07 17.25
C GLY A 95 -12.34 -29.21 18.15
N GLY A 1 -14.06 -16.35 -13.07
CA GLY A 1 -13.66 -16.92 -11.78
C GLY A 1 -13.34 -15.86 -10.76
N SER A 2 -13.18 -16.28 -9.51
CA SER A 2 -12.88 -15.35 -8.42
C SER A 2 -11.85 -14.31 -8.87
N SER A 3 -12.00 -13.08 -8.37
CA SER A 3 -11.10 -12.00 -8.72
C SER A 3 -10.35 -11.49 -7.49
N GLY A 4 -9.22 -12.10 -7.20
CA GLY A 4 -8.42 -11.70 -6.04
C GLY A 4 -7.91 -10.28 -6.16
N SER A 5 -8.14 -9.48 -5.12
CA SER A 5 -7.71 -8.10 -5.12
C SER A 5 -6.54 -7.89 -4.16
N SER A 6 -5.33 -7.87 -4.72
CA SER A 6 -4.12 -7.69 -3.92
C SER A 6 -3.58 -6.29 -4.07
N GLY A 7 -4.13 -5.35 -3.30
CA GLY A 7 -3.68 -3.97 -3.37
C GLY A 7 -3.35 -3.41 -2.00
N LEU A 8 -2.30 -2.60 -1.94
CA LEU A 8 -1.87 -1.99 -0.68
C LEU A 8 -1.80 -0.48 -0.80
N TYR A 9 -2.12 0.21 0.27
CA TYR A 9 -2.09 1.68 0.29
C TYR A 9 -0.96 2.19 1.18
N VAL A 10 -0.17 3.12 0.64
CA VAL A 10 0.94 3.71 1.37
C VAL A 10 0.70 5.18 1.67
N GLY A 11 0.97 5.58 2.90
CA GLY A 11 0.78 6.97 3.29
C GLY A 11 1.82 7.44 4.28
N SER A 12 1.90 8.76 4.47
CA SER A 12 2.88 9.34 5.38
C SER A 12 4.29 9.23 4.83
N LEU A 13 4.44 9.56 3.55
CA LEU A 13 5.75 9.50 2.90
C LEU A 13 6.28 10.89 2.60
N HIS A 14 7.49 10.96 2.07
CA HIS A 14 8.11 12.23 1.74
C HIS A 14 8.05 12.50 0.23
N PHE A 15 7.69 13.71 -0.14
CA PHE A 15 7.59 14.10 -1.54
C PHE A 15 8.81 13.62 -2.32
N ASN A 16 9.99 13.95 -1.80
CA ASN A 16 11.25 13.57 -2.46
C ASN A 16 11.17 12.13 -2.95
N ILE A 17 10.59 11.25 -2.14
CA ILE A 17 10.46 9.84 -2.49
C ILE A 17 9.92 9.69 -3.91
N THR A 18 10.47 8.72 -4.65
CA THR A 18 10.04 8.46 -6.02
C THR A 18 9.54 7.04 -6.18
N GLU A 19 8.89 6.76 -7.31
CA GLU A 19 8.37 5.43 -7.58
C GLU A 19 9.47 4.39 -7.48
N ASP A 20 10.68 4.76 -7.84
CA ASP A 20 11.82 3.85 -7.80
C ASP A 20 12.05 3.37 -6.37
N MET A 21 11.85 4.25 -5.40
CA MET A 21 12.04 3.92 -3.99
C MET A 21 10.94 2.98 -3.51
N LEU A 22 9.72 3.20 -3.99
CA LEU A 22 8.59 2.37 -3.60
C LEU A 22 8.70 0.97 -4.19
N ARG A 23 9.16 0.90 -5.44
CA ARG A 23 9.32 -0.37 -6.13
C ARG A 23 10.48 -1.17 -5.53
N GLY A 24 11.53 -0.46 -5.13
CA GLY A 24 12.69 -1.11 -4.54
C GLY A 24 12.39 -1.70 -3.18
N ILE A 25 11.61 -0.99 -2.38
CA ILE A 25 11.25 -1.45 -1.04
C ILE A 25 10.20 -2.56 -1.10
N PHE A 26 9.22 -2.39 -1.99
CA PHE A 26 8.16 -3.38 -2.14
C PHE A 26 8.60 -4.51 -3.06
N GLU A 27 9.81 -4.38 -3.62
CA GLU A 27 10.34 -5.39 -4.52
C GLU A 27 10.68 -6.68 -3.76
N PRO A 28 11.56 -6.55 -2.76
CA PRO A 28 11.99 -7.68 -1.94
C PRO A 28 10.88 -8.19 -1.02
N PHE A 29 9.70 -7.58 -1.14
CA PHE A 29 8.56 -7.97 -0.33
C PHE A 29 7.57 -8.80 -1.14
N GLY A 30 7.55 -8.58 -2.45
CA GLY A 30 6.64 -9.31 -3.32
C GLY A 30 6.67 -8.80 -4.75
N LYS A 31 6.18 -9.61 -5.67
CA LYS A 31 6.15 -9.23 -7.07
C LYS A 31 5.25 -8.02 -7.29
N ILE A 32 5.86 -6.88 -7.64
CA ILE A 32 5.11 -5.66 -7.87
C ILE A 32 4.50 -5.65 -9.28
N ASP A 33 3.17 -5.62 -9.34
CA ASP A 33 2.48 -5.61 -10.63
C ASP A 33 2.54 -4.21 -11.25
N ASN A 34 2.25 -3.19 -10.44
CA ASN A 34 2.27 -1.82 -10.93
C ASN A 34 2.19 -0.83 -9.76
N ILE A 35 2.91 0.28 -9.88
CA ILE A 35 2.91 1.29 -8.83
C ILE A 35 2.45 2.64 -9.38
N VAL A 36 1.58 3.30 -8.61
CA VAL A 36 1.06 4.61 -9.03
C VAL A 36 1.14 5.61 -7.88
N LEU A 37 1.73 6.77 -8.15
CA LEU A 37 1.87 7.82 -7.15
C LEU A 37 0.78 8.87 -7.30
N MET A 38 0.21 9.28 -6.17
CA MET A 38 -0.86 10.29 -6.18
C MET A 38 -0.28 11.67 -5.91
N LYS A 39 -0.71 12.65 -6.71
CA LYS A 39 -0.25 14.02 -6.55
C LYS A 39 -1.38 15.01 -6.80
N ASP A 40 -1.48 16.02 -5.94
CA ASP A 40 -2.52 17.03 -6.08
C ASP A 40 -2.39 17.78 -7.40
N SER A 41 -3.31 18.70 -7.65
CA SER A 41 -3.29 19.47 -8.89
C SER A 41 -2.95 20.94 -8.61
N ASP A 42 -3.80 21.59 -7.82
CA ASP A 42 -3.58 23.00 -7.48
C ASP A 42 -2.16 23.22 -6.98
N THR A 43 -1.70 22.35 -6.08
CA THR A 43 -0.35 22.46 -5.52
C THR A 43 0.63 21.59 -6.31
N GLY A 44 0.19 20.37 -6.65
CA GLY A 44 1.04 19.47 -7.39
C GLY A 44 2.14 18.86 -6.53
N ARG A 45 1.99 18.98 -5.22
CA ARG A 45 2.97 18.44 -4.28
C ARG A 45 2.48 17.12 -3.68
N SER A 46 3.09 16.02 -4.12
CA SER A 46 2.72 14.70 -3.63
C SER A 46 2.41 14.74 -2.13
N LYS A 47 1.13 14.64 -1.80
CA LYS A 47 0.70 14.66 -0.40
C LYS A 47 1.51 13.67 0.42
N GLY A 48 1.90 12.56 -0.19
CA GLY A 48 2.68 11.55 0.50
C GLY A 48 1.97 10.22 0.56
N TYR A 49 1.27 9.87 -0.52
CA TYR A 49 0.54 8.61 -0.58
C TYR A 49 0.53 8.05 -2.00
N GLY A 50 0.37 6.74 -2.12
CA GLY A 50 0.36 6.10 -3.41
C GLY A 50 -0.30 4.74 -3.38
N PHE A 51 -0.55 4.17 -4.57
CA PHE A 51 -1.18 2.86 -4.67
C PHE A 51 -0.21 1.83 -5.25
N ILE A 52 -0.21 0.63 -4.68
CA ILE A 52 0.66 -0.44 -5.13
C ILE A 52 -0.09 -1.76 -5.25
N THR A 53 0.12 -2.47 -6.35
CA THR A 53 -0.55 -3.75 -6.57
C THR A 53 0.47 -4.87 -6.70
N PHE A 54 0.27 -5.94 -5.94
CA PHE A 54 1.18 -7.09 -5.97
C PHE A 54 0.62 -8.20 -6.84
N SER A 55 1.32 -9.33 -6.89
CA SER A 55 0.89 -10.47 -7.68
C SER A 55 0.15 -11.49 -6.82
N ASP A 56 0.66 -11.72 -5.62
CA ASP A 56 0.05 -12.67 -4.70
C ASP A 56 -0.46 -11.97 -3.44
N SER A 57 -1.61 -12.41 -2.94
CA SER A 57 -2.20 -11.82 -1.75
C SER A 57 -1.29 -12.02 -0.53
N GLU A 58 -0.68 -13.19 -0.44
CA GLU A 58 0.21 -13.51 0.66
C GLU A 58 1.40 -12.54 0.70
N CYS A 59 1.95 -12.25 -0.47
CA CYS A 59 3.09 -11.34 -0.58
C CYS A 59 2.73 -9.95 -0.06
N ALA A 60 1.50 -9.51 -0.35
CA ALA A 60 1.04 -8.21 0.09
C ALA A 60 0.91 -8.14 1.60
N ARG A 61 0.40 -9.22 2.20
CA ARG A 61 0.22 -9.28 3.64
C ARG A 61 1.56 -9.13 4.36
N ARG A 62 2.56 -9.88 3.91
CA ARG A 62 3.89 -9.82 4.51
C ARG A 62 4.46 -8.41 4.43
N ALA A 63 4.42 -7.83 3.24
CA ALA A 63 4.94 -6.49 3.03
C ALA A 63 4.20 -5.48 3.90
N LEU A 64 2.91 -5.71 4.10
CA LEU A 64 2.09 -4.81 4.92
C LEU A 64 2.60 -4.78 6.36
N GLU A 65 2.90 -5.95 6.91
CA GLU A 65 3.39 -6.05 8.28
C GLU A 65 4.80 -5.46 8.39
N GLN A 66 5.61 -5.70 7.37
CA GLN A 66 6.99 -5.20 7.35
C GLN A 66 7.01 -3.69 7.15
N LEU A 67 6.09 -3.20 6.32
CA LEU A 67 6.01 -1.77 6.04
C LEU A 67 5.33 -1.03 7.18
N ASN A 68 4.27 -1.64 7.73
CA ASN A 68 3.53 -1.04 8.84
C ASN A 68 4.46 -0.68 9.99
N GLY A 69 4.78 0.59 10.12
CA GLY A 69 5.65 1.03 11.20
C GLY A 69 7.12 0.97 10.82
N PHE A 70 7.39 1.17 9.53
CA PHE A 70 8.77 1.13 9.03
C PHE A 70 9.32 2.55 8.89
N GLU A 71 10.28 2.89 9.76
CA GLU A 71 10.90 4.20 9.73
C GLU A 71 11.51 4.49 8.37
N LEU A 72 10.78 5.25 7.55
CA LEU A 72 11.26 5.60 6.21
C LEU A 72 12.28 6.73 6.27
N ALA A 73 11.82 7.90 6.69
CA ALA A 73 12.70 9.06 6.80
C ALA A 73 12.77 9.57 8.24
N GLY A 74 12.81 8.64 9.18
CA GLY A 74 12.86 9.02 10.59
C GLY A 74 11.60 8.66 11.33
N ARG A 75 10.46 8.74 10.66
CA ARG A 75 9.18 8.43 11.28
C ARG A 75 8.54 7.21 10.60
N PRO A 76 7.73 6.47 11.36
CA PRO A 76 7.04 5.28 10.85
C PRO A 76 5.94 5.63 9.85
N MET A 77 6.05 5.11 8.64
CA MET A 77 5.06 5.36 7.60
C MET A 77 3.76 4.65 7.90
N ARG A 78 2.73 4.94 7.11
CA ARG A 78 1.43 4.32 7.30
C ARG A 78 1.11 3.35 6.16
N VAL A 79 0.86 2.09 6.51
CA VAL A 79 0.55 1.07 5.51
C VAL A 79 -0.73 0.32 5.88
N GLY A 80 -1.67 0.28 4.94
CA GLY A 80 -2.93 -0.40 5.18
C GLY A 80 -3.51 -1.00 3.91
N HIS A 81 -4.42 -1.96 4.08
CA HIS A 81 -5.05 -2.62 2.95
C HIS A 81 -6.01 -1.67 2.23
N VAL A 82 -5.84 -1.54 0.91
CA VAL A 82 -6.69 -0.68 0.11
C VAL A 82 -8.16 -1.02 0.28
N THR A 83 -8.51 -2.27 -0.04
CA THR A 83 -9.88 -2.72 0.07
C THR A 83 -10.32 -2.81 1.53
N GLU A 84 -11.60 -2.65 1.78
CA GLU A 84 -12.15 -2.71 3.13
C GLU A 84 -12.78 -4.07 3.40
N ARG A 85 -11.94 -5.02 3.82
CA ARG A 85 -12.42 -6.38 4.11
C ARG A 85 -12.69 -6.54 5.61
N LEU A 86 -13.60 -7.43 5.95
CA LEU A 86 -13.95 -7.69 7.33
C LEU A 86 -14.35 -9.16 7.54
N ASP A 87 -13.80 -9.77 8.58
CA ASP A 87 -14.11 -11.16 8.89
C ASP A 87 -13.94 -11.44 10.38
N GLY A 88 -14.82 -12.28 10.92
CA GLY A 88 -14.76 -12.61 12.34
C GLY A 88 -16.02 -13.30 12.82
N GLY A 89 -16.17 -14.57 12.46
CA GLY A 89 -17.35 -15.32 12.87
C GLY A 89 -18.01 -16.04 11.71
N SER A 90 -17.66 -17.32 11.53
CA SER A 90 -18.24 -18.12 10.45
C SER A 90 -19.69 -18.46 10.74
N GLY A 91 -19.95 -18.86 11.98
CA GLY A 91 -21.31 -19.22 12.37
C GLY A 91 -21.34 -20.13 13.59
N PRO A 92 -22.45 -20.86 13.76
CA PRO A 92 -22.63 -21.78 14.89
C PRO A 92 -21.73 -23.00 14.78
N SER A 93 -20.97 -23.26 15.84
CA SER A 93 -20.06 -24.40 15.86
C SER A 93 -20.80 -25.67 16.30
N SER A 94 -21.44 -25.60 17.46
CA SER A 94 -22.18 -26.74 18.00
C SER A 94 -21.47 -28.05 17.65
N GLY A 95 -20.15 -28.06 17.78
CA GLY A 95 -19.38 -29.25 17.47
C GLY A 95 -18.76 -29.87 18.71
N GLY A 1 -10.47 -12.39 3.45
CA GLY A 1 -11.39 -13.28 2.75
C GLY A 1 -11.99 -12.64 1.52
N SER A 2 -11.13 -12.11 0.64
CA SER A 2 -11.59 -11.47 -0.58
C SER A 2 -10.69 -11.85 -1.76
N SER A 3 -11.30 -12.15 -2.89
CA SER A 3 -10.56 -12.53 -4.08
C SER A 3 -10.65 -11.43 -5.15
N GLY A 4 -9.57 -11.26 -5.89
CA GLY A 4 -9.53 -10.25 -6.94
C GLY A 4 -8.13 -9.76 -7.24
N SER A 5 -7.59 -8.93 -6.36
CA SER A 5 -6.24 -8.39 -6.54
C SER A 5 -5.66 -7.93 -5.21
N SER A 6 -4.36 -8.18 -5.03
CA SER A 6 -3.67 -7.80 -3.81
C SER A 6 -3.23 -6.34 -3.86
N GLY A 7 -4.11 -5.44 -3.46
CA GLY A 7 -3.79 -4.02 -3.48
C GLY A 7 -3.39 -3.51 -2.11
N LEU A 8 -2.42 -2.60 -2.08
CA LEU A 8 -1.96 -2.03 -0.83
C LEU A 8 -1.87 -0.51 -0.92
N TYR A 9 -2.17 0.16 0.20
CA TYR A 9 -2.14 1.62 0.24
C TYR A 9 -0.98 2.11 1.11
N VAL A 10 -0.28 3.13 0.62
CA VAL A 10 0.84 3.70 1.36
C VAL A 10 0.65 5.19 1.60
N GLY A 11 0.89 5.62 2.83
CA GLY A 11 0.74 7.02 3.19
C GLY A 11 1.76 7.48 4.20
N SER A 12 1.88 8.80 4.36
CA SER A 12 2.85 9.36 5.30
C SER A 12 4.27 9.21 4.78
N LEU A 13 4.47 9.52 3.50
CA LEU A 13 5.79 9.41 2.89
C LEU A 13 6.41 10.79 2.70
N HIS A 14 7.67 10.80 2.27
CA HIS A 14 8.38 12.06 2.05
C HIS A 14 8.33 12.45 0.58
N PHE A 15 8.11 13.74 0.32
CA PHE A 15 8.03 14.26 -1.04
C PHE A 15 9.13 13.65 -1.90
N ASN A 16 10.36 13.70 -1.41
CA ASN A 16 11.51 13.16 -2.14
C ASN A 16 11.21 11.77 -2.68
N ILE A 17 10.52 10.96 -1.86
CA ILE A 17 10.17 9.61 -2.26
C ILE A 17 9.66 9.56 -3.69
N THR A 18 9.95 8.47 -4.39
CA THR A 18 9.52 8.32 -5.77
C THR A 18 9.14 6.86 -6.06
N GLU A 19 8.60 6.62 -7.25
CA GLU A 19 8.20 5.29 -7.66
C GLU A 19 9.37 4.31 -7.52
N ASP A 20 10.57 4.78 -7.82
CA ASP A 20 11.76 3.94 -7.73
C ASP A 20 11.99 3.48 -6.29
N MET A 21 11.67 4.33 -5.34
CA MET A 21 11.84 4.01 -3.92
C MET A 21 10.81 2.98 -3.47
N LEU A 22 9.58 3.15 -3.93
CA LEU A 22 8.49 2.24 -3.59
C LEU A 22 8.72 0.85 -4.20
N ARG A 23 9.13 0.84 -5.46
CA ARG A 23 9.39 -0.41 -6.18
C ARG A 23 10.57 -1.15 -5.56
N GLY A 24 11.57 -0.39 -5.13
CA GLY A 24 12.76 -1.00 -4.53
C GLY A 24 12.47 -1.61 -3.18
N ILE A 25 11.58 -0.96 -2.42
CA ILE A 25 11.22 -1.46 -1.09
C ILE A 25 10.20 -2.57 -1.18
N PHE A 26 9.21 -2.39 -2.06
CA PHE A 26 8.15 -3.39 -2.24
C PHE A 26 8.63 -4.51 -3.16
N GLU A 27 9.83 -4.37 -3.70
CA GLU A 27 10.40 -5.36 -4.60
C GLU A 27 10.72 -6.65 -3.85
N PRO A 28 11.59 -6.55 -2.84
CA PRO A 28 12.01 -7.69 -2.03
C PRO A 28 10.88 -8.19 -1.13
N PHE A 29 9.70 -7.57 -1.24
CA PHE A 29 8.55 -7.96 -0.44
C PHE A 29 7.57 -8.78 -1.27
N GLY A 30 7.64 -8.64 -2.58
CA GLY A 30 6.74 -9.37 -3.46
C GLY A 30 6.71 -8.79 -4.86
N LYS A 31 6.30 -9.61 -5.83
CA LYS A 31 6.22 -9.18 -7.21
C LYS A 31 5.23 -8.02 -7.38
N ILE A 32 5.76 -6.87 -7.79
CA ILE A 32 4.92 -5.68 -7.99
C ILE A 32 4.33 -5.65 -9.39
N ASP A 33 3.01 -5.64 -9.47
CA ASP A 33 2.32 -5.60 -10.75
C ASP A 33 2.36 -4.19 -11.36
N ASN A 34 2.03 -3.19 -10.55
CA ASN A 34 2.03 -1.81 -11.00
C ASN A 34 2.13 -0.85 -9.82
N ILE A 35 2.63 0.35 -10.09
CA ILE A 35 2.79 1.36 -9.04
C ILE A 35 2.35 2.73 -9.54
N VAL A 36 1.49 3.39 -8.76
CA VAL A 36 1.00 4.71 -9.13
C VAL A 36 1.06 5.67 -7.94
N LEU A 37 1.54 6.88 -8.19
CA LEU A 37 1.64 7.89 -7.14
C LEU A 37 0.51 8.91 -7.24
N MET A 38 -0.02 9.30 -6.08
CA MET A 38 -1.11 10.28 -6.04
C MET A 38 -0.58 11.69 -5.83
N LYS A 39 -1.00 12.61 -6.68
CA LYS A 39 -0.56 13.99 -6.58
C LYS A 39 -1.74 14.95 -6.71
N ASP A 40 -1.68 16.07 -5.99
CA ASP A 40 -2.74 17.07 -6.03
C ASP A 40 -2.89 17.65 -7.43
N SER A 41 -3.80 18.60 -7.58
CA SER A 41 -4.05 19.23 -8.87
C SER A 41 -3.62 20.70 -8.85
N ASP A 42 -4.08 21.42 -7.83
CA ASP A 42 -3.74 22.84 -7.68
C ASP A 42 -2.23 23.04 -7.69
N THR A 43 -1.51 22.14 -7.03
CA THR A 43 -0.06 22.22 -6.95
C THR A 43 0.59 21.06 -7.70
N GLY A 44 0.26 19.84 -7.29
CA GLY A 44 0.83 18.67 -7.93
C GLY A 44 2.06 18.15 -7.22
N ARG A 45 2.14 18.41 -5.92
CA ARG A 45 3.28 17.98 -5.12
C ARG A 45 2.93 16.75 -4.29
N SER A 46 3.42 15.59 -4.72
CA SER A 46 3.15 14.35 -4.01
C SER A 46 3.07 14.57 -2.51
N LYS A 47 1.87 14.45 -1.96
CA LYS A 47 1.65 14.64 -0.53
C LYS A 47 2.45 13.63 0.28
N GLY A 48 2.43 12.37 -0.15
CA GLY A 48 3.15 11.33 0.54
C GLY A 48 2.39 10.03 0.60
N TYR A 49 1.68 9.71 -0.48
CA TYR A 49 0.90 8.48 -0.54
C TYR A 49 0.85 7.94 -1.97
N GLY A 50 0.57 6.64 -2.10
CA GLY A 50 0.50 6.03 -3.41
C GLY A 50 -0.21 4.69 -3.38
N PHE A 51 -0.46 4.13 -4.56
CA PHE A 51 -1.13 2.84 -4.66
C PHE A 51 -0.23 1.80 -5.33
N ILE A 52 -0.21 0.60 -4.77
CA ILE A 52 0.60 -0.47 -5.33
C ILE A 52 -0.17 -1.79 -5.35
N THR A 53 0.02 -2.55 -6.43
CA THR A 53 -0.66 -3.84 -6.59
C THR A 53 0.34 -4.98 -6.73
N PHE A 54 0.17 -6.01 -5.92
CA PHE A 54 1.05 -7.17 -5.95
C PHE A 54 0.45 -8.30 -6.78
N SER A 55 1.16 -9.42 -6.86
CA SER A 55 0.71 -10.57 -7.63
C SER A 55 0.11 -11.64 -6.71
N ASP A 56 0.67 -11.75 -5.51
CA ASP A 56 0.21 -12.73 -4.54
C ASP A 56 -0.33 -12.04 -3.28
N SER A 57 -1.46 -12.51 -2.79
CA SER A 57 -2.07 -11.93 -1.60
C SER A 57 -1.17 -12.13 -0.38
N GLU A 58 -0.56 -13.31 -0.29
CA GLU A 58 0.32 -13.61 0.82
C GLU A 58 1.52 -12.67 0.85
N CYS A 59 2.11 -12.44 -0.32
CA CYS A 59 3.26 -11.56 -0.44
C CYS A 59 2.90 -10.13 -0.02
N ALA A 60 1.73 -9.67 -0.44
CA ALA A 60 1.27 -8.33 -0.11
C ALA A 60 1.07 -8.18 1.39
N ARG A 61 0.49 -9.20 2.02
CA ARG A 61 0.25 -9.17 3.46
C ARG A 61 1.55 -8.99 4.23
N ARG A 62 2.55 -9.81 3.90
CA ARG A 62 3.85 -9.75 4.56
C ARG A 62 4.44 -8.35 4.45
N ALA A 63 4.46 -7.82 3.22
CA ALA A 63 5.00 -6.49 2.98
C ALA A 63 4.35 -5.45 3.88
N LEU A 64 3.05 -5.59 4.08
CA LEU A 64 2.29 -4.66 4.92
C LEU A 64 2.77 -4.74 6.37
N GLU A 65 3.04 -5.95 6.83
CA GLU A 65 3.50 -6.16 8.21
C GLU A 65 4.86 -5.51 8.43
N GLN A 66 5.69 -5.53 7.40
CA GLN A 66 7.02 -4.94 7.48
C GLN A 66 6.98 -3.44 7.21
N LEU A 67 6.08 -3.04 6.31
CA LEU A 67 5.94 -1.62 5.97
C LEU A 67 5.29 -0.85 7.12
N ASN A 68 4.20 -1.40 7.66
CA ASN A 68 3.50 -0.75 8.75
C ASN A 68 4.44 -0.47 9.92
N GLY A 69 4.59 0.82 10.25
CA GLY A 69 5.47 1.20 11.35
C GLY A 69 6.93 1.20 10.95
N PHE A 70 7.18 1.34 9.65
CA PHE A 70 8.55 1.35 9.14
C PHE A 70 9.07 2.78 9.01
N GLU A 71 10.04 3.13 9.85
CA GLU A 71 10.62 4.47 9.84
C GLU A 71 11.57 4.64 8.66
N LEU A 72 11.11 5.35 7.63
CA LEU A 72 11.93 5.59 6.45
C LEU A 72 12.68 6.91 6.55
N ALA A 73 11.93 8.00 6.73
CA ALA A 73 12.53 9.32 6.86
C ALA A 73 12.49 9.81 8.30
N GLY A 74 12.77 8.91 9.24
CA GLY A 74 12.78 9.26 10.64
C GLY A 74 11.53 8.78 11.36
N ARG A 75 10.38 8.94 10.71
CA ARG A 75 9.11 8.52 11.30
C ARG A 75 8.53 7.33 10.54
N PRO A 76 7.73 6.53 11.24
CA PRO A 76 7.09 5.33 10.66
C PRO A 76 6.01 5.70 9.65
N MET A 77 6.02 5.01 8.51
CA MET A 77 5.03 5.25 7.46
C MET A 77 3.73 4.50 7.76
N ARG A 78 2.66 4.92 7.08
CA ARG A 78 1.36 4.29 7.27
C ARG A 78 0.99 3.42 6.07
N VAL A 79 0.77 2.13 6.34
CA VAL A 79 0.41 1.19 5.28
C VAL A 79 -0.82 0.37 5.66
N GLY A 80 -1.83 0.39 4.79
CA GLY A 80 -3.04 -0.36 5.07
C GLY A 80 -3.62 -1.00 3.81
N HIS A 81 -4.48 -1.99 4.01
CA HIS A 81 -5.09 -2.70 2.88
C HIS A 81 -6.14 -1.81 2.20
N VAL A 82 -5.82 -1.36 1.00
CA VAL A 82 -6.74 -0.51 0.24
C VAL A 82 -8.02 -1.25 -0.10
N THR A 83 -7.88 -2.52 -0.49
CA THR A 83 -9.04 -3.34 -0.85
C THR A 83 -9.92 -3.60 0.37
N GLU A 84 -10.98 -2.80 0.52
CA GLU A 84 -11.90 -2.95 1.63
C GLU A 84 -12.61 -4.30 1.57
N ARG A 85 -13.08 -4.77 2.73
CA ARG A 85 -13.77 -6.05 2.81
C ARG A 85 -15.08 -5.91 3.58
N LEU A 86 -16.01 -6.82 3.33
CA LEU A 86 -17.31 -6.79 4.00
C LEU A 86 -17.51 -8.06 4.83
N ASP A 87 -17.17 -9.21 4.25
CA ASP A 87 -17.31 -10.49 4.92
C ASP A 87 -16.01 -10.89 5.59
N GLY A 88 -16.11 -11.38 6.83
CA GLY A 88 -14.92 -11.79 7.56
C GLY A 88 -15.24 -12.77 8.67
N GLY A 89 -15.51 -14.02 8.32
CA GLY A 89 -15.84 -15.03 9.30
C GLY A 89 -17.32 -15.08 9.61
N SER A 90 -18.10 -15.53 8.63
CA SER A 90 -19.55 -15.62 8.81
C SER A 90 -19.90 -16.06 10.23
N GLY A 91 -20.72 -15.25 10.90
CA GLY A 91 -21.11 -15.57 12.27
C GLY A 91 -20.07 -15.16 13.28
N PRO A 92 -20.38 -15.37 14.57
CA PRO A 92 -19.48 -15.02 15.68
C PRO A 92 -18.25 -15.92 15.72
N SER A 93 -18.15 -16.83 14.75
CA SER A 93 -17.03 -17.76 14.69
C SER A 93 -15.75 -17.09 15.18
N SER A 94 -14.90 -17.87 15.86
CA SER A 94 -13.64 -17.35 16.37
C SER A 94 -12.96 -16.45 15.35
N GLY A 95 -12.41 -15.34 15.82
CA GLY A 95 -11.74 -14.41 14.93
C GLY A 95 -12.63 -13.91 13.82
N GLY A 1 -13.36 -20.47 -2.34
CA GLY A 1 -12.47 -19.35 -2.51
C GLY A 1 -12.62 -18.32 -1.41
N SER A 2 -11.62 -17.45 -1.25
CA SER A 2 -11.64 -16.43 -0.22
C SER A 2 -11.51 -15.04 -0.84
N SER A 3 -11.89 -14.02 -0.08
CA SER A 3 -11.82 -12.64 -0.55
C SER A 3 -10.58 -11.94 0.00
N GLY A 4 -9.49 -12.01 -0.75
CA GLY A 4 -8.26 -11.36 -0.31
C GLY A 4 -7.97 -10.09 -1.07
N SER A 5 -7.31 -9.14 -0.41
CA SER A 5 -6.98 -7.86 -1.02
C SER A 5 -5.47 -7.65 -1.06
N SER A 6 -4.86 -7.98 -2.19
CA SER A 6 -3.42 -7.83 -2.36
C SER A 6 -3.02 -6.36 -2.37
N GLY A 7 -3.74 -5.56 -3.15
CA GLY A 7 -3.46 -4.15 -3.23
C GLY A 7 -3.07 -3.55 -1.89
N LEU A 8 -2.04 -2.70 -1.90
CA LEU A 8 -1.58 -2.06 -0.67
C LEU A 8 -1.55 -0.55 -0.82
N TYR A 9 -1.88 0.15 0.27
CA TYR A 9 -1.90 1.62 0.25
C TYR A 9 -0.81 2.18 1.16
N VAL A 10 -0.04 3.11 0.63
CA VAL A 10 1.04 3.74 1.38
C VAL A 10 0.72 5.19 1.71
N GLY A 11 0.97 5.59 2.95
CA GLY A 11 0.69 6.95 3.37
C GLY A 11 1.77 7.51 4.29
N SER A 12 1.77 8.82 4.48
CA SER A 12 2.75 9.47 5.33
C SER A 12 4.15 9.32 4.77
N LEU A 13 4.30 9.59 3.47
CA LEU A 13 5.58 9.48 2.80
C LEU A 13 6.24 10.85 2.65
N HIS A 14 7.38 10.89 1.97
CA HIS A 14 8.11 12.13 1.76
C HIS A 14 8.14 12.49 0.28
N PHE A 15 7.68 13.69 -0.06
CA PHE A 15 7.66 14.14 -1.44
C PHE A 15 8.88 13.61 -2.21
N ASN A 16 10.06 13.86 -1.67
CA ASN A 16 11.30 13.41 -2.29
C ASN A 16 11.15 11.99 -2.82
N ILE A 17 10.59 11.11 -2.01
CA ILE A 17 10.40 9.72 -2.40
C ILE A 17 9.91 9.63 -3.85
N THR A 18 10.44 8.65 -4.58
CA THR A 18 10.07 8.46 -5.97
C THR A 18 9.54 7.03 -6.19
N GLU A 19 8.99 6.80 -7.38
CA GLU A 19 8.44 5.49 -7.72
C GLU A 19 9.51 4.41 -7.60
N ASP A 20 10.76 4.78 -7.88
CA ASP A 20 11.87 3.84 -7.79
C ASP A 20 12.08 3.38 -6.35
N MET A 21 11.81 4.27 -5.41
CA MET A 21 11.97 3.97 -3.99
C MET A 21 10.89 2.99 -3.51
N LEU A 22 9.66 3.25 -3.93
CA LEU A 22 8.53 2.39 -3.55
C LEU A 22 8.68 0.99 -4.15
N ARG A 23 9.09 0.94 -5.41
CA ARG A 23 9.27 -0.33 -6.09
C ARG A 23 10.44 -1.11 -5.49
N GLY A 24 11.49 -0.40 -5.12
CA GLY A 24 12.66 -1.03 -4.54
C GLY A 24 12.38 -1.62 -3.18
N ILE A 25 11.50 -0.96 -2.42
CA ILE A 25 11.13 -1.43 -1.09
C ILE A 25 10.13 -2.57 -1.16
N PHE A 26 9.11 -2.41 -1.99
CA PHE A 26 8.08 -3.43 -2.15
C PHE A 26 8.56 -4.54 -3.08
N GLU A 27 9.77 -4.39 -3.61
CA GLU A 27 10.33 -5.38 -4.51
C GLU A 27 10.67 -6.67 -3.76
N PRO A 28 11.56 -6.55 -2.76
CA PRO A 28 12.00 -7.70 -1.95
C PRO A 28 10.88 -8.21 -1.04
N PHE A 29 9.71 -7.60 -1.15
CA PHE A 29 8.57 -7.99 -0.33
C PHE A 29 7.58 -8.83 -1.14
N GLY A 30 7.47 -8.52 -2.42
CA GLY A 30 6.56 -9.25 -3.29
C GLY A 30 6.56 -8.72 -4.71
N LYS A 31 6.15 -9.56 -5.65
CA LYS A 31 6.11 -9.18 -7.05
C LYS A 31 5.16 -8.01 -7.27
N ILE A 32 5.72 -6.87 -7.69
CA ILE A 32 4.93 -5.67 -7.93
C ILE A 32 4.35 -5.68 -9.34
N ASP A 33 3.04 -5.60 -9.43
CA ASP A 33 2.35 -5.58 -10.72
C ASP A 33 2.38 -4.19 -11.34
N ASN A 34 2.18 -3.18 -10.51
CA ASN A 34 2.19 -1.80 -10.97
C ASN A 34 2.23 -0.83 -9.80
N ILE A 35 2.86 0.32 -10.00
CA ILE A 35 2.96 1.34 -8.95
C ILE A 35 2.55 2.70 -9.48
N VAL A 36 1.64 3.36 -8.75
CA VAL A 36 1.16 4.68 -9.15
C VAL A 36 1.23 5.65 -7.97
N LEU A 37 1.68 6.87 -8.25
CA LEU A 37 1.78 7.89 -7.22
C LEU A 37 0.64 8.89 -7.32
N MET A 38 0.00 9.15 -6.18
CA MET A 38 -1.13 10.08 -6.13
C MET A 38 -0.63 11.51 -5.89
N LYS A 39 -1.11 12.44 -6.70
CA LYS A 39 -0.72 13.84 -6.57
C LYS A 39 -1.94 14.76 -6.62
N ASP A 40 -1.80 15.97 -6.09
CA ASP A 40 -2.89 16.93 -6.08
C ASP A 40 -2.89 17.77 -7.35
N SER A 41 -3.86 18.68 -7.45
CA SER A 41 -3.98 19.53 -8.63
C SER A 41 -3.58 20.96 -8.30
N ASP A 42 -4.07 21.47 -7.16
CA ASP A 42 -3.75 22.83 -6.73
C ASP A 42 -2.28 22.96 -6.38
N THR A 43 -1.76 21.98 -5.64
CA THR A 43 -0.36 21.99 -5.23
C THR A 43 0.51 21.25 -6.24
N GLY A 44 0.04 20.08 -6.68
CA GLY A 44 0.79 19.29 -7.64
C GLY A 44 2.00 18.62 -7.03
N ARG A 45 1.95 18.40 -5.72
CA ARG A 45 3.06 17.77 -5.00
C ARG A 45 2.57 16.59 -4.18
N SER A 46 3.00 15.39 -4.54
CA SER A 46 2.60 14.18 -3.83
C SER A 46 2.45 14.45 -2.34
N LYS A 47 1.22 14.51 -1.87
CA LYS A 47 0.94 14.75 -0.46
C LYS A 47 1.74 13.81 0.42
N GLY A 48 2.04 12.63 -0.10
CA GLY A 48 2.81 11.65 0.66
C GLY A 48 2.13 10.29 0.70
N TYR A 49 1.50 9.92 -0.40
CA TYR A 49 0.81 8.63 -0.47
C TYR A 49 0.87 8.06 -1.89
N GLY A 50 0.60 6.77 -2.02
CA GLY A 50 0.64 6.12 -3.32
C GLY A 50 -0.09 4.79 -3.32
N PHE A 51 -0.21 4.19 -4.50
CA PHE A 51 -0.89 2.90 -4.64
C PHE A 51 0.06 1.85 -5.20
N ILE A 52 0.05 0.67 -4.60
CA ILE A 52 0.91 -0.42 -5.05
C ILE A 52 0.15 -1.73 -5.09
N THR A 53 0.21 -2.41 -6.23
CA THR A 53 -0.48 -3.68 -6.41
C THR A 53 0.52 -4.83 -6.57
N PHE A 54 0.33 -5.88 -5.78
CA PHE A 54 1.21 -7.04 -5.83
C PHE A 54 0.63 -8.13 -6.73
N SER A 55 1.30 -9.27 -6.77
CA SER A 55 0.85 -10.39 -7.58
C SER A 55 0.17 -11.45 -6.72
N ASP A 56 0.71 -11.69 -5.54
CA ASP A 56 0.15 -12.68 -4.62
C ASP A 56 -0.43 -12.00 -3.38
N SER A 57 -1.59 -12.48 -2.94
CA SER A 57 -2.24 -11.92 -1.76
C SER A 57 -1.39 -12.11 -0.51
N GLU A 58 -0.76 -13.27 -0.40
CA GLU A 58 0.09 -13.58 0.74
C GLU A 58 1.30 -12.64 0.78
N CYS A 59 1.89 -12.41 -0.38
CA CYS A 59 3.07 -11.53 -0.48
C CYS A 59 2.71 -10.11 -0.04
N ALA A 60 1.54 -9.64 -0.47
CA ALA A 60 1.10 -8.30 -0.12
C ALA A 60 0.91 -8.15 1.38
N ARG A 61 0.35 -9.19 2.01
CA ARG A 61 0.12 -9.18 3.45
C ARG A 61 1.43 -9.04 4.21
N ARG A 62 2.42 -9.82 3.82
CA ARG A 62 3.73 -9.80 4.47
C ARG A 62 4.34 -8.39 4.40
N ALA A 63 4.38 -7.84 3.19
CA ALA A 63 4.94 -6.51 2.98
C ALA A 63 4.22 -5.47 3.85
N LEU A 64 2.92 -5.65 4.03
CA LEU A 64 2.12 -4.74 4.84
C LEU A 64 2.59 -4.76 6.29
N GLU A 65 2.83 -5.96 6.82
CA GLU A 65 3.27 -6.11 8.20
C GLU A 65 4.69 -5.58 8.38
N GLN A 66 5.51 -5.75 7.35
CA GLN A 66 6.90 -5.29 7.38
C GLN A 66 6.97 -3.78 7.26
N LEU A 67 6.16 -3.22 6.36
CA LEU A 67 6.13 -1.78 6.15
C LEU A 67 5.41 -1.07 7.29
N ASN A 68 4.25 -1.60 7.66
CA ASN A 68 3.46 -1.01 8.74
C ASN A 68 4.34 -0.64 9.92
N GLY A 69 4.58 0.66 10.08
CA GLY A 69 5.41 1.14 11.18
C GLY A 69 6.89 1.02 10.87
N PHE A 70 7.24 1.21 9.60
CA PHE A 70 8.64 1.13 9.18
C PHE A 70 9.24 2.52 8.98
N GLU A 71 10.23 2.85 9.79
CA GLU A 71 10.88 4.15 9.70
C GLU A 71 11.54 4.34 8.33
N LEU A 72 11.02 5.30 7.56
CA LEU A 72 11.56 5.58 6.24
C LEU A 72 12.46 6.81 6.26
N ALA A 73 11.91 7.92 6.73
CA ALA A 73 12.66 9.16 6.81
C ALA A 73 12.69 9.70 8.23
N GLY A 74 12.89 8.80 9.20
CA GLY A 74 12.93 9.21 10.59
C GLY A 74 11.63 8.92 11.32
N ARG A 75 10.55 8.79 10.56
CA ARG A 75 9.24 8.52 11.14
C ARG A 75 8.58 7.31 10.46
N PRO A 76 7.76 6.58 11.23
CA PRO A 76 7.06 5.40 10.73
C PRO A 76 5.97 5.75 9.72
N MET A 77 6.03 5.14 8.54
CA MET A 77 5.05 5.39 7.50
C MET A 77 3.74 4.67 7.80
N ARG A 78 2.72 4.94 6.99
CA ARG A 78 1.41 4.33 7.18
C ARG A 78 1.11 3.34 6.05
N VAL A 79 0.87 2.09 6.43
CA VAL A 79 0.56 1.05 5.44
C VAL A 79 -0.71 0.29 5.82
N GLY A 80 -1.67 0.27 4.90
CA GLY A 80 -2.92 -0.41 5.15
C GLY A 80 -3.45 -1.11 3.92
N HIS A 81 -4.30 -2.13 4.12
CA HIS A 81 -4.88 -2.88 3.02
C HIS A 81 -5.96 -2.06 2.32
N VAL A 82 -5.60 -1.46 1.18
CA VAL A 82 -6.55 -0.66 0.41
C VAL A 82 -7.94 -1.28 0.42
N THR A 83 -8.93 -0.50 0.84
CA THR A 83 -10.31 -0.97 0.89
C THR A 83 -10.96 -0.93 -0.49
N GLU A 84 -11.76 -1.94 -0.79
CA GLU A 84 -12.45 -2.00 -2.08
C GLU A 84 -13.42 -3.18 -2.12
N ARG A 85 -14.42 -3.09 -2.98
CA ARG A 85 -15.41 -4.14 -3.12
C ARG A 85 -16.06 -4.11 -4.50
N LEU A 86 -16.65 -5.24 -4.91
CA LEU A 86 -17.31 -5.33 -6.20
C LEU A 86 -18.79 -4.95 -6.08
N ASP A 87 -19.42 -5.37 -4.99
CA ASP A 87 -20.83 -5.08 -4.77
C ASP A 87 -21.01 -4.23 -3.52
N GLY A 88 -20.76 -4.83 -2.36
CA GLY A 88 -20.91 -4.12 -1.10
C GLY A 88 -22.26 -4.34 -0.45
N GLY A 89 -22.25 -4.92 0.73
CA GLY A 89 -23.49 -5.20 1.45
C GLY A 89 -23.41 -6.44 2.31
N SER A 90 -24.55 -6.86 2.84
CA SER A 90 -24.60 -8.04 3.70
C SER A 90 -23.60 -7.92 4.85
N GLY A 91 -23.43 -6.70 5.36
CA GLY A 91 -22.50 -6.48 6.45
C GLY A 91 -23.19 -6.47 7.80
N PRO A 92 -23.54 -5.26 8.28
CA PRO A 92 -24.20 -5.08 9.57
C PRO A 92 -25.64 -5.60 9.55
N SER A 93 -26.30 -5.54 10.71
CA SER A 93 -27.68 -6.01 10.82
C SER A 93 -28.44 -5.18 11.86
N SER A 94 -29.73 -5.44 11.97
CA SER A 94 -30.58 -4.72 12.92
C SER A 94 -31.28 -5.69 13.86
N GLY A 95 -31.91 -6.71 13.29
CA GLY A 95 -32.61 -7.69 14.09
C GLY A 95 -31.73 -8.87 14.48
N GLY A 1 -14.13 -9.52 0.80
CA GLY A 1 -14.52 -10.67 0.01
C GLY A 1 -13.38 -11.64 -0.21
N SER A 2 -13.71 -12.88 -0.56
CA SER A 2 -12.70 -13.90 -0.80
C SER A 2 -11.59 -13.37 -1.69
N SER A 3 -11.97 -12.73 -2.79
CA SER A 3 -11.00 -12.17 -3.74
C SER A 3 -10.41 -10.88 -3.20
N GLY A 4 -9.29 -10.46 -3.78
CA GLY A 4 -8.64 -9.25 -3.35
C GLY A 4 -7.50 -9.51 -2.38
N SER A 5 -7.34 -8.63 -1.40
CA SER A 5 -6.28 -8.77 -0.41
C SER A 5 -4.92 -8.84 -1.09
N SER A 6 -4.71 -7.97 -2.08
CA SER A 6 -3.45 -7.95 -2.81
C SER A 6 -2.89 -6.53 -2.86
N GLY A 7 -3.73 -5.57 -3.25
CA GLY A 7 -3.30 -4.19 -3.33
C GLY A 7 -2.97 -3.60 -1.98
N LEU A 8 -1.92 -2.79 -1.93
CA LEU A 8 -1.50 -2.16 -0.68
C LEU A 8 -1.44 -0.64 -0.82
N TYR A 9 -1.78 0.06 0.26
CA TYR A 9 -1.77 1.52 0.24
C TYR A 9 -0.66 2.06 1.14
N VAL A 10 0.05 3.07 0.66
CA VAL A 10 1.13 3.68 1.42
C VAL A 10 0.89 5.17 1.63
N GLY A 11 1.09 5.63 2.86
CA GLY A 11 0.89 7.03 3.17
C GLY A 11 1.89 7.55 4.17
N SER A 12 1.98 8.87 4.30
CA SER A 12 2.91 9.50 5.23
C SER A 12 4.34 9.40 4.71
N LEU A 13 4.51 9.66 3.42
CA LEU A 13 5.83 9.58 2.79
C LEU A 13 6.43 10.98 2.63
N HIS A 14 7.66 11.04 2.14
CA HIS A 14 8.33 12.32 1.92
C HIS A 14 8.29 12.72 0.45
N PHE A 15 7.95 13.98 0.20
CA PHE A 15 7.87 14.49 -1.16
C PHE A 15 8.96 13.87 -2.04
N ASN A 16 10.20 13.97 -1.57
CA ASN A 16 11.33 13.42 -2.31
C ASN A 16 11.02 12.02 -2.83
N ILE A 17 10.48 11.18 -1.96
CA ILE A 17 10.13 9.81 -2.34
C ILE A 17 9.64 9.75 -3.78
N THR A 18 9.85 8.61 -4.43
CA THR A 18 9.43 8.42 -5.81
C THR A 18 9.03 6.97 -6.07
N GLU A 19 8.62 6.69 -7.30
CA GLU A 19 8.23 5.33 -7.68
C GLU A 19 9.37 4.35 -7.49
N ASP A 20 10.57 4.78 -7.84
CA ASP A 20 11.76 3.94 -7.69
C ASP A 20 11.95 3.50 -6.26
N MET A 21 11.64 4.39 -5.32
CA MET A 21 11.78 4.10 -3.90
C MET A 21 10.70 3.11 -3.44
N LEU A 22 9.48 3.32 -3.92
CA LEU A 22 8.36 2.45 -3.56
C LEU A 22 8.54 1.06 -4.16
N ARG A 23 9.00 1.01 -5.40
CA ARG A 23 9.21 -0.27 -6.09
C ARG A 23 10.37 -1.03 -5.45
N GLY A 24 11.44 -0.32 -5.15
CA GLY A 24 12.60 -0.95 -4.54
C GLY A 24 12.30 -1.53 -3.18
N ILE A 25 11.45 -0.85 -2.41
CA ILE A 25 11.08 -1.31 -1.09
C ILE A 25 10.08 -2.45 -1.16
N PHE A 26 9.13 -2.35 -2.09
CA PHE A 26 8.12 -3.38 -2.26
C PHE A 26 8.60 -4.46 -3.23
N GLU A 27 9.81 -4.28 -3.75
CA GLU A 27 10.38 -5.24 -4.68
C GLU A 27 10.75 -6.55 -3.98
N PRO A 28 11.62 -6.45 -2.96
CA PRO A 28 12.06 -7.60 -2.18
C PRO A 28 10.96 -8.17 -1.30
N PHE A 29 9.76 -7.60 -1.41
CA PHE A 29 8.62 -8.05 -0.63
C PHE A 29 7.66 -8.88 -1.48
N GLY A 30 7.50 -8.46 -2.74
CA GLY A 30 6.60 -9.17 -3.64
C GLY A 30 6.65 -8.62 -5.05
N LYS A 31 6.21 -9.42 -6.02
CA LYS A 31 6.19 -9.01 -7.41
C LYS A 31 5.23 -7.86 -7.63
N ILE A 32 5.77 -6.67 -7.89
CA ILE A 32 4.94 -5.49 -8.12
C ILE A 32 4.35 -5.49 -9.52
N ASP A 33 3.03 -5.60 -9.60
CA ASP A 33 2.35 -5.62 -10.89
C ASP A 33 2.33 -4.23 -11.50
N ASN A 34 2.02 -3.22 -10.69
CA ASN A 34 1.97 -1.84 -11.16
C ASN A 34 2.05 -0.86 -9.99
N ILE A 35 2.56 0.32 -10.25
CA ILE A 35 2.68 1.35 -9.22
C ILE A 35 2.19 2.70 -9.73
N VAL A 36 1.32 3.33 -8.95
CA VAL A 36 0.77 4.63 -9.32
C VAL A 36 0.90 5.63 -8.17
N LEU A 37 1.47 6.80 -8.47
CA LEU A 37 1.66 7.83 -7.46
C LEU A 37 0.54 8.86 -7.53
N MET A 38 -0.09 9.13 -6.39
CA MET A 38 -1.17 10.09 -6.32
C MET A 38 -0.64 11.49 -6.02
N LYS A 39 -0.86 12.41 -6.93
CA LYS A 39 -0.41 13.79 -6.77
C LYS A 39 -1.56 14.78 -6.99
N ASP A 40 -1.55 15.85 -6.21
CA ASP A 40 -2.59 16.87 -6.33
C ASP A 40 -2.51 17.59 -7.67
N SER A 41 -3.50 18.44 -7.95
CA SER A 41 -3.54 19.18 -9.19
C SER A 41 -3.19 20.65 -8.98
N ASP A 42 -3.71 21.22 -7.88
CA ASP A 42 -3.45 22.61 -7.56
C ASP A 42 -2.01 22.81 -7.10
N THR A 43 -1.55 21.91 -6.23
CA THR A 43 -0.18 21.99 -5.71
C THR A 43 0.75 21.08 -6.49
N GLY A 44 0.24 19.94 -6.94
CA GLY A 44 1.05 19.01 -7.71
C GLY A 44 2.27 18.54 -6.94
N ARG A 45 2.18 18.57 -5.62
CA ARG A 45 3.28 18.15 -4.77
C ARG A 45 2.96 16.83 -4.07
N SER A 46 3.64 15.77 -4.48
CA SER A 46 3.43 14.45 -3.90
C SER A 46 3.22 14.55 -2.39
N LYS A 47 1.95 14.61 -1.97
CA LYS A 47 1.61 14.72 -0.56
C LYS A 47 2.40 13.70 0.26
N GLY A 48 2.53 12.49 -0.28
CA GLY A 48 3.26 11.44 0.41
C GLY A 48 2.47 10.14 0.49
N TYR A 49 1.80 9.79 -0.60
CA TYR A 49 1.01 8.57 -0.65
C TYR A 49 0.99 7.99 -2.06
N GLY A 50 0.77 6.68 -2.15
CA GLY A 50 0.72 6.03 -3.44
C GLY A 50 0.04 4.68 -3.38
N PHE A 51 -0.27 4.12 -4.56
CA PHE A 51 -0.93 2.82 -4.63
C PHE A 51 -0.03 1.78 -5.29
N ILE A 52 -0.02 0.58 -4.74
CA ILE A 52 0.81 -0.51 -5.27
C ILE A 52 0.02 -1.81 -5.33
N THR A 53 0.20 -2.56 -6.42
CA THR A 53 -0.49 -3.82 -6.59
C THR A 53 0.51 -4.98 -6.70
N PHE A 54 0.36 -5.95 -5.81
CA PHE A 54 1.25 -7.11 -5.80
C PHE A 54 0.68 -8.24 -6.66
N SER A 55 1.39 -9.37 -6.69
CA SER A 55 0.96 -10.52 -7.48
C SER A 55 0.80 -11.75 -6.60
N ASP A 56 0.54 -11.52 -5.31
CA ASP A 56 0.37 -12.61 -4.36
C ASP A 56 -0.26 -12.11 -3.06
N SER A 57 -1.36 -12.73 -2.65
CA SER A 57 -2.04 -12.34 -1.43
C SER A 57 -1.11 -12.43 -0.23
N GLU A 58 -0.31 -13.49 -0.19
CA GLU A 58 0.62 -13.69 0.91
C GLU A 58 1.66 -12.57 0.96
N CYS A 59 2.14 -12.17 -0.21
CA CYS A 59 3.13 -11.11 -0.30
C CYS A 59 2.57 -9.79 0.20
N ALA A 60 1.32 -9.51 -0.16
CA ALA A 60 0.66 -8.27 0.26
C ALA A 60 0.55 -8.19 1.78
N ARG A 61 0.17 -9.30 2.39
CA ARG A 61 0.02 -9.36 3.85
C ARG A 61 1.36 -9.12 4.53
N ARG A 62 2.38 -9.84 4.08
CA ARG A 62 3.72 -9.71 4.66
C ARG A 62 4.23 -8.28 4.52
N ALA A 63 4.17 -7.74 3.31
CA ALA A 63 4.63 -6.39 3.05
C ALA A 63 3.93 -5.38 3.97
N LEU A 64 2.66 -5.63 4.25
CA LEU A 64 1.89 -4.76 5.13
C LEU A 64 2.45 -4.77 6.55
N GLU A 65 2.77 -5.96 7.03
CA GLU A 65 3.31 -6.11 8.38
C GLU A 65 4.72 -5.54 8.47
N GLN A 66 5.54 -5.82 7.45
CA GLN A 66 6.90 -5.33 7.41
C GLN A 66 6.93 -3.82 7.21
N LEU A 67 6.08 -3.32 6.32
CA LEU A 67 6.02 -1.89 6.04
C LEU A 67 5.34 -1.14 7.19
N ASN A 68 4.22 -1.67 7.65
CA ASN A 68 3.48 -1.05 8.75
C ASN A 68 4.42 -0.65 9.88
N GLY A 69 4.73 0.63 9.98
CA GLY A 69 5.61 1.12 11.02
C GLY A 69 7.07 0.97 10.65
N PHE A 70 7.38 1.18 9.38
CA PHE A 70 8.75 1.08 8.90
C PHE A 70 9.41 2.45 8.81
N GLU A 71 10.11 2.84 9.88
CA GLU A 71 10.78 4.13 9.92
C GLU A 71 11.50 4.41 8.60
N LEU A 72 10.83 5.13 7.72
CA LEU A 72 11.40 5.48 6.42
C LEU A 72 12.32 6.69 6.53
N ALA A 73 11.72 7.85 6.82
CA ALA A 73 12.50 9.09 6.96
C ALA A 73 12.56 9.53 8.42
N GLY A 74 12.70 8.57 9.32
CA GLY A 74 12.77 8.88 10.74
C GLY A 74 11.51 8.45 11.49
N ARG A 75 10.36 8.67 10.88
CA ARG A 75 9.09 8.31 11.49
C ARG A 75 8.44 7.13 10.77
N PRO A 76 7.65 6.35 11.51
CA PRO A 76 6.95 5.18 10.95
C PRO A 76 5.85 5.56 9.97
N MET A 77 5.99 5.14 8.72
CA MET A 77 5.00 5.44 7.69
C MET A 77 3.70 4.70 7.96
N ARG A 78 2.65 5.06 7.21
CA ARG A 78 1.35 4.43 7.37
C ARG A 78 1.08 3.46 6.23
N VAL A 79 0.85 2.19 6.58
CA VAL A 79 0.56 1.17 5.58
C VAL A 79 -0.73 0.43 5.90
N GLY A 80 -1.62 0.35 4.92
CA GLY A 80 -2.89 -0.33 5.12
C GLY A 80 -3.42 -0.96 3.85
N HIS A 81 -4.32 -1.92 4.00
CA HIS A 81 -4.90 -2.62 2.85
C HIS A 81 -5.85 -1.70 2.10
N VAL A 82 -5.61 -1.54 0.80
CA VAL A 82 -6.45 -0.69 -0.04
C VAL A 82 -7.92 -1.04 0.13
N THR A 83 -8.71 -0.07 0.60
CA THR A 83 -10.13 -0.26 0.81
C THR A 83 -10.95 0.73 0.01
N GLU A 84 -12.13 0.29 -0.44
CA GLU A 84 -13.02 1.15 -1.23
C GLU A 84 -14.19 1.65 -0.38
N ARG A 85 -14.77 0.75 0.40
CA ARG A 85 -15.90 1.10 1.25
C ARG A 85 -15.94 0.21 2.50
N LEU A 86 -16.25 0.82 3.64
CA LEU A 86 -16.31 0.08 4.89
C LEU A 86 -17.56 -0.81 4.94
N ASP A 87 -17.34 -2.11 5.07
CA ASP A 87 -18.43 -3.07 5.13
C ASP A 87 -18.23 -4.06 6.27
N GLY A 88 -19.32 -4.37 6.97
CA GLY A 88 -19.24 -5.30 8.09
C GLY A 88 -18.66 -6.64 7.68
N GLY A 89 -18.76 -7.62 8.57
CA GLY A 89 -18.23 -8.93 8.28
C GLY A 89 -18.99 -10.04 8.99
N SER A 90 -18.89 -11.26 8.47
CA SER A 90 -19.58 -12.40 9.06
C SER A 90 -19.44 -12.39 10.58
N GLY A 91 -20.51 -12.77 11.27
CA GLY A 91 -20.48 -12.80 12.72
C GLY A 91 -20.77 -14.18 13.28
N PRO A 92 -20.69 -14.31 14.61
CA PRO A 92 -20.94 -15.59 15.29
C PRO A 92 -22.41 -16.00 15.24
N SER A 93 -23.29 -15.02 15.04
CA SER A 93 -24.72 -15.28 14.98
C SER A 93 -25.29 -14.88 13.62
N SER A 94 -26.22 -15.67 13.12
CA SER A 94 -26.84 -15.41 11.82
C SER A 94 -27.67 -14.14 11.87
N GLY A 95 -28.67 -14.11 12.76
CA GLY A 95 -29.52 -12.95 12.89
C GLY A 95 -30.82 -13.10 12.12
N GLY A 1 -16.77 -7.70 5.85
CA GLY A 1 -15.38 -7.68 5.43
C GLY A 1 -14.95 -9.00 4.81
N SER A 2 -14.08 -9.73 5.50
CA SER A 2 -13.58 -11.01 5.00
C SER A 2 -13.37 -10.96 3.49
N SER A 3 -12.66 -9.94 3.03
CA SER A 3 -12.39 -9.78 1.61
C SER A 3 -10.98 -10.25 1.27
N GLY A 4 -10.63 -10.16 -0.02
CA GLY A 4 -9.32 -10.59 -0.46
C GLY A 4 -8.72 -9.64 -1.48
N SER A 5 -8.14 -8.53 -1.00
CA SER A 5 -7.53 -7.55 -1.88
C SER A 5 -6.02 -7.50 -1.69
N SER A 6 -5.29 -7.73 -2.77
CA SER A 6 -3.83 -7.73 -2.73
C SER A 6 -3.29 -6.30 -2.68
N GLY A 7 -3.85 -5.44 -3.53
CA GLY A 7 -3.41 -4.06 -3.57
C GLY A 7 -3.14 -3.50 -2.19
N LEU A 8 -2.10 -2.68 -2.07
CA LEU A 8 -1.73 -2.07 -0.80
C LEU A 8 -1.63 -0.56 -0.92
N TYR A 9 -1.98 0.14 0.15
CA TYR A 9 -1.95 1.60 0.16
C TYR A 9 -0.82 2.10 1.06
N VAL A 10 -0.09 3.11 0.59
CA VAL A 10 1.01 3.68 1.36
C VAL A 10 0.79 5.16 1.62
N GLY A 11 1.09 5.60 2.84
CA GLY A 11 0.91 6.99 3.19
C GLY A 11 1.96 7.48 4.17
N SER A 12 2.07 8.79 4.31
CA SER A 12 3.05 9.39 5.23
C SER A 12 4.46 9.23 4.67
N LEU A 13 4.63 9.54 3.39
CA LEU A 13 5.93 9.44 2.74
C LEU A 13 6.48 10.82 2.42
N HIS A 14 7.81 10.91 2.34
CA HIS A 14 8.48 12.18 2.05
C HIS A 14 8.32 12.53 0.57
N PHE A 15 8.08 13.82 0.30
CA PHE A 15 7.92 14.30 -1.06
C PHE A 15 9.01 13.73 -1.97
N ASN A 16 10.25 13.78 -1.50
CA ASN A 16 11.37 13.28 -2.27
C ASN A 16 11.10 11.88 -2.79
N ILE A 17 10.59 11.01 -1.92
CA ILE A 17 10.28 9.64 -2.31
C ILE A 17 9.76 9.56 -3.74
N THR A 18 10.31 8.64 -4.51
CA THR A 18 9.91 8.47 -5.91
C THR A 18 9.37 7.06 -6.15
N GLU A 19 8.92 6.81 -7.38
CA GLU A 19 8.38 5.51 -7.74
C GLU A 19 9.45 4.43 -7.61
N ASP A 20 10.68 4.80 -7.91
CA ASP A 20 11.80 3.85 -7.84
C ASP A 20 12.01 3.38 -6.40
N MET A 21 11.76 4.27 -5.45
CA MET A 21 11.91 3.93 -4.03
C MET A 21 10.82 2.98 -3.58
N LEU A 22 9.60 3.20 -4.06
CA LEU A 22 8.46 2.37 -3.69
C LEU A 22 8.60 0.97 -4.30
N ARG A 23 9.01 0.92 -5.58
CA ARG A 23 9.17 -0.34 -6.27
C ARG A 23 10.32 -1.14 -5.67
N GLY A 24 11.40 -0.46 -5.33
CA GLY A 24 12.55 -1.13 -4.75
C GLY A 24 12.27 -1.68 -3.37
N ILE A 25 11.46 -0.95 -2.59
CA ILE A 25 11.11 -1.38 -1.24
C ILE A 25 10.07 -2.49 -1.27
N PHE A 26 9.07 -2.33 -2.13
CA PHE A 26 8.01 -3.32 -2.27
C PHE A 26 8.42 -4.44 -3.22
N GLU A 27 9.60 -4.30 -3.80
CA GLU A 27 10.11 -5.31 -4.74
C GLU A 27 10.46 -6.60 -4.01
N PRO A 28 11.37 -6.50 -3.04
CA PRO A 28 11.82 -7.65 -2.25
C PRO A 28 10.73 -8.17 -1.31
N PHE A 29 9.56 -7.53 -1.36
CA PHE A 29 8.43 -7.93 -0.51
C PHE A 29 7.42 -8.74 -1.32
N GLY A 30 7.23 -8.37 -2.57
CA GLY A 30 6.29 -9.07 -3.41
C GLY A 30 6.33 -8.60 -4.85
N LYS A 31 5.90 -9.45 -5.78
CA LYS A 31 5.89 -9.12 -7.19
C LYS A 31 5.04 -7.87 -7.45
N ILE A 32 5.70 -6.76 -7.76
CA ILE A 32 5.00 -5.51 -8.03
C ILE A 32 4.41 -5.51 -9.44
N ASP A 33 3.09 -5.52 -9.51
CA ASP A 33 2.39 -5.51 -10.79
C ASP A 33 2.41 -4.11 -11.41
N ASN A 34 2.19 -3.11 -10.58
CA ASN A 34 2.17 -1.72 -11.04
C ASN A 34 2.26 -0.76 -9.87
N ILE A 35 2.86 0.41 -10.11
CA ILE A 35 3.00 1.42 -9.07
C ILE A 35 2.58 2.80 -9.58
N VAL A 36 1.67 3.43 -8.85
CA VAL A 36 1.18 4.75 -9.23
C VAL A 36 1.17 5.70 -8.03
N LEU A 37 1.75 6.88 -8.21
CA LEU A 37 1.81 7.87 -7.14
C LEU A 37 0.59 8.80 -7.19
N MET A 38 0.03 9.10 -6.04
CA MET A 38 -1.14 9.98 -5.95
C MET A 38 -0.71 11.43 -5.69
N LYS A 39 -0.92 12.29 -6.69
CA LYS A 39 -0.55 13.69 -6.57
C LYS A 39 -1.75 14.59 -6.85
N ASP A 40 -1.81 15.73 -6.17
CA ASP A 40 -2.90 16.68 -6.35
C ASP A 40 -2.85 17.30 -7.73
N SER A 41 -3.82 18.17 -8.03
CA SER A 41 -3.88 18.84 -9.32
C SER A 41 -3.47 20.30 -9.19
N ASP A 42 -4.03 20.98 -8.21
CA ASP A 42 -3.72 22.39 -7.98
C ASP A 42 -2.25 22.58 -7.64
N THR A 43 -1.82 21.97 -6.54
CA THR A 43 -0.44 22.06 -6.10
C THR A 43 0.44 21.06 -6.83
N GLY A 44 -0.14 19.92 -7.19
CA GLY A 44 0.62 18.90 -7.89
C GLY A 44 1.80 18.40 -7.10
N ARG A 45 1.82 18.71 -5.81
CA ARG A 45 2.91 18.29 -4.94
C ARG A 45 2.53 17.03 -4.16
N SER A 46 3.29 15.96 -4.37
CA SER A 46 3.03 14.69 -3.69
C SER A 46 2.84 14.91 -2.19
N LYS A 47 1.69 14.48 -1.68
CA LYS A 47 1.40 14.61 -0.26
C LYS A 47 2.19 13.61 0.57
N GLY A 48 2.46 12.45 -0.02
CA GLY A 48 3.22 11.42 0.68
C GLY A 48 2.49 10.10 0.72
N TYR A 49 1.74 9.80 -0.35
CA TYR A 49 0.99 8.56 -0.43
C TYR A 49 0.93 8.06 -1.87
N GLY A 50 0.72 6.75 -2.01
CA GLY A 50 0.64 6.16 -3.34
C GLY A 50 -0.09 4.83 -3.35
N PHE A 51 -0.27 4.27 -4.54
CA PHE A 51 -0.97 2.99 -4.67
C PHE A 51 -0.07 1.95 -5.33
N ILE A 52 -0.05 0.75 -4.76
CA ILE A 52 0.76 -0.33 -5.29
C ILE A 52 -0.05 -1.62 -5.43
N THR A 53 0.26 -2.40 -6.46
CA THR A 53 -0.45 -3.65 -6.71
C THR A 53 0.51 -4.83 -6.70
N PHE A 54 0.17 -5.86 -5.94
CA PHE A 54 1.01 -7.06 -5.84
C PHE A 54 0.42 -8.21 -6.65
N SER A 55 1.13 -9.33 -6.71
CA SER A 55 0.68 -10.49 -7.44
C SER A 55 0.54 -11.70 -6.52
N ASP A 56 0.33 -11.43 -5.24
CA ASP A 56 0.19 -12.49 -4.25
C ASP A 56 -0.39 -11.94 -2.95
N SER A 57 -1.46 -12.57 -2.47
CA SER A 57 -2.11 -12.14 -1.23
C SER A 57 -1.17 -12.31 -0.04
N GLU A 58 -0.44 -13.42 -0.02
CA GLU A 58 0.49 -13.70 1.06
C GLU A 58 1.66 -12.72 1.05
N CYS A 59 2.18 -12.45 -0.15
CA CYS A 59 3.30 -11.53 -0.30
C CYS A 59 2.91 -10.12 0.14
N ALA A 60 1.71 -9.69 -0.26
CA ALA A 60 1.22 -8.37 0.10
C ALA A 60 1.06 -8.23 1.61
N ARG A 61 0.51 -9.27 2.24
CA ARG A 61 0.30 -9.26 3.68
C ARG A 61 1.61 -9.09 4.43
N ARG A 62 2.61 -9.89 4.05
CA ARG A 62 3.92 -9.82 4.69
C ARG A 62 4.52 -8.43 4.57
N ALA A 63 4.47 -7.88 3.36
CA ALA A 63 5.01 -6.54 3.10
C ALA A 63 4.33 -5.51 4.00
N LEU A 64 3.02 -5.64 4.16
CA LEU A 64 2.25 -4.71 4.99
C LEU A 64 2.74 -4.74 6.43
N GLU A 65 3.03 -5.94 6.92
CA GLU A 65 3.51 -6.10 8.30
C GLU A 65 4.90 -5.50 8.47
N GLN A 66 5.71 -5.59 7.42
CA GLN A 66 7.07 -5.06 7.46
C GLN A 66 7.08 -3.58 7.12
N LEU A 67 6.03 -3.13 6.42
CA LEU A 67 5.92 -1.73 6.03
C LEU A 67 5.27 -0.91 7.13
N ASN A 68 4.27 -1.49 7.80
CA ASN A 68 3.57 -0.81 8.87
C ASN A 68 4.53 -0.44 10.00
N GLY A 69 4.62 0.86 10.29
CA GLY A 69 5.51 1.32 11.34
C GLY A 69 6.96 1.29 10.92
N PHE A 70 7.21 1.29 9.62
CA PHE A 70 8.57 1.27 9.09
C PHE A 70 9.15 2.68 9.01
N GLU A 71 10.05 3.00 9.94
CA GLU A 71 10.67 4.30 9.98
C GLU A 71 11.58 4.51 8.77
N LEU A 72 11.04 5.17 7.74
CA LEU A 72 11.80 5.43 6.52
C LEU A 72 12.51 6.78 6.61
N ALA A 73 11.73 7.85 6.69
CA ALA A 73 12.29 9.19 6.77
C ALA A 73 12.31 9.69 8.21
N GLY A 74 12.58 8.77 9.14
CA GLY A 74 12.63 9.14 10.55
C GLY A 74 11.35 8.77 11.28
N ARG A 75 10.22 8.87 10.60
CA ARG A 75 8.93 8.55 11.19
C ARG A 75 8.31 7.33 10.52
N PRO A 76 7.45 6.61 11.26
CA PRO A 76 6.77 5.42 10.76
C PRO A 76 5.74 5.74 9.69
N MET A 77 5.78 5.00 8.59
CA MET A 77 4.84 5.21 7.48
C MET A 77 3.53 4.48 7.75
N ARG A 78 2.50 4.82 6.98
CA ARG A 78 1.19 4.20 7.14
C ARG A 78 0.88 3.28 5.96
N VAL A 79 0.62 2.01 6.26
CA VAL A 79 0.31 1.03 5.24
C VAL A 79 -0.94 0.23 5.58
N GLY A 80 -1.81 0.04 4.60
CA GLY A 80 -3.04 -0.70 4.83
C GLY A 80 -3.56 -1.36 3.57
N HIS A 81 -4.47 -2.32 3.73
CA HIS A 81 -5.04 -3.03 2.59
C HIS A 81 -6.01 -2.13 1.82
N VAL A 82 -5.63 -1.77 0.61
CA VAL A 82 -6.45 -0.92 -0.23
C VAL A 82 -7.91 -1.37 -0.22
N THR A 83 -8.72 -0.73 0.61
CA THR A 83 -10.13 -1.07 0.72
C THR A 83 -10.99 -0.16 -0.14
N GLU A 84 -12.02 -0.73 -0.76
CA GLU A 84 -12.92 0.03 -1.62
C GLU A 84 -14.34 0.01 -1.09
N ARG A 85 -14.81 -1.19 -0.75
CA ARG A 85 -16.17 -1.37 -0.23
C ARG A 85 -16.24 -2.56 0.71
N LEU A 86 -16.96 -2.40 1.81
CA LEU A 86 -17.11 -3.46 2.80
C LEU A 86 -18.20 -4.44 2.38
N ASP A 87 -18.11 -5.67 2.87
CA ASP A 87 -19.08 -6.71 2.54
C ASP A 87 -19.77 -7.21 3.80
N GLY A 88 -20.90 -6.59 4.14
CA GLY A 88 -21.63 -6.99 5.34
C GLY A 88 -21.80 -8.50 5.44
N GLY A 89 -20.93 -9.13 6.21
CA GLY A 89 -20.99 -10.58 6.38
C GLY A 89 -21.88 -10.99 7.53
N SER A 90 -23.18 -11.03 7.28
CA SER A 90 -24.14 -11.41 8.31
C SER A 90 -25.26 -12.26 7.72
N GLY A 91 -25.26 -13.54 8.06
CA GLY A 91 -26.28 -14.45 7.56
C GLY A 91 -26.42 -15.69 8.41
N PRO A 92 -26.85 -15.52 9.66
CA PRO A 92 -27.04 -16.63 10.60
C PRO A 92 -28.22 -17.52 10.22
N SER A 93 -28.49 -18.51 11.06
CA SER A 93 -29.59 -19.44 10.80
C SER A 93 -30.09 -20.06 12.11
N SER A 94 -31.32 -20.55 12.09
CA SER A 94 -31.92 -21.17 13.26
C SER A 94 -31.54 -22.64 13.37
N GLY A 95 -30.40 -22.91 14.02
CA GLY A 95 -29.94 -24.27 14.18
C GLY A 95 -30.22 -25.12 12.95
N GLY A 1 -17.37 -17.11 -7.38
CA GLY A 1 -16.41 -17.22 -8.47
C GLY A 1 -15.49 -16.01 -8.56
N SER A 2 -14.90 -15.65 -7.43
CA SER A 2 -14.00 -14.50 -7.37
C SER A 2 -12.85 -14.76 -6.41
N SER A 3 -11.91 -13.82 -6.35
CA SER A 3 -10.75 -13.95 -5.47
C SER A 3 -10.31 -12.58 -4.95
N GLY A 4 -10.09 -12.49 -3.65
CA GLY A 4 -9.67 -11.24 -3.05
C GLY A 4 -8.53 -10.58 -3.81
N SER A 5 -8.82 -9.48 -4.48
CA SER A 5 -7.82 -8.76 -5.26
C SER A 5 -6.78 -8.13 -4.34
N SER A 6 -5.53 -8.13 -4.78
CA SER A 6 -4.43 -7.56 -4.00
C SER A 6 -4.37 -6.04 -4.19
N GLY A 7 -3.68 -5.37 -3.27
CA GLY A 7 -3.56 -3.92 -3.34
C GLY A 7 -3.20 -3.30 -2.01
N LEU A 8 -1.98 -2.80 -1.90
CA LEU A 8 -1.51 -2.17 -0.67
C LEU A 8 -1.49 -0.66 -0.80
N TYR A 9 -1.80 0.03 0.28
CA TYR A 9 -1.81 1.49 0.29
C TYR A 9 -0.68 2.04 1.15
N VAL A 10 0.06 3.00 0.59
CA VAL A 10 1.17 3.61 1.30
C VAL A 10 0.91 5.10 1.55
N GLY A 11 1.18 5.54 2.78
CA GLY A 11 0.96 6.93 3.12
C GLY A 11 1.99 7.46 4.10
N SER A 12 2.06 8.77 4.26
CA SER A 12 3.01 9.39 5.17
C SER A 12 4.43 9.34 4.61
N LEU A 13 4.57 9.70 3.35
CA LEU A 13 5.87 9.68 2.69
C LEU A 13 6.36 11.11 2.43
N HIS A 14 7.65 11.23 2.10
CA HIS A 14 8.24 12.54 1.82
C HIS A 14 8.21 12.84 0.33
N PHE A 15 7.93 14.09 -0.01
CA PHE A 15 7.88 14.51 -1.41
C PHE A 15 9.07 13.96 -2.19
N ASN A 16 10.23 13.92 -1.53
CA ASN A 16 11.45 13.42 -2.16
C ASN A 16 11.26 11.99 -2.65
N ILE A 17 10.54 11.19 -1.87
CA ILE A 17 10.28 9.81 -2.22
C ILE A 17 9.82 9.69 -3.67
N THR A 18 10.33 8.66 -4.36
CA THR A 18 9.98 8.43 -5.75
C THR A 18 9.44 7.01 -5.96
N GLU A 19 8.98 6.73 -7.17
CA GLU A 19 8.44 5.41 -7.50
C GLU A 19 9.51 4.34 -7.34
N ASP A 20 10.74 4.69 -7.70
CA ASP A 20 11.85 3.74 -7.62
C ASP A 20 12.03 3.25 -6.18
N MET A 21 11.76 4.14 -5.22
CA MET A 21 11.89 3.78 -3.81
C MET A 21 10.79 2.81 -3.39
N LEU A 22 9.60 3.00 -3.94
CA LEU A 22 8.47 2.13 -3.61
C LEU A 22 8.67 0.74 -4.21
N ARG A 23 9.15 0.69 -5.44
CA ARG A 23 9.39 -0.59 -6.11
C ARG A 23 10.56 -1.33 -5.47
N GLY A 24 11.60 -0.60 -5.13
CA GLY A 24 12.77 -1.20 -4.51
C GLY A 24 12.47 -1.77 -3.13
N ILE A 25 11.59 -1.10 -2.39
CA ILE A 25 11.23 -1.55 -1.06
C ILE A 25 10.18 -2.65 -1.12
N PHE A 26 9.18 -2.48 -1.98
CA PHE A 26 8.11 -3.46 -2.13
C PHE A 26 8.55 -4.59 -3.06
N GLU A 27 9.76 -4.47 -3.60
CA GLU A 27 10.30 -5.48 -4.50
C GLU A 27 10.63 -6.77 -3.75
N PRO A 28 11.53 -6.66 -2.76
CA PRO A 28 11.95 -7.80 -1.95
C PRO A 28 10.85 -8.28 -1.02
N PHE A 29 9.68 -7.67 -1.11
CA PHE A 29 8.55 -8.04 -0.28
C PHE A 29 7.54 -8.87 -1.07
N GLY A 30 7.26 -8.45 -2.30
CA GLY A 30 6.32 -9.17 -3.13
C GLY A 30 6.29 -8.65 -4.56
N LYS A 31 6.22 -9.57 -5.52
CA LYS A 31 6.19 -9.19 -6.93
C LYS A 31 5.24 -8.03 -7.17
N ILE A 32 5.78 -6.92 -7.66
CA ILE A 32 4.97 -5.74 -7.93
C ILE A 32 4.40 -5.78 -9.35
N ASP A 33 3.11 -5.49 -9.47
CA ASP A 33 2.45 -5.49 -10.77
C ASP A 33 2.43 -4.09 -11.38
N ASN A 34 2.13 -3.09 -10.54
CA ASN A 34 2.08 -1.70 -11.00
C ASN A 34 2.12 -0.74 -9.81
N ILE A 35 2.74 0.41 -10.01
CA ILE A 35 2.85 1.41 -8.96
C ILE A 35 2.38 2.78 -9.46
N VAL A 36 1.54 3.44 -8.67
CA VAL A 36 1.02 4.75 -9.02
C VAL A 36 1.08 5.70 -7.84
N LEU A 37 1.66 6.89 -8.06
CA LEU A 37 1.76 7.89 -7.00
C LEU A 37 0.60 8.87 -7.06
N MET A 38 -0.04 9.07 -5.90
CA MET A 38 -1.18 9.99 -5.82
C MET A 38 -0.71 11.39 -5.43
N LYS A 39 -1.25 12.39 -6.12
CA LYS A 39 -0.90 13.78 -5.86
C LYS A 39 -2.14 14.66 -5.79
N ASP A 40 -2.07 15.72 -4.99
CA ASP A 40 -3.19 16.64 -4.85
C ASP A 40 -3.72 17.09 -6.21
N SER A 41 -4.70 17.97 -6.19
CA SER A 41 -5.29 18.48 -7.43
C SER A 41 -4.83 19.90 -7.71
N ASP A 42 -5.11 20.80 -6.76
CA ASP A 42 -4.72 22.20 -6.90
C ASP A 42 -3.21 22.34 -6.98
N THR A 43 -2.52 21.86 -5.95
CA THR A 43 -1.06 21.94 -5.90
C THR A 43 -0.42 20.95 -6.87
N GLY A 44 -0.98 19.75 -6.93
CA GLY A 44 -0.46 18.73 -7.83
C GLY A 44 0.85 18.14 -7.34
N ARG A 45 1.12 18.33 -6.05
CA ARG A 45 2.35 17.81 -5.45
C ARG A 45 2.10 16.49 -4.73
N SER A 46 3.17 15.75 -4.48
CA SER A 46 3.07 14.45 -3.80
C SER A 46 2.88 14.65 -2.30
N LYS A 47 1.63 14.51 -1.85
CA LYS A 47 1.31 14.66 -0.43
C LYS A 47 2.10 13.66 0.41
N GLY A 48 2.29 12.47 -0.13
CA GLY A 48 3.02 11.43 0.58
C GLY A 48 2.26 10.12 0.65
N TYR A 49 1.61 9.76 -0.46
CA TYR A 49 0.85 8.52 -0.52
C TYR A 49 0.82 7.98 -1.94
N GLY A 50 0.57 6.67 -2.06
CA GLY A 50 0.52 6.04 -3.37
C GLY A 50 -0.15 4.68 -3.33
N PHE A 51 -0.43 4.13 -4.50
CA PHE A 51 -1.08 2.83 -4.60
C PHE A 51 -0.13 1.80 -5.22
N ILE A 52 -0.13 0.59 -4.66
CA ILE A 52 0.72 -0.47 -5.16
C ILE A 52 -0.03 -1.79 -5.22
N THR A 53 0.09 -2.49 -6.35
CA THR A 53 -0.59 -3.77 -6.54
C THR A 53 0.42 -4.90 -6.64
N PHE A 54 0.20 -5.95 -5.85
CA PHE A 54 1.08 -7.11 -5.84
C PHE A 54 0.51 -8.24 -6.70
N SER A 55 1.32 -9.27 -6.92
CA SER A 55 0.89 -10.41 -7.72
C SER A 55 0.16 -11.44 -6.87
N ASP A 56 0.66 -11.66 -5.66
CA ASP A 56 0.06 -12.61 -4.74
C ASP A 56 -0.46 -11.91 -3.49
N SER A 57 -1.61 -12.36 -3.01
CA SER A 57 -2.23 -11.77 -1.82
C SER A 57 -1.35 -11.98 -0.59
N GLU A 58 -0.78 -13.17 -0.48
CA GLU A 58 0.09 -13.50 0.64
C GLU A 58 1.30 -12.56 0.69
N CYS A 59 1.90 -12.34 -0.47
CA CYS A 59 3.07 -11.46 -0.56
C CYS A 59 2.74 -10.06 -0.08
N ALA A 60 1.56 -9.57 -0.46
CA ALA A 60 1.13 -8.24 -0.07
C ALA A 60 0.96 -8.14 1.45
N ARG A 61 0.45 -9.21 2.05
CA ARG A 61 0.23 -9.24 3.49
C ARG A 61 1.55 -9.09 4.25
N ARG A 62 2.54 -9.87 3.85
CA ARG A 62 3.86 -9.82 4.48
C ARG A 62 4.44 -8.42 4.40
N ALA A 63 4.44 -7.84 3.21
CA ALA A 63 4.97 -6.50 3.00
C ALA A 63 4.26 -5.48 3.88
N LEU A 64 2.96 -5.69 4.08
CA LEU A 64 2.16 -4.79 4.91
C LEU A 64 2.63 -4.82 6.36
N GLU A 65 2.95 -6.01 6.85
CA GLU A 65 3.41 -6.18 8.22
C GLU A 65 4.79 -5.56 8.42
N GLN A 66 5.66 -5.79 7.44
CA GLN A 66 7.02 -5.26 7.51
C GLN A 66 7.02 -3.75 7.28
N LEU A 67 6.17 -3.30 6.37
CA LEU A 67 6.07 -1.87 6.07
C LEU A 67 5.38 -1.11 7.19
N ASN A 68 4.26 -1.65 7.66
CA ASN A 68 3.50 -1.02 8.74
C ASN A 68 4.44 -0.56 9.85
N GLY A 69 4.62 0.75 9.95
CA GLY A 69 5.48 1.30 10.98
C GLY A 69 6.95 1.17 10.63
N PHE A 70 7.28 1.37 9.36
CA PHE A 70 8.65 1.27 8.90
C PHE A 70 9.28 2.65 8.74
N GLU A 71 10.03 3.09 9.75
CA GLU A 71 10.68 4.38 9.71
C GLU A 71 11.32 4.64 8.35
N LEU A 72 10.59 5.29 7.47
CA LEU A 72 11.09 5.59 6.13
C LEU A 72 11.98 6.84 6.15
N ALA A 73 11.44 7.94 6.64
CA ALA A 73 12.19 9.20 6.72
C ALA A 73 12.10 9.80 8.12
N GLY A 74 12.79 9.18 9.06
CA GLY A 74 12.78 9.68 10.42
C GLY A 74 11.57 9.20 11.21
N ARG A 75 10.43 9.09 10.52
CA ARG A 75 9.20 8.64 11.15
C ARG A 75 8.60 7.46 10.40
N PRO A 76 7.81 6.64 11.12
CA PRO A 76 7.16 5.46 10.54
C PRO A 76 6.06 5.83 9.55
N MET A 77 6.02 5.12 8.43
CA MET A 77 5.02 5.38 7.41
C MET A 77 3.74 4.59 7.68
N ARG A 78 2.66 4.94 6.99
CA ARG A 78 1.38 4.26 7.17
C ARG A 78 1.14 3.26 6.04
N VAL A 79 0.81 2.03 6.40
CA VAL A 79 0.55 0.99 5.42
C VAL A 79 -0.74 0.24 5.75
N GLY A 80 -1.62 0.13 4.75
CA GLY A 80 -2.88 -0.57 4.95
C GLY A 80 -3.48 -1.07 3.65
N HIS A 81 -4.36 -2.05 3.74
CA HIS A 81 -5.01 -2.62 2.56
C HIS A 81 -6.13 -1.70 2.07
N VAL A 82 -6.05 -1.32 0.80
CA VAL A 82 -7.05 -0.45 0.21
C VAL A 82 -8.45 -1.00 0.41
N THR A 83 -8.61 -2.29 0.11
CA THR A 83 -9.91 -2.95 0.25
C THR A 83 -9.86 -4.01 1.35
N GLU A 84 -10.95 -4.10 2.12
CA GLU A 84 -11.04 -5.07 3.20
C GLU A 84 -12.49 -5.34 3.58
N ARG A 85 -12.76 -6.55 4.04
CA ARG A 85 -14.11 -6.93 4.43
C ARG A 85 -14.34 -6.66 5.93
N LEU A 86 -13.50 -7.27 6.76
CA LEU A 86 -13.61 -7.11 8.20
C LEU A 86 -12.23 -6.95 8.84
N ASP A 87 -12.05 -5.89 9.62
CA ASP A 87 -10.78 -5.62 10.28
C ASP A 87 -10.29 -6.86 11.03
N GLY A 88 -9.11 -7.33 10.66
CA GLY A 88 -8.54 -8.51 11.31
C GLY A 88 -7.97 -9.50 10.30
N GLY A 89 -8.85 -10.26 9.65
CA GLY A 89 -8.40 -11.24 8.68
C GLY A 89 -7.65 -12.39 9.31
N SER A 90 -7.85 -13.59 8.77
CA SER A 90 -7.19 -14.77 9.30
C SER A 90 -6.39 -15.48 8.21
N GLY A 91 -5.58 -16.46 8.61
CA GLY A 91 -4.78 -17.19 7.66
C GLY A 91 -5.58 -18.26 6.92
N PRO A 92 -5.29 -18.41 5.62
CA PRO A 92 -5.98 -19.40 4.77
C PRO A 92 -5.60 -20.83 5.12
N SER A 93 -4.78 -20.98 6.15
CA SER A 93 -4.34 -22.30 6.60
C SER A 93 -3.52 -22.99 5.50
N SER A 94 -2.75 -22.20 4.76
CA SER A 94 -1.93 -22.74 3.69
C SER A 94 -1.02 -23.85 4.20
N GLY A 95 -0.26 -23.56 5.26
CA GLY A 95 0.63 -24.55 5.83
C GLY A 95 2.08 -24.15 5.70
N GLY A 1 -10.91 -20.20 -1.15
CA GLY A 1 -11.83 -19.09 -1.39
C GLY A 1 -11.24 -17.75 -1.00
N SER A 2 -12.10 -16.84 -0.56
CA SER A 2 -11.66 -15.51 -0.15
C SER A 2 -10.78 -14.89 -1.23
N SER A 3 -11.20 -15.03 -2.48
CA SER A 3 -10.45 -14.49 -3.61
C SER A 3 -10.69 -12.99 -3.74
N GLY A 4 -9.63 -12.26 -4.06
CA GLY A 4 -9.74 -10.82 -4.21
C GLY A 4 -8.48 -10.19 -4.79
N SER A 5 -8.55 -8.90 -5.09
CA SER A 5 -7.41 -8.19 -5.65
C SER A 5 -6.36 -7.92 -4.59
N SER A 6 -5.09 -7.85 -5.01
CA SER A 6 -3.99 -7.61 -4.09
C SER A 6 -3.45 -6.18 -4.26
N GLY A 7 -3.95 -5.27 -3.45
CA GLY A 7 -3.50 -3.88 -3.52
C GLY A 7 -3.20 -3.29 -2.16
N LEU A 8 -2.06 -2.62 -2.05
CA LEU A 8 -1.65 -2.02 -0.78
C LEU A 8 -1.60 -0.49 -0.91
N TYR A 9 -1.95 0.20 0.17
CA TYR A 9 -1.95 1.65 0.19
C TYR A 9 -0.85 2.19 1.09
N VAL A 10 -0.10 3.17 0.60
CA VAL A 10 0.98 3.77 1.37
C VAL A 10 0.73 5.26 1.60
N GLY A 11 0.96 5.70 2.83
CA GLY A 11 0.75 7.10 3.17
C GLY A 11 1.78 7.61 4.17
N SER A 12 1.89 8.93 4.28
CA SER A 12 2.83 9.54 5.20
C SER A 12 4.25 9.43 4.67
N LEU A 13 4.44 9.75 3.41
CA LEU A 13 5.75 9.68 2.78
C LEU A 13 6.29 11.08 2.50
N HIS A 14 7.57 11.16 2.11
CA HIS A 14 8.20 12.43 1.82
C HIS A 14 8.23 12.68 0.31
N PHE A 15 7.94 13.91 -0.09
CA PHE A 15 7.93 14.28 -1.50
C PHE A 15 9.06 13.58 -2.25
N ASN A 16 10.29 13.79 -1.79
CA ASN A 16 11.46 13.18 -2.42
C ASN A 16 11.14 11.77 -2.89
N ILE A 17 10.43 11.02 -2.06
CA ILE A 17 10.05 9.65 -2.39
C ILE A 17 9.50 9.55 -3.80
N THR A 18 10.02 8.61 -4.58
CA THR A 18 9.58 8.42 -5.95
C THR A 18 9.10 6.99 -6.18
N GLU A 19 8.74 6.68 -7.42
CA GLU A 19 8.26 5.35 -7.77
C GLU A 19 9.33 4.29 -7.51
N ASP A 20 10.57 4.62 -7.86
CA ASP A 20 11.69 3.70 -7.66
C ASP A 20 11.84 3.35 -6.19
N MET A 21 11.47 4.28 -5.31
CA MET A 21 11.57 4.07 -3.88
C MET A 21 10.53 3.06 -3.40
N LEU A 22 9.30 3.22 -3.89
CA LEU A 22 8.21 2.33 -3.51
C LEU A 22 8.43 0.92 -4.06
N ARG A 23 8.86 0.86 -5.32
CA ARG A 23 9.12 -0.42 -5.98
C ARG A 23 10.28 -1.13 -5.34
N GLY A 24 11.36 -0.39 -5.06
CA GLY A 24 12.53 -0.98 -4.44
C GLY A 24 12.24 -1.56 -3.08
N ILE A 25 11.40 -0.86 -2.30
CA ILE A 25 11.04 -1.32 -0.97
C ILE A 25 10.03 -2.46 -1.03
N PHE A 26 9.06 -2.34 -1.93
CA PHE A 26 8.04 -3.36 -2.08
C PHE A 26 8.50 -4.45 -3.04
N GLU A 27 9.67 -4.25 -3.64
CA GLU A 27 10.22 -5.21 -4.59
C GLU A 27 10.61 -6.51 -3.87
N PRO A 28 11.49 -6.38 -2.88
CA PRO A 28 11.96 -7.53 -2.10
C PRO A 28 10.87 -8.10 -1.19
N PHE A 29 9.68 -7.54 -1.28
CA PHE A 29 8.55 -7.99 -0.48
C PHE A 29 7.57 -8.80 -1.31
N GLY A 30 7.57 -8.56 -2.62
CA GLY A 30 6.67 -9.27 -3.50
C GLY A 30 6.66 -8.69 -4.91
N LYS A 31 6.23 -9.50 -5.88
CA LYS A 31 6.17 -9.06 -7.26
C LYS A 31 5.21 -7.90 -7.43
N ILE A 32 5.73 -6.75 -7.85
CA ILE A 32 4.90 -5.56 -8.06
C ILE A 32 4.37 -5.49 -9.48
N ASP A 33 3.06 -5.61 -9.62
CA ASP A 33 2.43 -5.56 -10.93
C ASP A 33 2.50 -4.15 -11.53
N ASN A 34 2.24 -3.16 -10.68
CA ASN A 34 2.27 -1.77 -11.12
C ASN A 34 2.24 -0.82 -9.92
N ILE A 35 2.79 0.37 -10.09
CA ILE A 35 2.82 1.37 -9.03
C ILE A 35 2.37 2.73 -9.54
N VAL A 36 1.42 3.34 -8.85
CA VAL A 36 0.91 4.65 -9.23
C VAL A 36 0.95 5.62 -8.06
N LEU A 37 1.54 6.80 -8.29
CA LEU A 37 1.65 7.81 -7.25
C LEU A 37 0.52 8.83 -7.37
N MET A 38 -0.08 9.19 -6.23
CA MET A 38 -1.17 10.15 -6.21
C MET A 38 -0.65 11.54 -5.89
N LYS A 39 -1.09 12.53 -6.66
CA LYS A 39 -0.67 13.91 -6.45
C LYS A 39 -1.86 14.85 -6.50
N ASP A 40 -1.76 15.98 -5.81
CA ASP A 40 -2.82 16.97 -5.77
C ASP A 40 -3.02 17.61 -7.15
N SER A 41 -4.09 18.38 -7.28
CA SER A 41 -4.39 19.05 -8.55
C SER A 41 -4.05 20.53 -8.48
N ASP A 42 -4.36 21.16 -7.35
CA ASP A 42 -4.08 22.57 -7.16
C ASP A 42 -2.58 22.85 -7.24
N THR A 43 -1.79 21.97 -6.64
CA THR A 43 -0.34 22.11 -6.64
C THR A 43 0.33 21.02 -7.47
N GLY A 44 0.08 19.77 -7.10
CA GLY A 44 0.67 18.65 -7.81
C GLY A 44 1.91 18.11 -7.13
N ARG A 45 2.07 18.43 -5.86
CA ARG A 45 3.23 17.97 -5.10
C ARG A 45 2.90 16.70 -4.31
N SER A 46 3.52 15.59 -4.69
CA SER A 46 3.29 14.32 -4.03
C SER A 46 3.20 14.50 -2.52
N LYS A 47 1.99 14.37 -1.98
CA LYS A 47 1.76 14.51 -0.55
C LYS A 47 2.57 13.49 0.24
N GLY A 48 2.64 12.27 -0.29
CA GLY A 48 3.39 11.22 0.37
C GLY A 48 2.61 9.92 0.45
N TYR A 49 1.88 9.60 -0.62
CA TYR A 49 1.10 8.38 -0.66
C TYR A 49 0.98 7.85 -2.10
N GLY A 50 0.65 6.57 -2.23
CA GLY A 50 0.52 5.98 -3.54
C GLY A 50 -0.15 4.62 -3.50
N PHE A 51 -0.47 4.07 -4.67
CA PHE A 51 -1.11 2.77 -4.76
C PHE A 51 -0.19 1.74 -5.40
N ILE A 52 -0.19 0.53 -4.85
CA ILE A 52 0.64 -0.54 -5.37
C ILE A 52 -0.13 -1.86 -5.47
N THR A 53 0.09 -2.58 -6.56
CA THR A 53 -0.59 -3.86 -6.77
C THR A 53 0.42 -5.01 -6.85
N PHE A 54 0.25 -5.99 -5.98
CA PHE A 54 1.14 -7.14 -5.96
C PHE A 54 0.60 -8.27 -6.84
N SER A 55 1.31 -9.40 -6.86
CA SER A 55 0.90 -10.54 -7.66
C SER A 55 0.28 -11.62 -6.80
N ASP A 56 0.61 -11.61 -5.50
CA ASP A 56 0.09 -12.59 -4.56
C ASP A 56 -0.41 -11.91 -3.29
N SER A 57 -1.59 -12.32 -2.84
CA SER A 57 -2.18 -11.75 -1.63
C SER A 57 -1.30 -12.00 -0.41
N GLU A 58 -0.68 -13.17 -0.38
CA GLU A 58 0.21 -13.54 0.73
C GLU A 58 1.41 -12.61 0.80
N CYS A 59 2.00 -12.33 -0.36
CA CYS A 59 3.17 -11.45 -0.44
C CYS A 59 2.83 -10.05 0.05
N ALA A 60 1.63 -9.57 -0.32
CA ALA A 60 1.19 -8.25 0.09
C ALA A 60 1.03 -8.16 1.61
N ARG A 61 0.47 -9.21 2.20
CA ARG A 61 0.26 -9.25 3.64
C ARG A 61 1.59 -9.13 4.39
N ARG A 62 2.57 -9.92 3.99
CA ARG A 62 3.89 -9.90 4.62
C ARG A 62 4.50 -8.51 4.53
N ALA A 63 4.53 -7.95 3.32
CA ALA A 63 5.09 -6.62 3.10
C ALA A 63 4.41 -5.59 3.99
N LEU A 64 3.09 -5.71 4.16
CA LEU A 64 2.33 -4.79 4.99
C LEU A 64 2.80 -4.84 6.44
N GLU A 65 3.09 -6.05 6.92
CA GLU A 65 3.54 -6.24 8.29
C GLU A 65 4.93 -5.63 8.49
N GLN A 66 5.76 -5.71 7.45
CA GLN A 66 7.12 -5.17 7.52
C GLN A 66 7.12 -3.68 7.18
N LEU A 67 6.13 -3.24 6.42
CA LEU A 67 6.01 -1.85 6.04
C LEU A 67 5.36 -1.02 7.15
N ASN A 68 4.33 -1.59 7.77
CA ASN A 68 3.63 -0.91 8.85
C ASN A 68 4.58 -0.59 10.01
N GLY A 69 4.76 0.69 10.30
CA GLY A 69 5.63 1.10 11.37
C GLY A 69 7.09 1.04 10.98
N PHE A 70 7.37 1.19 9.70
CA PHE A 70 8.74 1.14 9.20
C PHE A 70 9.32 2.55 9.06
N GLU A 71 10.18 2.92 10.01
CA GLU A 71 10.80 4.23 10.01
C GLU A 71 11.56 4.48 8.71
N LEU A 72 10.91 5.18 7.78
CA LEU A 72 11.52 5.48 6.49
C LEU A 72 12.34 6.76 6.55
N ALA A 73 11.70 7.84 7.00
CA ALA A 73 12.38 9.13 7.12
C ALA A 73 12.36 9.63 8.56
N GLY A 74 12.86 8.80 9.47
CA GLY A 74 12.89 9.17 10.88
C GLY A 74 11.64 8.76 11.62
N ARG A 75 10.50 8.85 10.94
CA ARG A 75 9.22 8.49 11.55
C ARG A 75 8.58 7.32 10.80
N PRO A 76 7.70 6.58 11.50
CA PRO A 76 7.01 5.43 10.92
C PRO A 76 5.98 5.83 9.86
N MET A 77 5.92 5.06 8.79
CA MET A 77 4.98 5.34 7.71
C MET A 77 3.66 4.61 7.93
N ARG A 78 2.62 5.04 7.23
CA ARG A 78 1.31 4.42 7.34
C ARG A 78 1.05 3.45 6.20
N VAL A 79 0.78 2.19 6.54
CA VAL A 79 0.52 1.18 5.53
C VAL A 79 -0.76 0.42 5.85
N GLY A 80 -1.65 0.32 4.85
CA GLY A 80 -2.90 -0.38 5.04
C GLY A 80 -3.43 -0.99 3.75
N HIS A 81 -4.35 -1.93 3.88
CA HIS A 81 -4.93 -2.60 2.71
C HIS A 81 -5.94 -1.68 2.02
N VAL A 82 -5.71 -1.43 0.74
CA VAL A 82 -6.61 -0.58 -0.04
C VAL A 82 -8.06 -1.03 0.08
N THR A 83 -8.79 -0.42 1.02
CA THR A 83 -10.18 -0.76 1.24
C THR A 83 -11.06 -0.24 0.11
N GLU A 84 -11.98 -1.09 -0.36
CA GLU A 84 -12.88 -0.71 -1.44
C GLU A 84 -14.31 -0.54 -0.91
N ARG A 85 -14.83 0.68 -1.06
CA ARG A 85 -16.18 0.99 -0.59
C ARG A 85 -17.11 1.23 -1.78
N LEU A 86 -18.03 0.31 -2.00
CA LEU A 86 -18.99 0.42 -3.10
C LEU A 86 -20.23 -0.41 -2.83
N ASP A 87 -21.23 -0.29 -3.71
CA ASP A 87 -22.47 -1.04 -3.56
C ASP A 87 -22.74 -1.88 -4.80
N GLY A 88 -22.82 -3.20 -4.61
CA GLY A 88 -23.06 -4.10 -5.72
C GLY A 88 -22.22 -5.37 -5.63
N GLY A 89 -22.89 -6.50 -5.46
CA GLY A 89 -22.18 -7.77 -5.36
C GLY A 89 -21.84 -8.34 -6.73
N SER A 90 -20.56 -8.26 -7.08
CA SER A 90 -20.09 -8.78 -8.36
C SER A 90 -20.24 -10.29 -8.43
N GLY A 91 -19.77 -10.98 -7.40
CA GLY A 91 -19.86 -12.42 -7.36
C GLY A 91 -21.24 -12.90 -6.94
N PRO A 92 -21.67 -14.05 -7.51
CA PRO A 92 -22.97 -14.64 -7.20
C PRO A 92 -23.04 -15.19 -5.78
N SER A 93 -23.53 -14.38 -4.85
CA SER A 93 -23.66 -14.79 -3.46
C SER A 93 -24.56 -13.84 -2.70
N SER A 94 -24.91 -14.21 -1.47
CA SER A 94 -25.77 -13.39 -0.62
C SER A 94 -25.47 -11.91 -0.82
N GLY A 95 -26.53 -11.10 -0.87
CA GLY A 95 -26.36 -9.67 -1.05
C GLY A 95 -26.96 -8.86 0.09
N GLY A 1 -16.50 -0.09 -11.44
CA GLY A 1 -15.65 -0.46 -10.33
C GLY A 1 -14.20 -0.60 -10.73
N SER A 2 -13.30 -0.60 -9.76
CA SER A 2 -11.87 -0.73 -10.01
C SER A 2 -11.30 -1.97 -9.34
N SER A 3 -10.67 -2.82 -10.13
CA SER A 3 -10.08 -4.05 -9.61
C SER A 3 -9.02 -3.74 -8.56
N GLY A 4 -8.48 -4.80 -7.94
CA GLY A 4 -7.48 -4.62 -6.93
C GLY A 4 -7.07 -5.93 -6.27
N SER A 5 -6.13 -6.63 -6.89
CA SER A 5 -5.66 -7.91 -6.37
C SER A 5 -4.57 -7.71 -5.32
N SER A 6 -4.86 -8.09 -4.09
CA SER A 6 -3.91 -7.94 -3.00
C SER A 6 -3.24 -6.57 -3.04
N GLY A 7 -4.03 -5.54 -3.33
CA GLY A 7 -3.50 -4.19 -3.39
C GLY A 7 -3.10 -3.67 -2.03
N LEU A 8 -2.17 -2.73 -2.02
CA LEU A 8 -1.69 -2.13 -0.77
C LEU A 8 -1.62 -0.61 -0.89
N TYR A 9 -1.93 0.07 0.21
CA TYR A 9 -1.90 1.53 0.24
C TYR A 9 -0.81 2.03 1.16
N VAL A 10 -0.11 3.09 0.73
CA VAL A 10 0.97 3.66 1.51
C VAL A 10 0.77 5.17 1.68
N GLY A 11 0.97 5.64 2.91
CA GLY A 11 0.81 7.06 3.19
C GLY A 11 1.79 7.57 4.22
N SER A 12 1.91 8.88 4.32
CA SER A 12 2.84 9.49 5.27
C SER A 12 4.28 9.34 4.80
N LEU A 13 4.51 9.63 3.53
CA LEU A 13 5.84 9.53 2.95
C LEU A 13 6.43 10.92 2.67
N HIS A 14 7.69 10.95 2.24
CA HIS A 14 8.36 12.20 1.93
C HIS A 14 8.25 12.53 0.45
N PHE A 15 7.75 13.72 0.14
CA PHE A 15 7.60 14.16 -1.24
C PHE A 15 8.79 13.70 -2.09
N ASN A 16 9.99 13.98 -1.60
CA ASN A 16 11.21 13.60 -2.32
C ASN A 16 11.09 12.18 -2.87
N ILE A 17 10.70 11.25 -2.00
CA ILE A 17 10.55 9.86 -2.40
C ILE A 17 9.97 9.74 -3.80
N THR A 18 10.50 8.80 -4.57
CA THR A 18 10.04 8.58 -5.95
C THR A 18 9.51 7.17 -6.12
N GLU A 19 8.97 6.89 -7.31
CA GLU A 19 8.41 5.58 -7.61
C GLU A 19 9.49 4.50 -7.52
N ASP A 20 10.73 4.88 -7.82
CA ASP A 20 11.85 3.94 -7.77
C ASP A 20 12.07 3.45 -6.34
N MET A 21 11.86 4.33 -5.37
CA MET A 21 12.03 3.98 -3.97
C MET A 21 10.93 3.05 -3.49
N LEU A 22 9.71 3.32 -3.95
CA LEU A 22 8.56 2.50 -3.57
C LEU A 22 8.65 1.10 -4.17
N ARG A 23 9.11 1.03 -5.42
CA ARG A 23 9.27 -0.25 -6.10
C ARG A 23 10.41 -1.06 -5.50
N GLY A 24 11.48 -0.37 -5.12
CA GLY A 24 12.63 -1.04 -4.53
C GLY A 24 12.32 -1.62 -3.17
N ILE A 25 11.50 -0.92 -2.39
CA ILE A 25 11.13 -1.38 -1.06
C ILE A 25 10.09 -2.48 -1.12
N PHE A 26 9.11 -2.33 -2.00
CA PHE A 26 8.05 -3.32 -2.16
C PHE A 26 8.50 -4.44 -3.10
N GLU A 27 9.68 -4.29 -3.66
CA GLU A 27 10.22 -5.29 -4.58
C GLU A 27 10.59 -6.57 -3.83
N PRO A 28 11.47 -6.45 -2.85
CA PRO A 28 11.92 -7.59 -2.03
C PRO A 28 10.82 -8.12 -1.12
N PHE A 29 9.64 -7.52 -1.22
CA PHE A 29 8.50 -7.93 -0.40
C PHE A 29 7.51 -8.76 -1.21
N GLY A 30 7.35 -8.40 -2.48
CA GLY A 30 6.44 -9.12 -3.35
C GLY A 30 6.46 -8.60 -4.77
N LYS A 31 5.99 -9.42 -5.71
CA LYS A 31 5.96 -9.04 -7.12
C LYS A 31 5.10 -7.80 -7.33
N ILE A 32 5.70 -6.74 -7.85
CA ILE A 32 4.98 -5.49 -8.10
C ILE A 32 4.39 -5.47 -9.51
N ASP A 33 3.06 -5.48 -9.58
CA ASP A 33 2.38 -5.46 -10.87
C ASP A 33 2.39 -4.05 -11.47
N ASN A 34 2.19 -3.05 -10.62
CA ASN A 34 2.18 -1.67 -11.07
C ASN A 34 2.21 -0.71 -9.88
N ILE A 35 2.85 0.44 -10.07
CA ILE A 35 2.95 1.44 -9.01
C ILE A 35 2.51 2.81 -9.50
N VAL A 36 1.68 3.48 -8.72
CA VAL A 36 1.17 4.81 -9.08
C VAL A 36 1.26 5.76 -7.90
N LEU A 37 1.68 6.99 -8.16
CA LEU A 37 1.80 8.01 -7.11
C LEU A 37 0.65 9.00 -7.19
N MET A 38 0.03 9.29 -6.04
CA MET A 38 -1.07 10.22 -5.98
C MET A 38 -0.58 11.64 -5.70
N LYS A 39 -0.88 12.55 -6.62
CA LYS A 39 -0.45 13.95 -6.47
C LYS A 39 -1.63 14.89 -6.64
N ASP A 40 -1.65 15.96 -5.84
CA ASP A 40 -2.72 16.95 -5.91
C ASP A 40 -2.69 17.71 -7.23
N SER A 41 -3.63 18.62 -7.40
CA SER A 41 -3.71 19.43 -8.61
C SER A 41 -3.41 20.90 -8.32
N ASP A 42 -4.13 21.46 -7.36
CA ASP A 42 -3.94 22.85 -6.98
C ASP A 42 -2.53 23.09 -6.45
N THR A 43 -2.04 22.14 -5.65
CA THR A 43 -0.71 22.25 -5.08
C THR A 43 0.32 21.51 -5.94
N GLY A 44 -0.06 20.33 -6.40
CA GLY A 44 0.84 19.54 -7.22
C GLY A 44 2.05 19.04 -6.46
N ARG A 45 1.89 18.92 -5.14
CA ARG A 45 2.98 18.46 -4.29
C ARG A 45 2.62 17.12 -3.63
N SER A 46 3.19 16.04 -4.15
CA SER A 46 2.93 14.71 -3.62
C SER A 46 2.73 14.76 -2.10
N LYS A 47 1.49 14.56 -1.67
CA LYS A 47 1.17 14.58 -0.24
C LYS A 47 2.06 13.63 0.53
N GLY A 48 2.29 12.44 -0.03
CA GLY A 48 3.12 11.45 0.62
C GLY A 48 2.48 10.08 0.68
N TYR A 49 1.73 9.74 -0.37
CA TYR A 49 1.04 8.45 -0.42
C TYR A 49 1.02 7.91 -1.85
N GLY A 50 0.78 6.61 -1.99
CA GLY A 50 0.72 6.00 -3.30
C GLY A 50 0.00 4.66 -3.29
N PHE A 51 -0.24 4.11 -4.47
CA PHE A 51 -0.92 2.83 -4.59
C PHE A 51 -0.02 1.80 -5.28
N ILE A 52 -0.02 0.59 -4.74
CA ILE A 52 0.80 -0.49 -5.30
C ILE A 52 0.02 -1.79 -5.37
N THR A 53 0.18 -2.52 -6.48
CA THR A 53 -0.51 -3.77 -6.68
C THR A 53 0.46 -4.94 -6.68
N PHE A 54 0.18 -5.95 -5.87
CA PHE A 54 1.04 -7.14 -5.78
C PHE A 54 0.44 -8.30 -6.58
N SER A 55 1.22 -9.37 -6.73
CA SER A 55 0.78 -10.54 -7.46
C SER A 55 0.70 -11.75 -6.54
N ASP A 56 0.35 -11.51 -5.28
CA ASP A 56 0.24 -12.58 -4.30
C ASP A 56 -0.34 -12.06 -2.99
N SER A 57 -1.43 -12.69 -2.54
CA SER A 57 -2.08 -12.28 -1.30
C SER A 57 -1.15 -12.46 -0.11
N GLU A 58 -0.41 -13.57 -0.11
CA GLU A 58 0.52 -13.86 0.98
C GLU A 58 1.67 -12.86 0.99
N CYS A 59 2.20 -12.55 -0.19
CA CYS A 59 3.30 -11.60 -0.30
C CYS A 59 2.87 -10.21 0.13
N ALA A 60 1.67 -9.80 -0.29
CA ALA A 60 1.15 -8.49 0.05
C ALA A 60 0.96 -8.35 1.56
N ARG A 61 0.41 -9.39 2.18
CA ARG A 61 0.18 -9.38 3.62
C ARG A 61 1.49 -9.19 4.38
N ARG A 62 2.51 -9.97 4.01
CA ARG A 62 3.81 -9.88 4.66
C ARG A 62 4.38 -8.48 4.55
N ALA A 63 4.40 -7.95 3.33
CA ALA A 63 4.92 -6.61 3.09
C ALA A 63 4.21 -5.57 3.96
N LEU A 64 2.91 -5.74 4.12
CA LEU A 64 2.12 -4.83 4.95
C LEU A 64 2.56 -4.86 6.40
N GLU A 65 2.87 -6.06 6.88
CA GLU A 65 3.32 -6.24 8.26
C GLU A 65 4.70 -5.63 8.47
N GLN A 66 5.54 -5.71 7.44
CA GLN A 66 6.89 -5.17 7.52
C GLN A 66 6.89 -3.68 7.19
N LEU A 67 5.91 -3.25 6.40
CA LEU A 67 5.81 -1.84 6.02
C LEU A 67 5.14 -1.02 7.12
N ASN A 68 4.03 -1.54 7.65
CA ASN A 68 3.30 -0.86 8.70
C ASN A 68 4.23 -0.51 9.87
N GLY A 69 4.43 0.78 10.10
CA GLY A 69 5.29 1.22 11.18
C GLY A 69 6.77 1.11 10.84
N PHE A 70 7.09 1.34 9.57
CA PHE A 70 8.47 1.27 9.11
C PHE A 70 9.05 2.67 8.89
N GLU A 71 10.15 2.95 9.59
CA GLU A 71 10.81 4.25 9.48
C GLU A 71 11.61 4.34 8.19
N LEU A 72 11.16 5.20 7.28
CA LEU A 72 11.83 5.39 5.99
C LEU A 72 12.82 6.55 6.06
N ALA A 73 12.30 7.74 6.35
CA ALA A 73 13.13 8.93 6.45
C ALA A 73 13.37 9.32 7.91
N GLY A 74 12.49 8.85 8.79
CA GLY A 74 12.63 9.15 10.21
C GLY A 74 11.41 8.74 11.01
N ARG A 75 10.23 8.85 10.39
CA ARG A 75 8.99 8.49 11.06
C ARG A 75 8.36 7.27 10.39
N PRO A 76 7.58 6.51 11.18
CA PRO A 76 6.90 5.30 10.68
C PRO A 76 5.76 5.63 9.72
N MET A 77 5.87 5.12 8.49
CA MET A 77 4.84 5.36 7.49
C MET A 77 3.57 4.58 7.80
N ARG A 78 2.50 4.90 7.09
CA ARG A 78 1.22 4.22 7.28
C ARG A 78 0.86 3.37 6.08
N VAL A 79 0.61 2.08 6.32
CA VAL A 79 0.25 1.15 5.26
C VAL A 79 -0.98 0.34 5.62
N GLY A 80 -1.96 0.30 4.71
CA GLY A 80 -3.18 -0.44 4.97
C GLY A 80 -3.69 -1.14 3.71
N HIS A 81 -4.58 -2.10 3.91
CA HIS A 81 -5.15 -2.86 2.80
C HIS A 81 -6.18 -2.02 2.06
N VAL A 82 -5.77 -1.41 0.95
CA VAL A 82 -6.67 -0.58 0.15
C VAL A 82 -8.06 -1.20 0.05
N THR A 83 -8.11 -2.52 0.12
CA THR A 83 -9.37 -3.26 0.04
C THR A 83 -10.14 -3.17 1.35
N GLU A 84 -11.34 -2.62 1.30
CA GLU A 84 -12.17 -2.48 2.48
C GLU A 84 -13.29 -3.51 2.49
N ARG A 85 -13.59 -4.06 3.66
CA ARG A 85 -14.64 -5.06 3.79
C ARG A 85 -15.79 -4.53 4.64
N LEU A 86 -17.02 -4.71 4.14
CA LEU A 86 -18.20 -4.25 4.85
C LEU A 86 -19.17 -5.41 5.10
N ASP A 87 -19.48 -5.65 6.36
CA ASP A 87 -20.39 -6.72 6.74
C ASP A 87 -21.76 -6.15 7.15
N GLY A 88 -22.82 -6.85 6.76
CA GLY A 88 -24.16 -6.40 7.09
C GLY A 88 -25.02 -7.51 7.64
N GLY A 89 -25.24 -7.51 8.95
CA GLY A 89 -26.05 -8.54 9.58
C GLY A 89 -26.10 -8.40 11.08
N SER A 90 -27.32 -8.24 11.62
CA SER A 90 -27.50 -8.08 13.06
C SER A 90 -27.53 -9.44 13.75
N GLY A 91 -27.31 -9.44 15.06
CA GLY A 91 -27.32 -10.68 15.81
C GLY A 91 -27.91 -10.51 17.20
N PRO A 92 -29.25 -10.45 17.28
CA PRO A 92 -29.95 -10.29 18.55
C PRO A 92 -29.85 -11.53 19.44
N SER A 93 -29.43 -11.33 20.68
CA SER A 93 -29.29 -12.42 21.62
C SER A 93 -30.50 -12.52 22.55
N SER A 94 -30.97 -13.73 22.77
CA SER A 94 -32.14 -13.96 23.63
C SER A 94 -31.71 -14.13 25.09
N GLY A 95 -32.64 -13.86 26.00
CA GLY A 95 -32.34 -13.99 27.41
C GLY A 95 -33.48 -13.50 28.29
N GLY A 1 -9.10 -17.02 1.35
CA GLY A 1 -10.22 -16.55 0.54
C GLY A 1 -9.82 -15.45 -0.42
N SER A 2 -8.78 -15.70 -1.20
CA SER A 2 -8.30 -14.72 -2.16
C SER A 2 -9.46 -14.03 -2.88
N SER A 3 -9.68 -12.76 -2.54
CA SER A 3 -10.75 -11.99 -3.15
C SER A 3 -10.21 -10.84 -3.99
N GLY A 4 -10.67 -10.75 -5.23
CA GLY A 4 -10.21 -9.70 -6.12
C GLY A 4 -8.71 -9.76 -6.38
N SER A 5 -7.97 -8.83 -5.77
CA SER A 5 -6.53 -8.80 -5.94
C SER A 5 -5.84 -8.39 -4.64
N SER A 6 -4.51 -8.31 -4.68
CA SER A 6 -3.73 -7.94 -3.50
C SER A 6 -3.17 -6.53 -3.65
N GLY A 7 -3.99 -5.54 -3.27
CA GLY A 7 -3.57 -4.16 -3.36
C GLY A 7 -3.22 -3.57 -2.00
N LEU A 8 -2.19 -2.72 -1.97
CA LEU A 8 -1.76 -2.08 -0.73
C LEU A 8 -1.67 -0.57 -0.90
N TYR A 9 -1.95 0.15 0.18
CA TYR A 9 -1.89 1.61 0.15
C TYR A 9 -0.79 2.13 1.07
N VAL A 10 -0.04 3.11 0.59
CA VAL A 10 1.05 3.70 1.35
C VAL A 10 0.84 5.20 1.56
N GLY A 11 1.04 5.66 2.78
CA GLY A 11 0.87 7.07 3.08
C GLY A 11 1.85 7.57 4.13
N SER A 12 1.97 8.88 4.24
CA SER A 12 2.89 9.48 5.20
C SER A 12 4.33 9.35 4.74
N LEU A 13 4.57 9.67 3.47
CA LEU A 13 5.91 9.58 2.89
C LEU A 13 6.46 10.97 2.59
N HIS A 14 7.74 11.04 2.24
CA HIS A 14 8.38 12.30 1.92
C HIS A 14 8.24 12.62 0.44
N PHE A 15 8.15 13.91 0.12
CA PHE A 15 8.00 14.35 -1.26
C PHE A 15 9.10 13.75 -2.15
N ASN A 16 10.35 14.05 -1.80
CA ASN A 16 11.49 13.55 -2.56
C ASN A 16 11.23 12.13 -3.05
N ILE A 17 10.75 11.28 -2.15
CA ILE A 17 10.45 9.89 -2.51
C ILE A 17 9.86 9.79 -3.91
N THR A 18 10.32 8.81 -4.67
CA THR A 18 9.83 8.60 -6.02
C THR A 18 9.28 7.19 -6.20
N GLU A 19 8.79 6.89 -7.40
CA GLU A 19 8.23 5.58 -7.70
C GLU A 19 9.30 4.49 -7.56
N ASP A 20 10.52 4.83 -7.93
CA ASP A 20 11.63 3.89 -7.86
C ASP A 20 11.82 3.39 -6.43
N MET A 21 11.65 4.29 -5.47
CA MET A 21 11.81 3.95 -4.06
C MET A 21 10.75 2.94 -3.63
N LEU A 22 9.51 3.20 -4.01
CA LEU A 22 8.40 2.32 -3.66
C LEU A 22 8.63 0.91 -4.22
N ARG A 23 9.15 0.85 -5.44
CA ARG A 23 9.42 -0.43 -6.09
C ARG A 23 10.60 -1.13 -5.43
N GLY A 24 11.64 -0.37 -5.10
CA GLY A 24 12.81 -0.93 -4.47
C GLY A 24 12.51 -1.55 -3.12
N ILE A 25 11.51 -1.01 -2.43
CA ILE A 25 11.13 -1.50 -1.12
C ILE A 25 10.11 -2.64 -1.24
N PHE A 26 9.14 -2.46 -2.12
CA PHE A 26 8.11 -3.48 -2.33
C PHE A 26 8.57 -4.53 -3.34
N GLU A 27 9.79 -4.36 -3.84
CA GLU A 27 10.35 -5.29 -4.80
C GLU A 27 10.65 -6.65 -4.16
N PRO A 28 11.51 -6.63 -3.13
CA PRO A 28 11.89 -7.84 -2.40
C PRO A 28 10.75 -8.40 -1.56
N PHE A 29 9.67 -7.62 -1.45
CA PHE A 29 8.51 -8.04 -0.67
C PHE A 29 7.54 -8.83 -1.53
N GLY A 30 7.58 -8.59 -2.84
CA GLY A 30 6.70 -9.29 -3.76
C GLY A 30 6.74 -8.72 -5.16
N LYS A 31 6.22 -9.47 -6.12
CA LYS A 31 6.20 -9.03 -7.51
C LYS A 31 5.25 -7.85 -7.70
N ILE A 32 5.81 -6.67 -7.93
CA ILE A 32 5.01 -5.47 -8.12
C ILE A 32 4.41 -5.43 -9.52
N ASP A 33 3.08 -5.53 -9.59
CA ASP A 33 2.38 -5.51 -10.87
C ASP A 33 2.40 -4.10 -11.48
N ASN A 34 2.12 -3.10 -10.64
CA ASN A 34 2.10 -1.71 -11.09
C ASN A 34 2.16 -0.76 -9.91
N ILE A 35 2.60 0.47 -10.17
CA ILE A 35 2.71 1.48 -9.12
C ILE A 35 2.24 2.84 -9.62
N VAL A 36 1.39 3.49 -8.84
CA VAL A 36 0.87 4.80 -9.20
C VAL A 36 0.91 5.77 -8.02
N LEU A 37 1.53 6.92 -8.22
CA LEU A 37 1.64 7.92 -7.16
C LEU A 37 0.50 8.93 -7.25
N MET A 38 -0.17 9.15 -6.12
CA MET A 38 -1.28 10.09 -6.06
C MET A 38 -0.80 11.50 -5.72
N LYS A 39 -1.18 12.47 -6.52
CA LYS A 39 -0.79 13.86 -6.31
C LYS A 39 -2.02 14.77 -6.24
N ASP A 40 -1.81 15.98 -5.75
CA ASP A 40 -2.89 16.96 -5.63
C ASP A 40 -3.08 17.72 -6.95
N SER A 41 -4.16 18.49 -7.03
CA SER A 41 -4.46 19.27 -8.22
C SER A 41 -4.20 20.75 -7.99
N ASP A 42 -4.62 21.23 -6.83
CA ASP A 42 -4.43 22.65 -6.47
C ASP A 42 -2.96 22.96 -6.27
N THR A 43 -2.26 22.10 -5.53
CA THR A 43 -0.84 22.30 -5.25
C THR A 43 0.02 21.53 -6.26
N GLY A 44 -0.40 20.31 -6.57
CA GLY A 44 0.35 19.50 -7.51
C GLY A 44 1.63 18.94 -6.93
N ARG A 45 1.66 18.81 -5.61
CA ARG A 45 2.83 18.29 -4.91
C ARG A 45 2.49 17.02 -4.14
N SER A 46 3.07 15.90 -4.56
CA SER A 46 2.83 14.62 -3.90
C SER A 46 2.74 14.79 -2.39
N LYS A 47 1.55 14.59 -1.84
CA LYS A 47 1.33 14.72 -0.40
C LYS A 47 2.22 13.76 0.37
N GLY A 48 2.22 12.49 -0.02
CA GLY A 48 3.03 11.49 0.64
C GLY A 48 2.37 10.13 0.69
N TYR A 49 1.71 9.76 -0.41
CA TYR A 49 1.03 8.47 -0.49
C TYR A 49 1.01 7.95 -1.92
N GLY A 50 0.75 6.65 -2.06
CA GLY A 50 0.71 6.05 -3.39
C GLY A 50 -0.02 4.72 -3.39
N PHE A 51 -0.15 4.13 -4.57
CA PHE A 51 -0.83 2.85 -4.72
C PHE A 51 0.11 1.80 -5.30
N ILE A 52 0.11 0.61 -4.70
CA ILE A 52 0.95 -0.48 -5.16
C ILE A 52 0.17 -1.78 -5.26
N THR A 53 0.37 -2.51 -6.35
CA THR A 53 -0.31 -3.77 -6.58
C THR A 53 0.68 -4.93 -6.65
N PHE A 54 0.42 -5.98 -5.87
CA PHE A 54 1.29 -7.14 -5.85
C PHE A 54 0.70 -8.28 -6.69
N SER A 55 1.42 -9.39 -6.77
CA SER A 55 0.98 -10.54 -7.54
C SER A 55 0.69 -11.73 -6.64
N ASP A 56 0.64 -11.48 -5.33
CA ASP A 56 0.39 -12.53 -4.35
C ASP A 56 -0.22 -11.95 -3.08
N SER A 57 -1.34 -12.52 -2.65
CA SER A 57 -2.01 -12.06 -1.44
C SER A 57 -1.13 -12.27 -0.21
N GLU A 58 -0.46 -13.40 -0.16
CA GLU A 58 0.41 -13.73 0.97
C GLU A 58 1.56 -12.72 1.07
N CYS A 59 2.15 -12.40 -0.07
CA CYS A 59 3.26 -11.46 -0.11
C CYS A 59 2.81 -10.06 0.33
N ALA A 60 1.58 -9.71 -0.04
CA ALA A 60 1.03 -8.40 0.31
C ALA A 60 0.84 -8.28 1.82
N ARG A 61 0.32 -9.34 2.45
CA ARG A 61 0.10 -9.35 3.88
C ARG A 61 1.41 -9.17 4.64
N ARG A 62 2.41 -9.95 4.26
CA ARG A 62 3.72 -9.88 4.91
C ARG A 62 4.33 -8.49 4.77
N ALA A 63 4.23 -7.93 3.56
CA ALA A 63 4.76 -6.60 3.31
C ALA A 63 4.05 -5.54 4.14
N LEU A 64 2.76 -5.74 4.37
CA LEU A 64 1.98 -4.81 5.17
C LEU A 64 2.47 -4.77 6.61
N GLU A 65 2.72 -5.95 7.18
CA GLU A 65 3.19 -6.04 8.55
C GLU A 65 4.62 -5.51 8.67
N GLN A 66 5.42 -5.73 7.64
CA GLN A 66 6.80 -5.29 7.63
C GLN A 66 6.88 -3.78 7.44
N LEU A 67 6.06 -3.25 6.53
CA LEU A 67 6.03 -1.82 6.26
C LEU A 67 5.32 -1.06 7.38
N ASN A 68 4.16 -1.56 7.78
CA ASN A 68 3.39 -0.93 8.85
C ASN A 68 4.30 -0.48 10.00
N GLY A 69 4.51 0.82 10.09
CA GLY A 69 5.36 1.36 11.14
C GLY A 69 6.84 1.22 10.82
N PHE A 70 7.18 1.35 9.54
CA PHE A 70 8.57 1.23 9.09
C PHE A 70 9.21 2.61 8.97
N GLU A 71 10.02 2.97 9.96
CA GLU A 71 10.69 4.26 9.96
C GLU A 71 11.53 4.44 8.70
N LEU A 72 10.92 5.02 7.68
CA LEU A 72 11.60 5.24 6.41
C LEU A 72 12.49 6.49 6.47
N ALA A 73 11.88 7.62 6.77
CA ALA A 73 12.61 8.88 6.88
C ALA A 73 12.62 9.40 8.31
N GLY A 74 12.79 8.47 9.26
CA GLY A 74 12.81 8.85 10.66
C GLY A 74 11.48 8.63 11.35
N ARG A 75 10.40 8.67 10.58
CA ARG A 75 9.06 8.47 11.12
C ARG A 75 8.38 7.27 10.46
N PRO A 76 7.54 6.57 11.24
CA PRO A 76 6.81 5.40 10.74
C PRO A 76 5.73 5.77 9.73
N MET A 77 5.83 5.19 8.54
CA MET A 77 4.86 5.46 7.47
C MET A 77 3.55 4.73 7.74
N ARG A 78 2.56 4.94 6.88
CA ARG A 78 1.26 4.31 7.02
C ARG A 78 1.03 3.28 5.93
N VAL A 79 0.77 2.04 6.34
CA VAL A 79 0.54 0.95 5.40
C VAL A 79 -0.75 0.20 5.73
N GLY A 80 -1.66 0.14 4.76
CA GLY A 80 -2.92 -0.56 4.97
C GLY A 80 -3.54 -1.02 3.67
N HIS A 81 -4.47 -1.97 3.77
CA HIS A 81 -5.14 -2.50 2.59
C HIS A 81 -6.14 -1.49 2.03
N VAL A 82 -6.03 -1.22 0.73
CA VAL A 82 -6.93 -0.27 0.07
C VAL A 82 -8.38 -0.69 0.20
N THR A 83 -8.63 -1.99 0.00
CA THR A 83 -9.98 -2.53 0.09
C THR A 83 -10.40 -2.72 1.54
N GLU A 84 -11.59 -2.24 1.88
CA GLU A 84 -12.10 -2.36 3.24
C GLU A 84 -12.05 -3.81 3.71
N ARG A 85 -11.41 -4.02 4.86
CA ARG A 85 -11.28 -5.36 5.43
C ARG A 85 -12.44 -5.66 6.37
N LEU A 86 -13.35 -4.70 6.52
CA LEU A 86 -14.50 -4.87 7.40
C LEU A 86 -15.32 -6.08 7.00
N ASP A 87 -15.80 -6.09 5.76
CA ASP A 87 -16.59 -7.21 5.26
C ASP A 87 -15.71 -8.23 4.53
N GLY A 88 -15.97 -9.50 4.77
CA GLY A 88 -15.20 -10.55 4.13
C GLY A 88 -14.40 -11.37 5.12
N GLY A 89 -15.01 -12.43 5.64
CA GLY A 89 -14.34 -13.29 6.60
C GLY A 89 -15.01 -13.28 7.96
N SER A 90 -14.69 -14.26 8.78
CA SER A 90 -15.27 -14.38 10.11
C SER A 90 -14.29 -14.99 11.10
N GLY A 91 -14.49 -14.71 12.38
CA GLY A 91 -13.61 -15.24 13.40
C GLY A 91 -14.32 -16.20 14.35
N PRO A 92 -13.57 -16.74 15.32
CA PRO A 92 -14.11 -17.68 16.32
C PRO A 92 -15.06 -17.00 17.29
N SER A 93 -15.71 -17.80 18.13
CA SER A 93 -16.66 -17.28 19.10
C SER A 93 -16.21 -17.61 20.52
N SER A 94 -16.29 -16.63 21.42
CA SER A 94 -15.89 -16.83 22.80
C SER A 94 -16.97 -16.32 23.76
N GLY A 95 -17.02 -16.90 24.95
CA GLY A 95 -18.01 -16.49 25.93
C GLY A 95 -18.54 -17.66 26.74
N GLY A 1 -13.52 -12.02 -13.13
CA GLY A 1 -14.56 -12.24 -12.14
C GLY A 1 -14.08 -11.98 -10.73
N SER A 2 -13.78 -13.06 -10.01
CA SER A 2 -13.31 -12.95 -8.63
C SER A 2 -11.89 -13.51 -8.49
N SER A 3 -10.92 -12.61 -8.42
CA SER A 3 -9.52 -13.01 -8.30
C SER A 3 -8.86 -12.32 -7.11
N GLY A 4 -7.71 -12.84 -6.68
CA GLY A 4 -7.00 -12.26 -5.56
C GLY A 4 -6.87 -10.75 -5.68
N SER A 5 -7.51 -10.03 -4.76
CA SER A 5 -7.47 -8.57 -4.76
C SER A 5 -6.25 -8.07 -4.01
N SER A 6 -5.06 -8.44 -4.49
CA SER A 6 -3.82 -8.02 -3.85
C SER A 6 -3.55 -6.54 -4.11
N GLY A 7 -3.43 -5.77 -3.04
CA GLY A 7 -3.17 -4.35 -3.16
C GLY A 7 -2.78 -3.71 -1.84
N LEU A 8 -1.70 -2.94 -1.85
CA LEU A 8 -1.23 -2.27 -0.64
C LEU A 8 -1.24 -0.76 -0.82
N TYR A 9 -1.51 -0.04 0.27
CA TYR A 9 -1.57 1.41 0.24
C TYR A 9 -0.51 2.02 1.15
N VAL A 10 0.10 3.11 0.71
CA VAL A 10 1.14 3.78 1.49
C VAL A 10 0.78 5.25 1.73
N GLY A 11 0.89 5.68 2.98
CA GLY A 11 0.57 7.05 3.31
C GLY A 11 1.59 7.67 4.26
N SER A 12 1.54 8.99 4.40
CA SER A 12 2.47 9.70 5.27
C SER A 12 3.90 9.52 4.79
N LEU A 13 4.13 9.76 3.50
CA LEU A 13 5.46 9.63 2.92
C LEU A 13 6.10 10.99 2.70
N HIS A 14 7.28 11.00 2.08
CA HIS A 14 7.99 12.24 1.80
C HIS A 14 7.99 12.54 0.31
N PHE A 15 7.87 13.81 -0.04
CA PHE A 15 7.86 14.22 -1.44
C PHE A 15 9.03 13.62 -2.20
N ASN A 16 10.21 13.65 -1.58
CA ASN A 16 11.42 13.10 -2.20
C ASN A 16 11.18 11.67 -2.65
N ILE A 17 10.36 10.94 -1.90
CA ILE A 17 10.06 9.55 -2.23
C ILE A 17 9.48 9.43 -3.64
N THR A 18 10.09 8.59 -4.45
CA THR A 18 9.63 8.39 -5.82
C THR A 18 9.19 6.94 -6.04
N GLU A 19 8.72 6.65 -7.25
CA GLU A 19 8.26 5.31 -7.59
C GLU A 19 9.39 4.29 -7.44
N ASP A 20 10.60 4.71 -7.79
CA ASP A 20 11.77 3.84 -7.70
C ASP A 20 12.00 3.40 -6.26
N MET A 21 11.71 4.29 -5.32
CA MET A 21 11.87 3.99 -3.90
C MET A 21 10.83 2.98 -3.42
N LEU A 22 9.59 3.18 -3.86
CA LEU A 22 8.49 2.29 -3.47
C LEU A 22 8.68 0.90 -4.06
N ARG A 23 9.08 0.86 -5.33
CA ARG A 23 9.31 -0.40 -6.02
C ARG A 23 10.48 -1.16 -5.41
N GLY A 24 11.52 -0.42 -5.04
CA GLY A 24 12.70 -1.03 -4.45
C GLY A 24 12.42 -1.64 -3.09
N ILE A 25 11.56 -0.98 -2.32
CA ILE A 25 11.21 -1.46 -0.99
C ILE A 25 10.18 -2.59 -1.06
N PHE A 26 9.18 -2.42 -1.92
CA PHE A 26 8.14 -3.41 -2.09
C PHE A 26 8.60 -4.52 -3.03
N GLU A 27 9.78 -4.35 -3.60
CA GLU A 27 10.34 -5.33 -4.52
C GLU A 27 10.65 -6.65 -3.81
N PRO A 28 11.54 -6.56 -2.80
CA PRO A 28 11.95 -7.73 -2.02
C PRO A 28 10.83 -8.24 -1.11
N PHE A 29 9.66 -7.61 -1.20
CA PHE A 29 8.52 -7.99 -0.39
C PHE A 29 7.51 -8.77 -1.23
N GLY A 30 7.55 -8.58 -2.54
CA GLY A 30 6.63 -9.27 -3.43
C GLY A 30 6.64 -8.71 -4.84
N LYS A 31 6.20 -9.51 -5.80
CA LYS A 31 6.16 -9.09 -7.19
C LYS A 31 5.19 -7.92 -7.38
N ILE A 32 5.72 -6.78 -7.81
CA ILE A 32 4.90 -5.59 -8.03
C ILE A 32 4.30 -5.59 -9.43
N ASP A 33 2.99 -5.56 -9.51
CA ASP A 33 2.28 -5.56 -10.79
C ASP A 33 2.28 -4.16 -11.40
N ASN A 34 2.07 -3.15 -10.56
CA ASN A 34 2.05 -1.77 -11.02
C ASN A 34 2.08 -0.80 -9.84
N ILE A 35 2.75 0.34 -10.03
CA ILE A 35 2.85 1.34 -8.99
C ILE A 35 2.43 2.71 -9.50
N VAL A 36 1.52 3.36 -8.77
CA VAL A 36 1.03 4.68 -9.16
C VAL A 36 1.10 5.65 -7.98
N LEU A 37 1.50 6.88 -8.26
CA LEU A 37 1.62 7.90 -7.23
C LEU A 37 0.57 8.99 -7.43
N MET A 38 -0.01 9.45 -6.33
CA MET A 38 -1.04 10.49 -6.38
C MET A 38 -0.44 11.86 -6.08
N LYS A 39 -0.54 12.78 -7.04
CA LYS A 39 -0.01 14.12 -6.88
C LYS A 39 -1.03 15.17 -7.30
N ASP A 40 -1.24 16.18 -6.46
CA ASP A 40 -2.18 17.24 -6.75
C ASP A 40 -1.91 17.84 -8.13
N SER A 41 -2.66 18.89 -8.47
CA SER A 41 -2.51 19.55 -9.76
C SER A 41 -2.00 20.98 -9.58
N ASP A 42 -2.83 21.81 -8.97
CA ASP A 42 -2.46 23.21 -8.74
C ASP A 42 -1.08 23.31 -8.10
N THR A 43 -0.80 22.41 -7.16
CA THR A 43 0.49 22.40 -6.47
C THR A 43 1.48 21.49 -7.17
N GLY A 44 1.01 20.30 -7.55
CA GLY A 44 1.88 19.35 -8.23
C GLY A 44 2.82 18.63 -7.28
N ARG A 45 2.61 18.84 -5.99
CA ARG A 45 3.46 18.22 -4.98
C ARG A 45 2.74 17.04 -4.31
N SER A 46 3.24 15.84 -4.56
CA SER A 46 2.64 14.63 -4.00
C SER A 46 2.14 14.88 -2.58
N LYS A 47 0.91 14.46 -2.30
CA LYS A 47 0.30 14.64 -0.99
C LYS A 47 1.09 13.88 0.08
N GLY A 48 1.59 12.71 -0.30
CA GLY A 48 2.36 11.90 0.63
C GLY A 48 1.85 10.47 0.71
N TYR A 49 1.28 9.98 -0.38
CA TYR A 49 0.75 8.62 -0.43
C TYR A 49 0.81 8.07 -1.85
N GLY A 50 0.64 6.75 -1.96
CA GLY A 50 0.69 6.11 -3.27
C GLY A 50 -0.03 4.77 -3.27
N PHE A 51 -0.25 4.24 -4.47
CA PHE A 51 -0.93 2.95 -4.61
C PHE A 51 0.01 1.90 -5.19
N ILE A 52 -0.05 0.69 -4.63
CA ILE A 52 0.79 -0.40 -5.10
C ILE A 52 0.01 -1.70 -5.20
N THR A 53 0.18 -2.41 -6.30
CA THR A 53 -0.51 -3.67 -6.53
C THR A 53 0.47 -4.83 -6.64
N PHE A 54 0.24 -5.89 -5.87
CA PHE A 54 1.11 -7.07 -5.88
C PHE A 54 0.51 -8.16 -6.76
N SER A 55 1.23 -9.27 -6.88
CA SER A 55 0.78 -10.40 -7.68
C SER A 55 0.16 -11.48 -6.80
N ASP A 56 0.72 -11.66 -5.62
CA ASP A 56 0.22 -12.65 -4.68
C ASP A 56 -0.32 -12.00 -3.42
N SER A 57 -1.54 -12.35 -3.03
CA SER A 57 -2.17 -11.80 -1.85
C SER A 57 -1.31 -12.04 -0.61
N GLU A 58 -0.69 -13.21 -0.54
CA GLU A 58 0.16 -13.58 0.58
C GLU A 58 1.35 -12.63 0.69
N CYS A 59 1.96 -12.33 -0.46
CA CYS A 59 3.12 -11.43 -0.49
C CYS A 59 2.74 -10.04 0.00
N ALA A 60 1.54 -9.60 -0.34
CA ALA A 60 1.06 -8.29 0.07
C ALA A 60 0.87 -8.22 1.58
N ARG A 61 0.36 -9.29 2.17
CA ARG A 61 0.14 -9.35 3.61
C ARG A 61 1.45 -9.21 4.37
N ARG A 62 2.44 -10.00 3.96
CA ARG A 62 3.75 -9.97 4.60
C ARG A 62 4.36 -8.58 4.54
N ALA A 63 4.40 -8.01 3.33
CA ALA A 63 4.96 -6.68 3.14
C ALA A 63 4.24 -5.66 4.00
N LEU A 64 2.94 -5.84 4.19
CA LEU A 64 2.15 -4.93 5.00
C LEU A 64 2.59 -4.96 6.46
N GLU A 65 2.86 -6.16 6.96
CA GLU A 65 3.30 -6.33 8.35
C GLU A 65 4.70 -5.77 8.54
N GLN A 66 5.59 -6.04 7.59
CA GLN A 66 6.96 -5.56 7.66
C GLN A 66 7.03 -4.05 7.40
N LEU A 67 6.17 -3.58 6.51
CA LEU A 67 6.13 -2.15 6.19
C LEU A 67 5.46 -1.35 7.29
N ASN A 68 4.32 -1.84 7.76
CA ASN A 68 3.57 -1.18 8.83
C ASN A 68 4.51 -0.68 9.92
N GLY A 69 4.62 0.64 10.03
CA GLY A 69 5.49 1.23 11.04
C GLY A 69 6.96 1.10 10.68
N PHE A 70 7.27 1.30 9.40
CA PHE A 70 8.65 1.20 8.93
C PHE A 70 9.26 2.59 8.75
N GLU A 71 10.02 3.02 9.76
CA GLU A 71 10.67 4.34 9.72
C GLU A 71 11.56 4.47 8.49
N LEU A 72 11.10 5.24 7.51
CA LEU A 72 11.85 5.44 6.28
C LEU A 72 12.68 6.72 6.36
N ALA A 73 12.03 7.83 6.68
CA ALA A 73 12.71 9.11 6.80
C ALA A 73 12.73 9.59 8.24
N GLY A 74 12.96 8.67 9.17
CA GLY A 74 12.99 9.02 10.58
C GLY A 74 11.68 8.73 11.28
N ARG A 75 10.58 8.91 10.57
CA ARG A 75 9.25 8.67 11.14
C ARG A 75 8.62 7.44 10.51
N PRO A 76 7.78 6.73 11.30
CA PRO A 76 7.09 5.52 10.83
C PRO A 76 6.01 5.84 9.80
N MET A 77 6.17 5.28 8.61
CA MET A 77 5.21 5.50 7.53
C MET A 77 3.90 4.77 7.81
N ARG A 78 2.88 5.03 7.00
CA ARG A 78 1.58 4.41 7.17
C ARG A 78 1.34 3.35 6.08
N VAL A 79 1.03 2.14 6.52
CA VAL A 79 0.78 1.04 5.59
C VAL A 79 -0.55 0.34 5.90
N GLY A 80 -1.45 0.33 4.93
CA GLY A 80 -2.74 -0.31 5.12
C GLY A 80 -3.26 -0.94 3.85
N HIS A 81 -4.25 -1.83 4.00
CA HIS A 81 -4.84 -2.50 2.85
C HIS A 81 -5.83 -1.59 2.13
N VAL A 82 -5.70 -1.49 0.82
CA VAL A 82 -6.58 -0.66 0.01
C VAL A 82 -8.04 -1.00 0.26
N THR A 83 -8.42 -2.23 -0.08
CA THR A 83 -9.79 -2.69 0.11
C THR A 83 -10.32 -2.31 1.50
N GLU A 84 -11.62 -2.13 1.61
CA GLU A 84 -12.25 -1.76 2.87
C GLU A 84 -13.31 -2.78 3.27
N ARG A 85 -13.05 -3.51 4.35
CA ARG A 85 -13.98 -4.52 4.83
C ARG A 85 -14.88 -3.95 5.93
N LEU A 86 -15.86 -4.74 6.34
CA LEU A 86 -16.79 -4.32 7.38
C LEU A 86 -16.88 -5.36 8.49
N ASP A 87 -16.57 -4.96 9.71
CA ASP A 87 -16.63 -5.86 10.86
C ASP A 87 -18.00 -6.52 10.97
N GLY A 88 -18.17 -7.37 11.97
CA GLY A 88 -19.43 -8.06 12.17
C GLY A 88 -19.26 -9.43 12.77
N GLY A 89 -20.26 -9.88 13.52
CA GLY A 89 -20.19 -11.19 14.15
C GLY A 89 -21.55 -11.69 14.59
N SER A 90 -22.57 -11.48 13.75
CA SER A 90 -23.92 -11.91 14.06
C SER A 90 -24.09 -13.41 13.78
N GLY A 91 -25.09 -14.00 14.43
CA GLY A 91 -25.34 -15.42 14.24
C GLY A 91 -26.82 -15.76 14.33
N PRO A 92 -27.24 -16.28 15.50
CA PRO A 92 -28.64 -16.67 15.74
C PRO A 92 -29.56 -15.46 15.84
N SER A 93 -30.39 -15.27 14.82
CA SER A 93 -31.32 -14.15 14.79
C SER A 93 -32.47 -14.37 15.77
N SER A 94 -33.09 -15.54 15.68
CA SER A 94 -34.21 -15.87 16.56
C SER A 94 -33.72 -16.22 17.96
N GLY A 95 -33.65 -15.21 18.83
CA GLY A 95 -33.20 -15.42 20.18
C GLY A 95 -32.09 -14.48 20.58
N GLY A 1 -11.74 -11.43 -16.40
CA GLY A 1 -11.63 -11.07 -14.99
C GLY A 1 -10.72 -12.00 -14.22
N SER A 2 -10.04 -11.47 -13.20
CA SER A 2 -9.14 -12.27 -12.39
C SER A 2 -9.78 -12.62 -11.05
N SER A 3 -9.30 -13.70 -10.45
CA SER A 3 -9.83 -14.15 -9.15
C SER A 3 -9.04 -13.52 -8.01
N GLY A 4 -7.71 -13.55 -8.12
CA GLY A 4 -6.87 -12.99 -7.08
C GLY A 4 -7.01 -11.48 -6.98
N SER A 5 -7.17 -10.99 -5.75
CA SER A 5 -7.32 -9.56 -5.52
C SER A 5 -6.29 -9.06 -4.50
N SER A 6 -5.46 -8.11 -4.92
CA SER A 6 -4.42 -7.55 -4.06
C SER A 6 -4.43 -6.03 -4.12
N GLY A 7 -3.51 -5.41 -3.37
CA GLY A 7 -3.43 -3.96 -3.36
C GLY A 7 -3.14 -3.42 -1.97
N LEU A 8 -2.17 -2.52 -1.89
CA LEU A 8 -1.79 -1.92 -0.61
C LEU A 8 -1.72 -0.41 -0.72
N TYR A 9 -2.07 0.27 0.37
CA TYR A 9 -2.05 1.74 0.40
C TYR A 9 -0.92 2.24 1.29
N VAL A 10 -0.16 3.20 0.77
CA VAL A 10 0.95 3.78 1.52
C VAL A 10 0.74 5.28 1.74
N GLY A 11 1.03 5.74 2.95
CA GLY A 11 0.87 7.14 3.26
C GLY A 11 1.93 7.64 4.23
N SER A 12 2.04 8.97 4.33
CA SER A 12 3.02 9.57 5.23
C SER A 12 4.43 9.45 4.65
N LEU A 13 4.57 9.77 3.37
CA LEU A 13 5.86 9.70 2.69
C LEU A 13 6.42 11.09 2.44
N HIS A 14 7.68 11.16 1.99
CA HIS A 14 8.33 12.43 1.71
C HIS A 14 8.29 12.72 0.21
N PHE A 15 7.89 13.96 -0.12
CA PHE A 15 7.81 14.37 -1.52
C PHE A 15 8.92 13.72 -2.34
N ASN A 16 10.17 14.01 -1.99
CA ASN A 16 11.30 13.45 -2.70
C ASN A 16 11.04 12.01 -3.14
N ILE A 17 10.52 11.20 -2.21
CA ILE A 17 10.21 9.81 -2.49
C ILE A 17 9.68 9.65 -3.92
N THR A 18 10.27 8.73 -4.67
CA THR A 18 9.86 8.47 -6.04
C THR A 18 9.36 7.04 -6.20
N GLU A 19 8.87 6.72 -7.41
CA GLU A 19 8.36 5.39 -7.68
C GLU A 19 9.45 4.34 -7.51
N ASP A 20 10.69 4.74 -7.78
CA ASP A 20 11.82 3.83 -7.65
C ASP A 20 12.02 3.41 -6.19
N MET A 21 11.70 4.31 -5.27
CA MET A 21 11.84 4.04 -3.85
C MET A 21 10.78 3.03 -3.38
N LEU A 22 9.55 3.20 -3.87
CA LEU A 22 8.46 2.31 -3.51
C LEU A 22 8.67 0.92 -4.10
N ARG A 23 9.09 0.87 -5.36
CA ARG A 23 9.33 -0.41 -6.04
C ARG A 23 10.49 -1.15 -5.39
N GLY A 24 11.53 -0.41 -5.03
CA GLY A 24 12.69 -1.03 -4.41
C GLY A 24 12.39 -1.60 -3.04
N ILE A 25 11.55 -0.90 -2.29
CA ILE A 25 11.18 -1.35 -0.94
C ILE A 25 10.15 -2.47 -1.01
N PHE A 26 9.18 -2.32 -1.90
CA PHE A 26 8.12 -3.32 -2.07
C PHE A 26 8.59 -4.45 -2.98
N GLU A 27 9.79 -4.31 -3.53
CA GLU A 27 10.34 -5.31 -4.43
C GLU A 27 10.69 -6.58 -3.66
N PRO A 28 11.57 -6.45 -2.65
CA PRO A 28 12.01 -7.57 -1.82
C PRO A 28 10.89 -8.09 -0.91
N PHE A 29 9.70 -7.50 -1.05
CA PHE A 29 8.56 -7.91 -0.24
C PHE A 29 7.59 -8.75 -1.06
N GLY A 30 7.50 -8.45 -2.35
CA GLY A 30 6.60 -9.20 -3.22
C GLY A 30 6.56 -8.64 -4.63
N LYS A 31 6.56 -9.53 -5.61
CA LYS A 31 6.53 -9.12 -7.02
C LYS A 31 5.49 -8.02 -7.24
N ILE A 32 5.95 -6.84 -7.64
CA ILE A 32 5.06 -5.71 -7.88
C ILE A 32 4.50 -5.76 -9.30
N ASP A 33 3.19 -5.52 -9.42
CA ASP A 33 2.53 -5.54 -10.71
C ASP A 33 2.52 -4.14 -11.33
N ASN A 34 2.15 -3.15 -10.52
CA ASN A 34 2.09 -1.77 -10.99
C ASN A 34 2.11 -0.80 -9.82
N ILE A 35 2.74 0.35 -10.03
CA ILE A 35 2.82 1.37 -8.98
C ILE A 35 2.27 2.71 -9.46
N VAL A 36 1.44 3.33 -8.64
CA VAL A 36 0.84 4.61 -8.98
C VAL A 36 0.97 5.60 -7.83
N LEU A 37 1.54 6.76 -8.13
CA LEU A 37 1.72 7.81 -7.11
C LEU A 37 0.59 8.83 -7.18
N MET A 38 0.02 9.13 -6.02
CA MET A 38 -1.07 10.10 -5.94
C MET A 38 -0.53 11.51 -5.70
N LYS A 39 -1.14 12.49 -6.35
CA LYS A 39 -0.72 13.88 -6.21
C LYS A 39 -1.93 14.81 -6.16
N ASP A 40 -1.91 15.76 -5.23
CA ASP A 40 -3.00 16.72 -5.09
C ASP A 40 -3.32 17.38 -6.43
N SER A 41 -4.35 18.22 -6.43
CA SER A 41 -4.77 18.91 -7.64
C SER A 41 -4.38 20.39 -7.58
N ASP A 42 -4.88 21.09 -6.56
CA ASP A 42 -4.58 22.51 -6.38
C ASP A 42 -3.08 22.74 -6.34
N THR A 43 -2.42 22.11 -5.37
CA THR A 43 -0.97 22.25 -5.21
C THR A 43 -0.22 21.39 -6.21
N GLY A 44 -0.72 20.19 -6.45
CA GLY A 44 -0.08 19.28 -7.39
C GLY A 44 1.22 18.73 -6.87
N ARG A 45 1.44 18.88 -5.56
CA ARG A 45 2.66 18.38 -4.93
C ARG A 45 2.41 17.05 -4.22
N SER A 46 3.31 16.10 -4.42
CA SER A 46 3.19 14.79 -3.81
C SER A 46 2.93 14.92 -2.30
N LYS A 47 1.72 14.55 -1.88
CA LYS A 47 1.35 14.63 -0.47
C LYS A 47 2.11 13.58 0.35
N GLY A 48 2.47 12.48 -0.29
CA GLY A 48 3.21 11.43 0.39
C GLY A 48 2.40 10.15 0.51
N TYR A 49 1.69 9.80 -0.56
CA TYR A 49 0.88 8.58 -0.58
C TYR A 49 0.76 8.03 -1.99
N GLY A 50 0.54 6.73 -2.09
CA GLY A 50 0.40 6.09 -3.39
C GLY A 50 -0.22 4.71 -3.29
N PHE A 51 -0.46 4.10 -4.45
CA PHE A 51 -1.05 2.76 -4.50
C PHE A 51 -0.11 1.76 -5.15
N ILE A 52 -0.06 0.55 -4.60
CA ILE A 52 0.81 -0.49 -5.12
C ILE A 52 0.09 -1.83 -5.15
N THR A 53 0.12 -2.49 -6.30
CA THR A 53 -0.52 -3.80 -6.45
C THR A 53 0.50 -4.91 -6.60
N PHE A 54 0.35 -5.97 -5.81
CA PHE A 54 1.27 -7.09 -5.86
C PHE A 54 0.73 -8.21 -6.74
N SER A 55 1.49 -9.29 -6.87
CA SER A 55 1.08 -10.42 -7.69
C SER A 55 0.32 -11.45 -6.86
N ASP A 56 0.83 -11.73 -5.65
CA ASP A 56 0.20 -12.69 -4.77
C ASP A 56 -0.35 -12.00 -3.52
N SER A 57 -1.53 -12.42 -3.08
CA SER A 57 -2.16 -11.84 -1.91
C SER A 57 -1.29 -12.04 -0.67
N GLU A 58 -0.68 -13.21 -0.56
CA GLU A 58 0.17 -13.53 0.57
C GLU A 58 1.36 -12.58 0.64
N CYS A 59 1.98 -12.32 -0.52
CA CYS A 59 3.12 -11.42 -0.59
C CYS A 59 2.75 -10.02 -0.10
N ALA A 60 1.54 -9.58 -0.45
CA ALA A 60 1.08 -8.26 -0.04
C ALA A 60 0.91 -8.18 1.47
N ARG A 61 0.39 -9.25 2.07
CA ARG A 61 0.17 -9.29 3.51
C ARG A 61 1.50 -9.13 4.25
N ARG A 62 2.51 -9.89 3.84
CA ARG A 62 3.82 -9.82 4.47
C ARG A 62 4.39 -8.41 4.40
N ALA A 63 4.39 -7.83 3.21
CA ALA A 63 4.91 -6.49 3.01
C ALA A 63 4.19 -5.48 3.89
N LEU A 64 2.90 -5.71 4.09
CA LEU A 64 2.08 -4.82 4.91
C LEU A 64 2.54 -4.86 6.37
N GLU A 65 2.87 -6.05 6.85
CA GLU A 65 3.33 -6.22 8.23
C GLU A 65 4.71 -5.57 8.42
N GLN A 66 5.60 -5.78 7.45
CA GLN A 66 6.94 -5.22 7.52
C GLN A 66 6.92 -3.71 7.31
N LEU A 67 6.06 -3.26 6.39
CA LEU A 67 5.94 -1.83 6.10
C LEU A 67 5.23 -1.09 7.23
N ASN A 68 4.13 -1.68 7.71
CA ASN A 68 3.36 -1.07 8.79
C ASN A 68 4.27 -0.65 9.94
N GLY A 69 4.46 0.65 10.09
CA GLY A 69 5.31 1.16 11.15
C GLY A 69 6.78 1.08 10.80
N PHE A 70 7.10 1.29 9.53
CA PHE A 70 8.49 1.23 9.07
C PHE A 70 9.07 2.63 8.93
N GLU A 71 10.17 2.89 9.66
CA GLU A 71 10.82 4.18 9.62
C GLU A 71 11.58 4.37 8.30
N LEU A 72 10.94 5.04 7.35
CA LEU A 72 11.56 5.28 6.04
C LEU A 72 12.37 6.58 6.06
N ALA A 73 11.77 7.64 6.58
CA ALA A 73 12.44 8.93 6.66
C ALA A 73 12.51 9.43 8.10
N GLY A 74 12.85 8.53 9.01
CA GLY A 74 12.94 8.90 10.41
C GLY A 74 11.65 8.63 11.17
N ARG A 75 10.53 8.61 10.45
CA ARG A 75 9.24 8.37 11.06
C ARG A 75 8.54 7.17 10.41
N PRO A 76 7.75 6.45 11.21
CA PRO A 76 7.01 5.27 10.73
C PRO A 76 5.88 5.64 9.77
N MET A 77 5.95 5.10 8.56
CA MET A 77 4.94 5.37 7.55
C MET A 77 3.65 4.62 7.85
N ARG A 78 2.60 4.92 7.09
CA ARG A 78 1.31 4.27 7.29
C ARG A 78 1.00 3.31 6.14
N VAL A 79 0.76 2.05 6.49
CA VAL A 79 0.45 1.03 5.49
C VAL A 79 -0.82 0.26 5.85
N GLY A 80 -1.76 0.21 4.92
CA GLY A 80 -3.01 -0.50 5.16
C GLY A 80 -3.57 -1.11 3.90
N HIS A 81 -4.44 -2.11 4.08
CA HIS A 81 -5.06 -2.80 2.94
C HIS A 81 -6.07 -1.89 2.26
N VAL A 82 -5.86 -1.63 0.98
CA VAL A 82 -6.76 -0.78 0.21
C VAL A 82 -8.22 -1.12 0.51
N THR A 83 -8.58 -2.38 0.33
CA THR A 83 -9.94 -2.83 0.57
C THR A 83 -9.95 -4.21 1.23
N GLU A 84 -10.45 -4.28 2.46
CA GLU A 84 -10.51 -5.53 3.20
C GLU A 84 -11.92 -6.11 3.16
N ARG A 85 -12.27 -6.75 2.05
CA ARG A 85 -13.59 -7.35 1.88
C ARG A 85 -13.54 -8.85 2.13
N LEU A 86 -13.96 -9.26 3.33
CA LEU A 86 -13.97 -10.67 3.70
C LEU A 86 -15.38 -11.14 4.03
N ASP A 87 -15.72 -12.35 3.59
CA ASP A 87 -17.03 -12.93 3.85
C ASP A 87 -16.92 -14.32 4.46
N GLY A 88 -17.04 -14.40 5.78
CA GLY A 88 -16.95 -15.67 6.46
C GLY A 88 -15.62 -16.36 6.21
N GLY A 89 -15.66 -17.49 5.51
CA GLY A 89 -14.44 -18.22 5.22
C GLY A 89 -13.73 -17.71 4.00
N SER A 90 -12.55 -17.13 4.20
CA SER A 90 -11.75 -16.59 3.10
C SER A 90 -11.68 -17.58 1.94
N GLY A 91 -11.03 -18.72 2.19
CA GLY A 91 -10.91 -19.74 1.16
C GLY A 91 -10.49 -21.08 1.73
N PRO A 92 -10.01 -21.97 0.86
CA PRO A 92 -9.57 -23.31 1.25
C PRO A 92 -8.29 -23.28 2.08
N SER A 93 -7.78 -22.08 2.32
CA SER A 93 -6.56 -21.92 3.10
C SER A 93 -6.83 -21.11 4.36
N SER A 94 -7.58 -20.03 4.21
CA SER A 94 -7.91 -19.16 5.33
C SER A 94 -9.33 -19.41 5.82
N GLY A 95 -9.44 -20.03 6.99
CA GLY A 95 -10.76 -20.32 7.55
C GLY A 95 -10.75 -21.55 8.44
N GLY A 1 -17.43 -10.60 2.31
CA GLY A 1 -16.08 -11.07 2.59
C GLY A 1 -15.59 -12.03 1.53
N SER A 2 -14.61 -11.60 0.73
CA SER A 2 -14.05 -12.44 -0.32
C SER A 2 -12.70 -11.89 -0.79
N SER A 3 -11.86 -12.77 -1.31
CA SER A 3 -10.54 -12.39 -1.78
C SER A 3 -10.66 -11.48 -3.00
N GLY A 4 -10.60 -10.17 -2.76
CA GLY A 4 -10.70 -9.21 -3.84
C GLY A 4 -9.42 -9.12 -4.65
N SER A 5 -8.60 -8.13 -4.35
CA SER A 5 -7.34 -7.94 -5.08
C SER A 5 -6.18 -7.76 -4.10
N SER A 6 -4.96 -7.96 -4.60
CA SER A 6 -3.77 -7.83 -3.77
C SER A 6 -3.14 -6.45 -3.93
N GLY A 7 -3.71 -5.45 -3.26
CA GLY A 7 -3.20 -4.11 -3.34
C GLY A 7 -2.91 -3.51 -1.98
N LEU A 8 -1.85 -2.70 -1.91
CA LEU A 8 -1.45 -2.07 -0.66
C LEU A 8 -1.44 -0.55 -0.79
N TYR A 9 -1.81 0.14 0.28
CA TYR A 9 -1.84 1.60 0.29
C TYR A 9 -0.72 2.17 1.16
N VAL A 10 -0.12 3.26 0.71
CA VAL A 10 0.95 3.91 1.46
C VAL A 10 0.64 5.37 1.72
N GLY A 11 0.90 5.81 2.95
CA GLY A 11 0.63 7.19 3.31
C GLY A 11 1.68 7.76 4.25
N SER A 12 1.69 9.08 4.39
CA SER A 12 2.65 9.74 5.27
C SER A 12 4.07 9.55 4.75
N LEU A 13 4.27 9.82 3.46
CA LEU A 13 5.58 9.68 2.84
C LEU A 13 6.25 11.04 2.66
N HIS A 14 7.45 11.03 2.08
CA HIS A 14 8.18 12.26 1.85
C HIS A 14 8.24 12.58 0.35
N PHE A 15 7.96 13.83 0.00
CA PHE A 15 7.99 14.27 -1.38
C PHE A 15 9.12 13.59 -2.15
N ASN A 16 10.35 13.84 -1.71
CA ASN A 16 11.52 13.26 -2.35
C ASN A 16 11.22 11.84 -2.84
N ILE A 17 10.51 11.07 -2.03
CA ILE A 17 10.16 9.70 -2.37
C ILE A 17 9.58 9.63 -3.78
N THR A 18 9.86 8.53 -4.47
CA THR A 18 9.37 8.33 -5.82
C THR A 18 9.00 6.87 -6.06
N GLU A 19 8.54 6.56 -7.28
CA GLU A 19 8.15 5.20 -7.64
C GLU A 19 9.33 4.25 -7.50
N ASP A 20 10.52 4.74 -7.84
CA ASP A 20 11.74 3.93 -7.75
C ASP A 20 11.96 3.44 -6.33
N MET A 21 11.72 4.31 -5.36
CA MET A 21 11.90 3.95 -3.96
C MET A 21 10.85 2.95 -3.51
N LEU A 22 9.60 3.20 -3.88
CA LEU A 22 8.50 2.31 -3.52
C LEU A 22 8.72 0.91 -4.09
N ARG A 23 9.30 0.84 -5.28
CA ARG A 23 9.57 -0.44 -5.92
C ARG A 23 10.71 -1.17 -5.22
N GLY A 24 11.74 -0.42 -4.83
CA GLY A 24 12.88 -0.99 -4.15
C GLY A 24 12.51 -1.64 -2.83
N ILE A 25 11.58 -1.02 -2.12
CA ILE A 25 11.13 -1.54 -0.83
C ILE A 25 10.10 -2.66 -1.00
N PHE A 26 9.15 -2.43 -1.91
CA PHE A 26 8.11 -3.42 -2.18
C PHE A 26 8.64 -4.53 -3.08
N GLU A 27 9.85 -4.36 -3.60
CA GLU A 27 10.46 -5.34 -4.47
C GLU A 27 10.80 -6.62 -3.70
N PRO A 28 11.63 -6.48 -2.65
CA PRO A 28 12.04 -7.61 -1.82
C PRO A 28 10.90 -8.15 -0.96
N PHE A 29 9.72 -7.56 -1.12
CA PHE A 29 8.54 -7.98 -0.37
C PHE A 29 7.61 -8.83 -1.24
N GLY A 30 7.55 -8.50 -2.52
CA GLY A 30 6.69 -9.23 -3.43
C GLY A 30 6.77 -8.71 -4.85
N LYS A 31 6.41 -9.55 -5.81
CA LYS A 31 6.44 -9.17 -7.22
C LYS A 31 5.44 -8.05 -7.50
N ILE A 32 5.95 -6.83 -7.60
CA ILE A 32 5.10 -5.68 -7.88
C ILE A 32 4.55 -5.73 -9.30
N ASP A 33 3.23 -5.63 -9.42
CA ASP A 33 2.57 -5.66 -10.73
C ASP A 33 2.59 -4.28 -11.36
N ASN A 34 2.31 -3.26 -10.56
CA ASN A 34 2.29 -1.88 -11.05
C ASN A 34 2.22 -0.89 -9.89
N ILE A 35 2.84 0.27 -10.08
CA ILE A 35 2.85 1.30 -9.05
C ILE A 35 2.28 2.61 -9.57
N VAL A 36 1.39 3.22 -8.80
CA VAL A 36 0.78 4.49 -9.19
C VAL A 36 0.79 5.49 -8.04
N LEU A 37 1.36 6.66 -8.29
CA LEU A 37 1.44 7.71 -7.27
C LEU A 37 0.25 8.64 -7.37
N MET A 38 -0.30 9.01 -6.21
CA MET A 38 -1.45 9.91 -6.16
C MET A 38 -1.03 11.32 -5.77
N LYS A 39 -1.33 12.28 -6.63
CA LYS A 39 -0.98 13.67 -6.38
C LYS A 39 -2.18 14.59 -6.62
N ASP A 40 -2.22 15.71 -5.90
CA ASP A 40 -3.31 16.67 -6.03
C ASP A 40 -3.24 17.37 -7.38
N SER A 41 -4.31 18.10 -7.71
CA SER A 41 -4.38 18.82 -8.98
C SER A 41 -4.16 20.32 -8.76
N ASP A 42 -4.60 20.81 -7.61
CA ASP A 42 -4.45 22.22 -7.28
C ASP A 42 -2.99 22.60 -7.14
N THR A 43 -2.32 22.00 -6.15
CA THR A 43 -0.91 22.28 -5.90
C THR A 43 -0.01 21.39 -6.76
N GLY A 44 -0.41 20.13 -6.91
CA GLY A 44 0.36 19.20 -7.71
C GLY A 44 1.61 18.70 -6.98
N ARG A 45 1.53 18.67 -5.65
CA ARG A 45 2.66 18.21 -4.84
C ARG A 45 2.35 16.87 -4.19
N SER A 46 3.29 15.94 -4.29
CA SER A 46 3.11 14.61 -3.71
C SER A 46 2.93 14.70 -2.20
N LYS A 47 1.68 14.77 -1.76
CA LYS A 47 1.37 14.86 -0.34
C LYS A 47 2.18 13.84 0.45
N GLY A 48 2.27 12.62 -0.08
CA GLY A 48 3.01 11.57 0.59
C GLY A 48 2.23 10.27 0.67
N TYR A 49 1.52 9.95 -0.41
CA TYR A 49 0.72 8.72 -0.47
C TYR A 49 0.69 8.16 -1.88
N GLY A 50 0.50 6.84 -1.98
CA GLY A 50 0.44 6.20 -3.29
C GLY A 50 -0.24 4.85 -3.23
N PHE A 51 -0.30 4.17 -4.38
CA PHE A 51 -0.95 2.87 -4.46
C PHE A 51 -0.02 1.86 -5.14
N ILE A 52 -0.01 0.63 -4.62
CA ILE A 52 0.82 -0.43 -5.18
C ILE A 52 0.04 -1.74 -5.26
N THR A 53 0.21 -2.44 -6.39
CA THR A 53 -0.47 -3.71 -6.60
C THR A 53 0.53 -4.86 -6.72
N PHE A 54 0.33 -5.89 -5.91
CA PHE A 54 1.22 -7.05 -5.93
C PHE A 54 0.64 -8.16 -6.80
N SER A 55 1.36 -9.28 -6.88
CA SER A 55 0.92 -10.41 -7.67
C SER A 55 0.21 -11.45 -6.81
N ASP A 56 0.77 -11.70 -5.63
CA ASP A 56 0.17 -12.66 -4.70
C ASP A 56 -0.37 -11.96 -3.47
N SER A 57 -1.56 -12.40 -3.02
CA SER A 57 -2.19 -11.81 -1.85
C SER A 57 -1.33 -11.99 -0.61
N GLU A 58 -0.70 -13.17 -0.49
CA GLU A 58 0.15 -13.47 0.65
C GLU A 58 1.34 -12.51 0.70
N CYS A 59 1.95 -12.27 -0.45
CA CYS A 59 3.10 -11.38 -0.54
C CYS A 59 2.73 -9.98 -0.08
N ALA A 60 1.52 -9.55 -0.41
CA ALA A 60 1.04 -8.23 -0.04
C ALA A 60 0.87 -8.11 1.47
N ARG A 61 0.33 -9.16 2.08
CA ARG A 61 0.11 -9.18 3.52
C ARG A 61 1.42 -9.01 4.28
N ARG A 62 2.43 -9.79 3.89
CA ARG A 62 3.73 -9.73 4.53
C ARG A 62 4.33 -8.32 4.43
N ALA A 63 4.34 -7.78 3.21
CA ALA A 63 4.88 -6.44 2.98
C ALA A 63 4.16 -5.41 3.84
N LEU A 64 2.86 -5.62 4.05
CA LEU A 64 2.06 -4.70 4.85
C LEU A 64 2.54 -4.68 6.30
N GLU A 65 2.79 -5.86 6.86
CA GLU A 65 3.25 -5.98 8.23
C GLU A 65 4.68 -5.44 8.37
N GLN A 66 5.50 -5.71 7.37
CA GLN A 66 6.89 -5.27 7.38
C GLN A 66 6.97 -3.75 7.22
N LEU A 67 6.16 -3.22 6.31
CA LEU A 67 6.14 -1.79 6.05
C LEU A 67 5.44 -1.04 7.18
N ASN A 68 4.27 -1.54 7.59
CA ASN A 68 3.51 -0.92 8.66
C ASN A 68 4.42 -0.52 9.82
N GLY A 69 4.52 0.78 10.06
CA GLY A 69 5.37 1.27 11.13
C GLY A 69 6.84 1.11 10.84
N PHE A 70 7.22 1.34 9.58
CA PHE A 70 8.61 1.21 9.17
C PHE A 70 9.24 2.58 8.97
N GLU A 71 10.16 2.94 9.88
CA GLU A 71 10.84 4.23 9.81
C GLU A 71 11.52 4.41 8.46
N LEU A 72 10.82 5.08 7.54
CA LEU A 72 11.35 5.32 6.20
C LEU A 72 12.39 6.43 6.23
N ALA A 73 11.95 7.65 6.56
CA ALA A 73 12.84 8.79 6.62
C ALA A 73 12.96 9.31 8.05
N GLY A 74 12.97 8.40 9.01
CA GLY A 74 13.09 8.79 10.41
C GLY A 74 11.86 8.40 11.22
N ARG A 75 10.69 8.57 10.63
CA ARG A 75 9.44 8.24 11.30
C ARG A 75 8.72 7.10 10.58
N PRO A 76 7.84 6.40 11.31
CA PRO A 76 7.07 5.29 10.76
C PRO A 76 6.02 5.74 9.76
N MET A 77 6.03 5.13 8.57
CA MET A 77 5.07 5.48 7.53
C MET A 77 3.73 4.82 7.78
N ARG A 78 2.77 5.06 6.90
CA ARG A 78 1.43 4.50 7.04
C ARG A 78 1.17 3.45 5.94
N VAL A 79 0.84 2.24 6.36
CA VAL A 79 0.57 1.16 5.42
C VAL A 79 -0.72 0.42 5.78
N GLY A 80 -1.63 0.34 4.82
CA GLY A 80 -2.90 -0.34 5.06
C GLY A 80 -3.42 -1.04 3.82
N HIS A 81 -4.33 -2.00 4.03
CA HIS A 81 -4.91 -2.75 2.91
C HIS A 81 -5.93 -1.89 2.17
N VAL A 82 -5.60 -1.53 0.93
CA VAL A 82 -6.50 -0.73 0.11
C VAL A 82 -7.95 -1.09 0.36
N THR A 83 -8.79 -0.07 0.54
CA THR A 83 -10.21 -0.28 0.79
C THR A 83 -10.86 -1.04 -0.36
N GLU A 84 -11.72 -1.99 -0.01
CA GLU A 84 -12.41 -2.79 -1.01
C GLU A 84 -13.92 -2.57 -0.95
N ARG A 85 -14.42 -1.73 -1.85
CA ARG A 85 -15.86 -1.42 -1.89
C ARG A 85 -16.59 -2.39 -2.80
N LEU A 86 -17.09 -3.49 -2.22
CA LEU A 86 -17.81 -4.50 -2.98
C LEU A 86 -18.88 -5.17 -2.12
N ASP A 87 -20.11 -5.15 -2.61
CA ASP A 87 -21.23 -5.76 -1.88
C ASP A 87 -21.46 -7.19 -2.35
N GLY A 88 -22.09 -7.99 -1.50
CA GLY A 88 -22.37 -9.38 -1.85
C GLY A 88 -23.53 -9.95 -1.06
N GLY A 89 -24.47 -10.56 -1.77
CA GLY A 89 -25.63 -11.14 -1.10
C GLY A 89 -25.71 -12.64 -1.29
N SER A 90 -26.66 -13.28 -0.61
CA SER A 90 -26.83 -14.71 -0.70
C SER A 90 -28.27 -15.07 -1.04
N GLY A 91 -29.19 -14.66 -0.18
CA GLY A 91 -30.60 -14.95 -0.40
C GLY A 91 -31.37 -15.11 0.90
N PRO A 92 -32.53 -15.78 0.81
CA PRO A 92 -33.39 -16.01 1.98
C PRO A 92 -32.77 -17.00 2.96
N SER A 93 -33.42 -17.16 4.12
CA SER A 93 -32.92 -18.08 5.14
C SER A 93 -33.64 -19.42 5.06
N SER A 94 -32.88 -20.50 5.23
CA SER A 94 -33.44 -21.84 5.17
C SER A 94 -34.73 -21.93 5.97
N GLY A 95 -34.69 -21.40 7.20
CA GLY A 95 -35.87 -21.43 8.05
C GLY A 95 -35.93 -20.26 9.00
N GLY A 1 -17.53 -13.51 -3.28
CA GLY A 1 -17.67 -13.14 -4.68
C GLY A 1 -16.39 -13.38 -5.46
N SER A 2 -15.28 -12.84 -4.97
CA SER A 2 -13.99 -13.00 -5.64
C SER A 2 -12.85 -12.66 -4.68
N SER A 3 -11.66 -13.19 -4.99
CA SER A 3 -10.48 -12.96 -4.17
C SER A 3 -9.74 -11.71 -4.63
N GLY A 4 -8.79 -11.25 -3.82
CA GLY A 4 -8.02 -10.08 -4.16
C GLY A 4 -7.40 -9.41 -2.95
N SER A 5 -7.88 -8.20 -2.64
CA SER A 5 -7.38 -7.45 -1.50
C SER A 5 -5.86 -7.56 -1.41
N SER A 6 -5.20 -7.50 -2.56
CA SER A 6 -3.74 -7.59 -2.61
C SER A 6 -3.11 -6.20 -2.60
N GLY A 7 -3.71 -5.29 -3.35
CA GLY A 7 -3.19 -3.93 -3.41
C GLY A 7 -2.96 -3.33 -2.04
N LEU A 8 -1.84 -2.63 -1.88
CA LEU A 8 -1.51 -2.00 -0.60
C LEU A 8 -1.46 -0.48 -0.75
N TYR A 9 -1.88 0.22 0.30
CA TYR A 9 -1.88 1.67 0.30
C TYR A 9 -0.76 2.22 1.19
N VAL A 10 0.02 3.14 0.64
CA VAL A 10 1.12 3.75 1.38
C VAL A 10 0.88 5.24 1.60
N GLY A 11 1.07 5.68 2.84
CA GLY A 11 0.88 7.08 3.16
C GLY A 11 1.86 7.59 4.21
N SER A 12 1.98 8.91 4.32
CA SER A 12 2.89 9.51 5.28
C SER A 12 4.33 9.39 4.81
N LEU A 13 4.56 9.63 3.52
CA LEU A 13 5.89 9.55 2.94
C LEU A 13 6.49 10.94 2.77
N HIS A 14 7.70 10.98 2.19
CA HIS A 14 8.39 12.26 1.96
C HIS A 14 8.31 12.64 0.49
N PHE A 15 7.84 13.86 0.24
CA PHE A 15 7.71 14.36 -1.13
C PHE A 15 8.86 13.86 -2.00
N ASN A 16 10.08 13.92 -1.47
CA ASN A 16 11.26 13.47 -2.20
C ASN A 16 11.06 12.06 -2.74
N ILE A 17 10.55 11.17 -1.89
CA ILE A 17 10.31 9.79 -2.28
C ILE A 17 9.75 9.72 -3.70
N THR A 18 10.08 8.64 -4.41
CA THR A 18 9.61 8.45 -5.77
C THR A 18 9.16 7.01 -6.00
N GLU A 19 8.61 6.74 -7.18
CA GLU A 19 8.15 5.40 -7.52
C GLU A 19 9.29 4.39 -7.39
N ASP A 20 10.49 4.82 -7.73
CA ASP A 20 11.66 3.95 -7.65
C ASP A 20 11.85 3.41 -6.24
N MET A 21 11.71 4.29 -5.26
CA MET A 21 11.87 3.91 -3.86
C MET A 21 10.78 2.92 -3.44
N LEU A 22 9.55 3.19 -3.87
CA LEU A 22 8.43 2.32 -3.54
C LEU A 22 8.64 0.91 -4.08
N ARG A 23 9.19 0.83 -5.30
CA ARG A 23 9.45 -0.45 -5.93
C ARG A 23 10.61 -1.17 -5.26
N GLY A 24 11.62 -0.41 -4.86
CA GLY A 24 12.78 -0.98 -4.21
C GLY A 24 12.44 -1.63 -2.89
N ILE A 25 11.48 -1.05 -2.17
CA ILE A 25 11.05 -1.58 -0.88
C ILE A 25 10.04 -2.70 -1.05
N PHE A 26 9.06 -2.48 -1.93
CA PHE A 26 8.02 -3.47 -2.19
C PHE A 26 8.55 -4.57 -3.12
N GLU A 27 9.76 -4.38 -3.62
CA GLU A 27 10.37 -5.36 -4.52
C GLU A 27 10.71 -6.64 -3.77
N PRO A 28 11.55 -6.51 -2.73
CA PRO A 28 11.98 -7.66 -1.91
C PRO A 28 10.85 -8.22 -1.06
N PHE A 29 9.68 -7.60 -1.16
CA PHE A 29 8.52 -8.04 -0.39
C PHE A 29 7.58 -8.88 -1.26
N GLY A 30 7.66 -8.68 -2.57
CA GLY A 30 6.82 -9.43 -3.49
C GLY A 30 6.84 -8.86 -4.90
N LYS A 31 6.31 -9.62 -5.85
CA LYS A 31 6.28 -9.18 -7.24
C LYS A 31 5.31 -8.01 -7.42
N ILE A 32 5.86 -6.86 -7.79
CA ILE A 32 5.04 -5.66 -7.99
C ILE A 32 4.43 -5.65 -9.39
N ASP A 33 3.10 -5.62 -9.45
CA ASP A 33 2.40 -5.60 -10.72
C ASP A 33 2.43 -4.21 -11.35
N ASN A 34 2.09 -3.19 -10.54
CA ASN A 34 2.09 -1.81 -11.02
C ASN A 34 2.07 -0.83 -9.86
N ILE A 35 2.74 0.30 -10.02
CA ILE A 35 2.80 1.31 -8.99
C ILE A 35 2.31 2.67 -9.51
N VAL A 36 1.40 3.27 -8.77
CA VAL A 36 0.84 4.57 -9.15
C VAL A 36 0.88 5.55 -7.98
N LEU A 37 1.37 6.76 -8.24
CA LEU A 37 1.46 7.79 -7.21
C LEU A 37 0.31 8.79 -7.35
N MET A 38 -0.33 9.11 -6.23
CA MET A 38 -1.43 10.07 -6.23
C MET A 38 -0.94 11.47 -5.89
N LYS A 39 -1.26 12.42 -6.76
CA LYS A 39 -0.85 13.81 -6.55
C LYS A 39 -2.05 14.75 -6.70
N ASP A 40 -1.93 15.94 -6.11
CA ASP A 40 -2.99 16.93 -6.17
C ASP A 40 -3.19 17.42 -7.61
N SER A 41 -4.23 18.21 -7.82
CA SER A 41 -4.54 18.74 -9.14
C SER A 41 -4.20 20.23 -9.22
N ASP A 42 -4.53 20.96 -8.16
CA ASP A 42 -4.26 22.40 -8.12
C ASP A 42 -2.78 22.66 -7.86
N THR A 43 -2.25 22.08 -6.79
CA THR A 43 -0.85 22.25 -6.44
C THR A 43 0.04 21.38 -7.30
N GLY A 44 -0.39 20.14 -7.54
CA GLY A 44 0.39 19.24 -8.36
C GLY A 44 1.63 18.72 -7.64
N ARG A 45 1.61 18.80 -6.32
CA ARG A 45 2.74 18.35 -5.50
C ARG A 45 2.39 17.08 -4.74
N SER A 46 3.26 16.09 -4.82
CA SER A 46 3.04 14.81 -4.14
C SER A 46 2.96 15.02 -2.62
N LYS A 47 1.87 14.54 -2.03
CA LYS A 47 1.66 14.67 -0.59
C LYS A 47 2.51 13.65 0.17
N GLY A 48 2.60 12.44 -0.37
CA GLY A 48 3.38 11.40 0.28
C GLY A 48 2.61 10.09 0.40
N TYR A 49 1.83 9.77 -0.63
CA TYR A 49 1.04 8.55 -0.63
C TYR A 49 0.89 8.00 -2.05
N GLY A 50 0.58 6.71 -2.16
CA GLY A 50 0.41 6.09 -3.45
C GLY A 50 -0.26 4.73 -3.36
N PHE A 51 -0.52 4.12 -4.52
CA PHE A 51 -1.16 2.82 -4.56
C PHE A 51 -0.26 1.80 -5.26
N ILE A 52 -0.16 0.60 -4.68
CA ILE A 52 0.66 -0.45 -5.24
C ILE A 52 -0.11 -1.78 -5.30
N THR A 53 0.08 -2.50 -6.39
CA THR A 53 -0.59 -3.79 -6.58
C THR A 53 0.42 -4.92 -6.75
N PHE A 54 0.25 -5.98 -5.96
CA PHE A 54 1.16 -7.13 -6.02
C PHE A 54 0.56 -8.22 -6.90
N SER A 55 1.25 -9.36 -6.94
CA SER A 55 0.80 -10.50 -7.74
C SER A 55 0.22 -11.59 -6.85
N ASP A 56 0.72 -11.67 -5.63
CA ASP A 56 0.26 -12.67 -4.68
C ASP A 56 -0.32 -12.01 -3.42
N SER A 57 -1.46 -12.51 -2.97
CA SER A 57 -2.12 -11.97 -1.78
C SER A 57 -1.24 -12.15 -0.54
N GLU A 58 -0.62 -13.32 -0.44
CA GLU A 58 0.25 -13.62 0.68
C GLU A 58 1.43 -12.65 0.75
N CYS A 59 2.03 -12.38 -0.39
CA CYS A 59 3.16 -11.47 -0.47
C CYS A 59 2.76 -10.06 -0.02
N ALA A 60 1.55 -9.64 -0.41
CA ALA A 60 1.04 -8.33 -0.05
C ALA A 60 0.88 -8.19 1.46
N ARG A 61 0.33 -9.23 2.09
CA ARG A 61 0.13 -9.23 3.52
C ARG A 61 1.45 -9.09 4.27
N ARG A 62 2.43 -9.90 3.87
CA ARG A 62 3.75 -9.87 4.49
C ARG A 62 4.37 -8.48 4.42
N ALA A 63 4.36 -7.91 3.22
CA ALA A 63 4.92 -6.58 3.00
C ALA A 63 4.25 -5.55 3.89
N LEU A 64 2.93 -5.68 4.06
CA LEU A 64 2.17 -4.76 4.89
C LEU A 64 2.65 -4.80 6.33
N GLU A 65 2.93 -6.01 6.82
CA GLU A 65 3.40 -6.20 8.19
C GLU A 65 4.80 -5.61 8.37
N GLN A 66 5.61 -5.71 7.33
CA GLN A 66 6.97 -5.19 7.37
C GLN A 66 7.00 -3.70 7.08
N LEU A 67 6.00 -3.24 6.34
CA LEU A 67 5.91 -1.82 5.97
C LEU A 67 5.29 -1.02 7.11
N ASN A 68 4.18 -1.52 7.65
CA ASN A 68 3.50 -0.85 8.75
C ASN A 68 4.47 -0.51 9.88
N GLY A 69 4.63 0.78 10.14
CA GLY A 69 5.53 1.21 11.20
C GLY A 69 6.99 1.11 10.79
N PHE A 70 7.26 1.30 9.51
CA PHE A 70 8.63 1.22 9.00
C PHE A 70 9.25 2.61 8.89
N GLU A 71 10.18 2.90 9.79
CA GLU A 71 10.85 4.20 9.80
C GLU A 71 11.59 4.44 8.48
N LEU A 72 11.00 5.25 7.62
CA LEU A 72 11.60 5.55 6.32
C LEU A 72 12.45 6.82 6.40
N ALA A 73 11.81 7.94 6.70
CA ALA A 73 12.50 9.21 6.80
C ALA A 73 12.60 9.67 8.25
N GLY A 74 12.85 8.72 9.15
CA GLY A 74 12.95 9.04 10.56
C GLY A 74 11.68 8.74 11.32
N ARG A 75 10.55 8.76 10.62
CA ARG A 75 9.25 8.50 11.23
C ARG A 75 8.57 7.31 10.57
N PRO A 76 7.69 6.64 11.33
CA PRO A 76 6.95 5.48 10.84
C PRO A 76 5.92 5.84 9.78
N MET A 77 5.96 5.13 8.65
CA MET A 77 5.03 5.39 7.56
C MET A 77 3.70 4.68 7.81
N ARG A 78 2.67 5.08 7.06
CA ARG A 78 1.35 4.48 7.21
C ARG A 78 1.08 3.49 6.07
N VAL A 79 0.81 2.25 6.44
CA VAL A 79 0.53 1.21 5.46
C VAL A 79 -0.74 0.44 5.81
N GLY A 80 -1.70 0.45 4.90
CA GLY A 80 -2.96 -0.25 5.13
C GLY A 80 -3.48 -0.93 3.89
N HIS A 81 -4.42 -1.85 4.08
CA HIS A 81 -5.00 -2.58 2.96
C HIS A 81 -5.94 -1.69 2.15
N VAL A 82 -5.54 -1.39 0.91
CA VAL A 82 -6.36 -0.54 0.04
C VAL A 82 -7.84 -0.76 0.28
N THR A 83 -8.59 0.34 0.34
CA THR A 83 -10.03 0.26 0.56
C THR A 83 -10.80 0.47 -0.73
N GLU A 84 -11.90 -0.26 -0.89
CA GLU A 84 -12.72 -0.15 -2.09
C GLU A 84 -14.12 0.37 -1.74
N ARG A 85 -14.99 0.41 -2.74
CA ARG A 85 -16.35 0.90 -2.55
C ARG A 85 -17.36 -0.12 -3.07
N LEU A 86 -18.57 -0.10 -2.51
CA LEU A 86 -19.62 -1.01 -2.92
C LEU A 86 -20.89 -0.26 -3.28
N ASP A 87 -21.11 -0.05 -4.58
CA ASP A 87 -22.29 0.66 -5.05
C ASP A 87 -23.26 -0.30 -5.74
N GLY A 88 -24.38 -0.56 -5.08
CA GLY A 88 -25.38 -1.46 -5.64
C GLY A 88 -26.74 -1.26 -5.02
N GLY A 89 -27.76 -1.13 -5.87
CA GLY A 89 -29.11 -0.93 -5.39
C GLY A 89 -30.15 -1.24 -6.44
N SER A 90 -30.91 -2.31 -6.23
CA SER A 90 -31.95 -2.71 -7.16
C SER A 90 -33.12 -1.75 -7.13
N GLY A 91 -33.49 -1.30 -5.93
CA GLY A 91 -34.60 -0.38 -5.79
C GLY A 91 -35.79 -0.99 -5.07
N PRO A 92 -36.49 -0.17 -4.29
CA PRO A 92 -37.67 -0.62 -3.53
C PRO A 92 -38.86 -0.94 -4.44
N SER A 93 -39.40 -2.14 -4.30
CA SER A 93 -40.54 -2.56 -5.11
C SER A 93 -41.08 -3.90 -4.63
N SER A 94 -42.33 -4.19 -4.97
CA SER A 94 -42.96 -5.45 -4.57
C SER A 94 -43.17 -6.36 -5.78
N GLY A 95 -43.85 -5.83 -6.80
CA GLY A 95 -44.10 -6.61 -8.00
C GLY A 95 -45.58 -6.68 -8.33
N GLY A 1 -19.29 -11.73 -4.98
CA GLY A 1 -18.11 -10.93 -5.30
C GLY A 1 -16.84 -11.77 -5.31
N SER A 2 -15.69 -11.09 -5.27
CA SER A 2 -14.40 -11.77 -5.29
C SER A 2 -13.44 -11.12 -4.31
N SER A 3 -12.33 -11.81 -4.04
CA SER A 3 -11.32 -11.30 -3.12
C SER A 3 -10.80 -9.94 -3.58
N GLY A 4 -10.47 -9.84 -4.86
CA GLY A 4 -9.98 -8.59 -5.41
C GLY A 4 -8.47 -8.63 -5.63
N SER A 5 -7.98 -7.67 -6.41
CA SER A 5 -6.56 -7.60 -6.72
C SER A 5 -5.75 -7.23 -5.47
N SER A 6 -4.60 -7.88 -5.31
CA SER A 6 -3.74 -7.63 -4.16
C SER A 6 -3.12 -6.23 -4.23
N GLY A 7 -3.69 -5.31 -3.46
CA GLY A 7 -3.18 -3.95 -3.46
C GLY A 7 -2.90 -3.44 -2.05
N LEU A 8 -1.92 -2.55 -1.94
CA LEU A 8 -1.55 -1.99 -0.64
C LEU A 8 -1.51 -0.47 -0.70
N TYR A 9 -1.90 0.18 0.40
CA TYR A 9 -1.90 1.64 0.48
C TYR A 9 -0.73 2.14 1.32
N VAL A 10 -0.05 3.17 0.82
CA VAL A 10 1.09 3.75 1.53
C VAL A 10 0.86 5.23 1.81
N GLY A 11 1.06 5.63 3.06
CA GLY A 11 0.88 7.02 3.43
C GLY A 11 1.95 7.52 4.38
N SER A 12 2.08 8.83 4.49
CA SER A 12 3.08 9.43 5.36
C SER A 12 4.48 9.28 4.77
N LEU A 13 4.59 9.60 3.48
CA LEU A 13 5.88 9.51 2.79
C LEU A 13 6.47 10.90 2.53
N HIS A 14 7.59 10.93 1.84
CA HIS A 14 8.25 12.20 1.51
C HIS A 14 8.22 12.46 0.01
N PHE A 15 7.79 13.66 -0.37
CA PHE A 15 7.71 14.04 -1.78
C PHE A 15 8.89 13.48 -2.55
N ASN A 16 10.11 13.84 -2.13
CA ASN A 16 11.32 13.36 -2.79
C ASN A 16 11.15 11.92 -3.27
N ILE A 17 10.62 11.08 -2.40
CA ILE A 17 10.41 9.67 -2.74
C ILE A 17 9.74 9.53 -4.10
N THR A 18 10.33 8.70 -4.96
CA THR A 18 9.79 8.47 -6.29
C THR A 18 9.29 7.05 -6.44
N GLU A 19 8.67 6.75 -7.59
CA GLU A 19 8.15 5.42 -7.86
C GLU A 19 9.24 4.37 -7.77
N ASP A 20 10.46 4.75 -8.17
CA ASP A 20 11.60 3.84 -8.13
C ASP A 20 11.88 3.39 -6.71
N MET A 21 11.89 4.34 -5.78
CA MET A 21 12.16 4.03 -4.38
C MET A 21 11.12 3.06 -3.83
N LEU A 22 9.86 3.29 -4.18
CA LEU A 22 8.77 2.44 -3.72
C LEU A 22 8.97 1.00 -4.18
N ARG A 23 9.42 0.85 -5.43
CA ARG A 23 9.65 -0.47 -6.00
C ARG A 23 10.75 -1.21 -5.23
N GLY A 24 11.83 -0.50 -4.92
CA GLY A 24 12.93 -1.10 -4.20
C GLY A 24 12.54 -1.52 -2.80
N ILE A 25 11.62 -0.78 -2.19
CA ILE A 25 11.17 -1.07 -0.85
C ILE A 25 10.18 -2.23 -0.84
N PHE A 26 9.28 -2.23 -1.82
CA PHE A 26 8.26 -3.27 -1.94
C PHE A 26 8.77 -4.43 -2.81
N GLU A 27 9.92 -4.21 -3.45
CA GLU A 27 10.51 -5.23 -4.32
C GLU A 27 10.78 -6.52 -3.54
N PRO A 28 11.61 -6.40 -2.49
CA PRO A 28 11.97 -7.55 -1.65
C PRO A 28 10.80 -8.03 -0.80
N PHE A 29 9.64 -7.41 -0.99
CA PHE A 29 8.44 -7.78 -0.24
C PHE A 29 7.46 -8.54 -1.12
N GLY A 30 7.73 -8.55 -2.42
CA GLY A 30 6.85 -9.24 -3.36
C GLY A 30 6.92 -8.64 -4.75
N LYS A 31 6.35 -9.35 -5.72
CA LYS A 31 6.33 -8.89 -7.10
C LYS A 31 5.37 -7.71 -7.27
N ILE A 32 5.89 -6.59 -7.74
CA ILE A 32 5.08 -5.40 -7.96
C ILE A 32 4.57 -5.33 -9.39
N ASP A 33 3.26 -5.50 -9.56
CA ASP A 33 2.65 -5.45 -10.88
C ASP A 33 2.68 -4.03 -11.44
N ASN A 34 2.43 -3.05 -10.57
CA ASN A 34 2.41 -1.65 -10.98
C ASN A 34 2.41 -0.74 -9.77
N ILE A 35 2.91 0.48 -9.96
CA ILE A 35 2.96 1.47 -8.87
C ILE A 35 2.41 2.81 -9.33
N VAL A 36 1.53 3.38 -8.51
CA VAL A 36 0.92 4.67 -8.82
C VAL A 36 1.06 5.64 -7.65
N LEU A 37 1.39 6.89 -7.96
CA LEU A 37 1.56 7.92 -6.93
C LEU A 37 0.43 8.94 -7.01
N MET A 38 -0.14 9.26 -5.86
CA MET A 38 -1.23 10.23 -5.79
C MET A 38 -0.69 11.65 -5.71
N LYS A 39 -1.37 12.57 -6.38
CA LYS A 39 -0.95 13.97 -6.39
C LYS A 39 -2.16 14.89 -6.32
N ASP A 40 -1.96 16.08 -5.77
CA ASP A 40 -3.03 17.06 -5.65
C ASP A 40 -3.55 17.48 -7.01
N SER A 41 -4.48 18.42 -7.03
CA SER A 41 -5.06 18.90 -8.28
C SER A 41 -4.93 20.42 -8.39
N ASP A 42 -4.54 21.05 -7.29
CA ASP A 42 -4.38 22.50 -7.26
C ASP A 42 -2.98 22.90 -7.69
N THR A 43 -1.98 22.14 -7.22
CA THR A 43 -0.59 22.41 -7.56
C THR A 43 0.04 21.23 -8.28
N GLY A 44 -0.05 20.05 -7.68
CA GLY A 44 0.51 18.86 -8.29
C GLY A 44 1.63 18.25 -7.46
N ARG A 45 1.73 18.69 -6.21
CA ARG A 45 2.76 18.20 -5.30
C ARG A 45 2.26 16.97 -4.53
N SER A 46 2.99 15.87 -4.65
CA SER A 46 2.62 14.63 -3.98
C SER A 46 2.23 14.91 -2.53
N LYS A 47 1.24 14.16 -2.04
CA LYS A 47 0.77 14.32 -0.67
C LYS A 47 1.52 13.40 0.28
N GLY A 48 2.33 12.51 -0.29
CA GLY A 48 3.10 11.58 0.52
C GLY A 48 2.43 10.23 0.65
N TYR A 49 1.64 9.86 -0.36
CA TYR A 49 0.93 8.59 -0.35
C TYR A 49 0.71 8.08 -1.78
N GLY A 50 0.42 6.79 -1.90
CA GLY A 50 0.21 6.20 -3.21
C GLY A 50 -0.39 4.80 -3.12
N PHE A 51 -0.49 4.14 -4.26
CA PHE A 51 -1.05 2.79 -4.32
C PHE A 51 -0.06 1.82 -4.95
N ILE A 52 -0.10 0.56 -4.51
CA ILE A 52 0.78 -0.46 -5.04
C ILE A 52 0.04 -1.78 -5.24
N THR A 53 0.35 -2.45 -6.35
CA THR A 53 -0.29 -3.72 -6.66
C THR A 53 0.74 -4.85 -6.73
N PHE A 54 0.46 -5.95 -6.02
CA PHE A 54 1.35 -7.10 -6.00
C PHE A 54 0.82 -8.22 -6.89
N SER A 55 1.51 -9.36 -6.87
CA SER A 55 1.11 -10.51 -7.67
C SER A 55 0.36 -11.53 -6.83
N ASP A 56 0.84 -11.76 -5.62
CA ASP A 56 0.21 -12.71 -4.71
C ASP A 56 -0.36 -12.00 -3.49
N SER A 57 -1.54 -12.43 -3.06
CA SER A 57 -2.21 -11.84 -1.91
C SER A 57 -1.38 -12.03 -0.64
N GLU A 58 -0.79 -13.21 -0.50
CA GLU A 58 0.04 -13.52 0.66
C GLU A 58 1.23 -12.57 0.75
N CYS A 59 1.86 -12.32 -0.38
CA CYS A 59 3.02 -11.43 -0.44
C CYS A 59 2.65 -10.03 0.03
N ALA A 60 1.44 -9.60 -0.30
CA ALA A 60 0.96 -8.28 0.09
C ALA A 60 0.76 -8.19 1.61
N ARG A 61 0.20 -9.24 2.19
CA ARG A 61 -0.04 -9.28 3.62
C ARG A 61 1.27 -9.13 4.40
N ARG A 62 2.27 -9.91 4.02
CA ARG A 62 3.57 -9.86 4.68
C ARG A 62 4.18 -8.46 4.59
N ALA A 63 4.21 -7.92 3.38
CA ALA A 63 4.77 -6.58 3.15
C ALA A 63 4.04 -5.54 4.01
N LEU A 64 2.74 -5.73 4.19
CA LEU A 64 1.92 -4.82 4.98
C LEU A 64 2.37 -4.80 6.43
N GLU A 65 2.61 -5.98 6.99
CA GLU A 65 3.04 -6.10 8.38
C GLU A 65 4.47 -5.57 8.54
N GLN A 66 5.33 -5.92 7.59
CA GLN A 66 6.72 -5.49 7.63
C GLN A 66 6.83 -3.97 7.44
N LEU A 67 6.04 -3.44 6.50
CA LEU A 67 6.05 -2.02 6.21
C LEU A 67 5.35 -1.24 7.32
N ASN A 68 4.18 -1.72 7.72
CA ASN A 68 3.40 -1.06 8.77
C ASN A 68 4.32 -0.51 9.86
N GLY A 69 4.52 0.80 9.85
CA GLY A 69 5.38 1.43 10.83
C GLY A 69 6.85 1.29 10.50
N PHE A 70 7.17 1.29 9.21
CA PHE A 70 8.55 1.15 8.77
C PHE A 70 9.24 2.51 8.70
N GLU A 71 10.12 2.77 9.68
CA GLU A 71 10.84 4.04 9.73
C GLU A 71 11.64 4.26 8.45
N LEU A 72 11.06 5.02 7.53
CA LEU A 72 11.72 5.32 6.26
C LEU A 72 12.57 6.58 6.37
N ALA A 73 11.91 7.72 6.50
CA ALA A 73 12.61 8.99 6.62
C ALA A 73 12.70 9.45 8.07
N GLY A 74 12.78 8.48 8.97
CA GLY A 74 12.88 8.79 10.39
C GLY A 74 11.60 8.46 11.14
N ARG A 75 10.46 8.68 10.49
CA ARG A 75 9.17 8.41 11.10
C ARG A 75 8.50 7.20 10.46
N PRO A 76 7.73 6.45 11.25
CA PRO A 76 7.02 5.26 10.78
C PRO A 76 5.89 5.59 9.83
N MET A 77 5.96 5.06 8.61
CA MET A 77 4.93 5.31 7.60
C MET A 77 3.67 4.52 7.93
N ARG A 78 2.61 4.79 7.17
CA ARG A 78 1.32 4.12 7.38
C ARG A 78 1.00 3.20 6.21
N VAL A 79 0.80 1.92 6.50
CA VAL A 79 0.48 0.93 5.48
C VAL A 79 -0.82 0.21 5.79
N GLY A 80 -1.77 0.28 4.86
CA GLY A 80 -3.05 -0.37 5.06
C GLY A 80 -3.60 -0.98 3.79
N HIS A 81 -4.55 -1.88 3.92
CA HIS A 81 -5.15 -2.55 2.78
C HIS A 81 -6.04 -1.58 1.99
N VAL A 82 -5.79 -1.49 0.68
CA VAL A 82 -6.56 -0.61 -0.18
C VAL A 82 -8.02 -0.52 0.28
N THR A 83 -8.48 0.69 0.55
CA THR A 83 -9.84 0.91 1.00
C THR A 83 -10.82 0.88 -0.17
N GLU A 84 -10.53 1.66 -1.20
CA GLU A 84 -11.38 1.71 -2.38
C GLU A 84 -11.85 0.31 -2.77
N ARG A 85 -13.15 0.19 -3.05
CA ARG A 85 -13.73 -1.09 -3.43
C ARG A 85 -12.98 -1.69 -4.62
N LEU A 86 -12.67 -2.98 -4.52
CA LEU A 86 -11.95 -3.68 -5.58
C LEU A 86 -12.81 -4.76 -6.21
N ASP A 87 -14.07 -4.43 -6.48
CA ASP A 87 -15.00 -5.36 -7.08
C ASP A 87 -16.23 -4.65 -7.62
N GLY A 88 -17.02 -5.35 -8.43
CA GLY A 88 -18.22 -4.77 -9.00
C GLY A 88 -19.16 -5.81 -9.58
N GLY A 89 -19.12 -5.97 -10.90
CA GLY A 89 -19.99 -6.93 -11.54
C GLY A 89 -21.40 -6.88 -11.03
N SER A 90 -22.09 -5.77 -11.30
CA SER A 90 -23.47 -5.60 -10.85
C SER A 90 -24.27 -6.88 -11.04
N GLY A 91 -24.86 -7.37 -9.96
CA GLY A 91 -25.64 -8.59 -10.02
C GLY A 91 -26.60 -8.73 -8.85
N PRO A 92 -27.77 -8.08 -8.95
CA PRO A 92 -28.78 -8.11 -7.90
C PRO A 92 -29.44 -9.48 -7.78
N SER A 93 -29.48 -10.02 -6.56
CA SER A 93 -30.08 -11.33 -6.32
C SER A 93 -30.95 -11.30 -5.07
N SER A 94 -32.04 -12.06 -5.10
CA SER A 94 -32.96 -12.12 -3.97
C SER A 94 -32.60 -13.28 -3.05
N GLY A 95 -32.76 -13.05 -1.74
CA GLY A 95 -32.47 -14.09 -0.78
C GLY A 95 -33.69 -14.87 -0.35
N GLY A 1 -12.74 -10.06 6.81
CA GLY A 1 -12.02 -10.55 5.65
C GLY A 1 -12.45 -9.85 4.37
N SER A 2 -11.65 -10.01 3.32
CA SER A 2 -11.95 -9.39 2.03
C SER A 2 -11.04 -9.95 0.94
N SER A 3 -11.63 -10.26 -0.21
CA SER A 3 -10.87 -10.81 -1.33
C SER A 3 -10.75 -9.77 -2.44
N GLY A 4 -10.01 -10.13 -3.49
CA GLY A 4 -9.81 -9.23 -4.61
C GLY A 4 -8.37 -9.15 -5.06
N SER A 5 -8.07 -8.17 -5.89
CA SER A 5 -6.71 -7.99 -6.40
C SER A 5 -5.79 -7.45 -5.31
N SER A 6 -4.66 -8.13 -5.11
CA SER A 6 -3.69 -7.73 -4.09
C SER A 6 -3.31 -6.27 -4.26
N GLY A 7 -3.77 -5.44 -3.32
CA GLY A 7 -3.47 -4.02 -3.38
C GLY A 7 -3.14 -3.43 -2.02
N LEU A 8 -2.08 -2.65 -1.96
CA LEU A 8 -1.66 -2.03 -0.71
C LEU A 8 -1.58 -0.51 -0.84
N TYR A 9 -1.92 0.19 0.24
CA TYR A 9 -1.89 1.65 0.23
C TYR A 9 -0.80 2.17 1.16
N VAL A 10 -0.02 3.14 0.67
CA VAL A 10 1.06 3.73 1.46
C VAL A 10 0.87 5.23 1.60
N GLY A 11 1.02 5.72 2.83
CA GLY A 11 0.87 7.14 3.08
C GLY A 11 1.82 7.64 4.15
N SER A 12 1.95 8.97 4.24
CA SER A 12 2.84 9.58 5.23
C SER A 12 4.30 9.40 4.83
N LEU A 13 4.60 9.69 3.56
CA LEU A 13 5.96 9.56 3.05
C LEU A 13 6.57 10.94 2.77
N HIS A 14 7.81 10.95 2.32
CA HIS A 14 8.51 12.19 2.01
C HIS A 14 8.45 12.50 0.53
N PHE A 15 8.08 13.73 0.19
CA PHE A 15 7.99 14.15 -1.20
C PHE A 15 9.16 13.62 -2.02
N ASN A 16 10.36 14.01 -1.63
CA ASN A 16 11.57 13.57 -2.33
C ASN A 16 11.42 12.14 -2.84
N ILE A 17 10.68 11.32 -2.08
CA ILE A 17 10.45 9.93 -2.47
C ILE A 17 9.87 9.84 -3.87
N THR A 18 10.21 8.77 -4.57
CA THR A 18 9.71 8.55 -5.92
C THR A 18 9.24 7.12 -6.12
N GLU A 19 8.69 6.83 -7.30
CA GLU A 19 8.20 5.49 -7.61
C GLU A 19 9.31 4.45 -7.47
N ASP A 20 10.53 4.87 -7.78
CA ASP A 20 11.69 3.99 -7.68
C ASP A 20 11.87 3.47 -6.26
N MET A 21 11.55 4.32 -5.29
CA MET A 21 11.67 3.95 -3.88
C MET A 21 10.61 2.93 -3.49
N LEU A 22 9.40 3.09 -4.03
CA LEU A 22 8.30 2.18 -3.73
C LEU A 22 8.54 0.82 -4.35
N ARG A 23 9.01 0.80 -5.59
CA ARG A 23 9.30 -0.44 -6.30
C ARG A 23 10.46 -1.19 -5.65
N GLY A 24 11.47 -0.43 -5.24
CA GLY A 24 12.64 -1.04 -4.61
C GLY A 24 12.31 -1.64 -3.26
N ILE A 25 11.42 -1.00 -2.52
CA ILE A 25 11.04 -1.48 -1.20
C ILE A 25 10.03 -2.63 -1.31
N PHE A 26 9.04 -2.45 -2.18
CA PHE A 26 8.02 -3.48 -2.37
C PHE A 26 8.52 -4.58 -3.30
N GLU A 27 9.73 -4.39 -3.83
CA GLU A 27 10.32 -5.36 -4.74
C GLU A 27 10.71 -6.64 -3.99
N PRO A 28 11.58 -6.47 -2.98
CA PRO A 28 12.05 -7.59 -2.15
C PRO A 28 10.95 -8.16 -1.27
N PHE A 29 9.74 -7.62 -1.40
CA PHE A 29 8.62 -8.08 -0.60
C PHE A 29 7.67 -8.95 -1.43
N GLY A 30 7.69 -8.73 -2.75
CA GLY A 30 6.84 -9.50 -3.64
C GLY A 30 6.84 -8.95 -5.05
N LYS A 31 6.33 -9.75 -5.99
CA LYS A 31 6.27 -9.35 -7.39
C LYS A 31 5.30 -8.19 -7.58
N ILE A 32 5.84 -7.00 -7.86
CA ILE A 32 5.02 -5.82 -8.08
C ILE A 32 4.45 -5.79 -9.49
N ASP A 33 3.13 -5.71 -9.59
CA ASP A 33 2.45 -5.67 -10.88
C ASP A 33 2.53 -4.27 -11.49
N ASN A 34 2.27 -3.26 -10.66
CA ASN A 34 2.31 -1.87 -11.12
C ASN A 34 2.27 -0.91 -9.94
N ILE A 35 2.87 0.27 -10.12
CA ILE A 35 2.90 1.27 -9.07
C ILE A 35 2.40 2.62 -9.59
N VAL A 36 1.53 3.27 -8.82
CA VAL A 36 0.99 4.56 -9.20
C VAL A 36 1.01 5.54 -8.02
N LEU A 37 1.44 6.76 -8.28
CA LEU A 37 1.52 7.78 -7.25
C LEU A 37 0.30 8.69 -7.30
N MET A 38 -0.27 8.97 -6.13
CA MET A 38 -1.45 9.83 -6.03
C MET A 38 -1.05 11.24 -5.65
N LYS A 39 -1.54 12.21 -6.42
CA LYS A 39 -1.23 13.62 -6.16
C LYS A 39 -2.51 14.45 -6.13
N ASP A 40 -2.52 15.48 -5.28
CA ASP A 40 -3.68 16.36 -5.15
C ASP A 40 -3.98 17.06 -6.47
N SER A 41 -4.97 17.94 -6.46
CA SER A 41 -5.36 18.67 -7.66
C SER A 41 -5.18 20.17 -7.46
N ASP A 42 -5.68 20.67 -6.33
CA ASP A 42 -5.57 22.09 -6.02
C ASP A 42 -4.11 22.54 -6.01
N THR A 43 -3.24 21.68 -5.49
CA THR A 43 -1.81 21.98 -5.42
C THR A 43 -1.03 21.18 -6.43
N GLY A 44 -1.19 19.86 -6.40
CA GLY A 44 -0.49 18.99 -7.33
C GLY A 44 0.82 18.48 -6.76
N ARG A 45 0.99 18.60 -5.44
CA ARG A 45 2.21 18.16 -4.78
C ARG A 45 1.96 16.87 -4.01
N SER A 46 2.65 15.80 -4.40
CA SER A 46 2.51 14.51 -3.75
C SER A 46 2.48 14.67 -2.23
N LYS A 47 1.47 14.08 -1.60
CA LYS A 47 1.34 14.16 -0.14
C LYS A 47 2.12 13.04 0.53
N GLY A 48 2.93 12.33 -0.25
CA GLY A 48 3.71 11.24 0.29
C GLY A 48 2.93 9.95 0.42
N TYR A 49 2.11 9.67 -0.60
CA TYR A 49 1.30 8.45 -0.59
C TYR A 49 1.08 7.95 -2.02
N GLY A 50 0.81 6.66 -2.15
CA GLY A 50 0.57 6.08 -3.45
C GLY A 50 -0.08 4.71 -3.38
N PHE A 51 -0.36 4.12 -4.53
CA PHE A 51 -1.00 2.81 -4.58
C PHE A 51 -0.09 1.79 -5.27
N ILE A 52 -0.05 0.58 -4.73
CA ILE A 52 0.78 -0.48 -5.29
C ILE A 52 0.02 -1.80 -5.34
N THR A 53 0.20 -2.53 -6.45
CA THR A 53 -0.47 -3.81 -6.63
C THR A 53 0.55 -4.94 -6.75
N PHE A 54 0.40 -5.94 -5.89
CA PHE A 54 1.31 -7.09 -5.89
C PHE A 54 0.77 -8.19 -6.78
N SER A 55 1.46 -9.33 -6.80
CA SER A 55 1.06 -10.47 -7.61
C SER A 55 0.33 -11.51 -6.76
N ASP A 56 0.76 -11.64 -5.51
CA ASP A 56 0.15 -12.60 -4.60
C ASP A 56 -0.37 -11.90 -3.35
N SER A 57 -1.56 -12.31 -2.89
CA SER A 57 -2.16 -11.71 -1.71
C SER A 57 -1.29 -11.95 -0.48
N GLU A 58 -0.66 -13.11 -0.42
CA GLU A 58 0.21 -13.46 0.69
C GLU A 58 1.40 -12.51 0.78
N CYS A 59 2.01 -12.23 -0.37
CA CYS A 59 3.16 -11.34 -0.43
C CYS A 59 2.79 -9.94 0.04
N ALA A 60 1.58 -9.50 -0.32
CA ALA A 60 1.10 -8.18 0.05
C ALA A 60 0.89 -8.08 1.57
N ARG A 61 0.42 -9.17 2.16
CA ARG A 61 0.16 -9.21 3.59
C ARG A 61 1.46 -9.05 4.38
N ARG A 62 2.47 -9.82 4.00
CA ARG A 62 3.76 -9.77 4.68
C ARG A 62 4.37 -8.37 4.57
N ALA A 63 4.28 -7.78 3.38
CA ALA A 63 4.81 -6.44 3.15
C ALA A 63 4.10 -5.41 4.02
N LEU A 64 2.81 -5.61 4.23
CA LEU A 64 2.01 -4.70 5.03
C LEU A 64 2.48 -4.70 6.49
N GLU A 65 2.71 -5.89 7.02
CA GLU A 65 3.17 -6.03 8.40
C GLU A 65 4.59 -5.52 8.56
N GLN A 66 5.43 -5.79 7.56
CA GLN A 66 6.82 -5.36 7.59
C GLN A 66 6.93 -3.85 7.40
N LEU A 67 6.12 -3.32 6.49
CA LEU A 67 6.13 -1.88 6.21
C LEU A 67 5.44 -1.11 7.33
N ASN A 68 4.27 -1.59 7.74
CA ASN A 68 3.51 -0.95 8.80
C ASN A 68 4.42 -0.58 9.98
N GLY A 69 4.69 0.72 10.12
CA GLY A 69 5.55 1.18 11.20
C GLY A 69 7.02 1.03 10.87
N PHE A 70 7.39 1.29 9.63
CA PHE A 70 8.77 1.17 9.19
C PHE A 70 9.40 2.56 9.02
N GLU A 71 10.17 2.98 10.01
CA GLU A 71 10.83 4.28 9.97
C GLU A 71 11.59 4.47 8.66
N LEU A 72 11.01 5.25 7.76
CA LEU A 72 11.63 5.51 6.46
C LEU A 72 12.45 6.80 6.50
N ALA A 73 11.80 7.89 6.87
CA ALA A 73 12.47 9.19 6.95
C ALA A 73 12.40 9.76 8.37
N GLY A 74 12.69 8.90 9.35
CA GLY A 74 12.66 9.34 10.74
C GLY A 74 11.37 8.94 11.44
N ARG A 75 10.26 8.99 10.72
CA ARG A 75 8.97 8.64 11.28
C ARG A 75 8.37 7.42 10.56
N PRO A 76 7.58 6.63 11.29
CA PRO A 76 6.93 5.44 10.74
C PRO A 76 5.84 5.76 9.74
N MET A 77 5.98 5.23 8.53
CA MET A 77 5.00 5.47 7.47
C MET A 77 3.68 4.79 7.78
N ARG A 78 2.66 5.08 6.99
CA ARG A 78 1.34 4.49 7.18
C ARG A 78 1.03 3.49 6.07
N VAL A 79 0.71 2.27 6.47
CA VAL A 79 0.39 1.22 5.51
C VAL A 79 -0.92 0.52 5.86
N GLY A 80 -1.85 0.49 4.91
CA GLY A 80 -3.13 -0.14 5.15
C GLY A 80 -3.68 -0.81 3.91
N HIS A 81 -4.65 -1.71 4.10
CA HIS A 81 -5.26 -2.42 2.98
C HIS A 81 -6.25 -1.52 2.24
N VAL A 82 -6.08 -1.42 0.93
CA VAL A 82 -6.95 -0.60 0.10
C VAL A 82 -8.42 -0.82 0.46
N THR A 83 -8.94 0.03 1.34
CA THR A 83 -10.33 -0.08 1.77
C THR A 83 -11.12 1.16 1.35
N GLU A 84 -12.32 0.94 0.82
CA GLU A 84 -13.17 2.03 0.38
C GLU A 84 -14.13 2.44 1.49
N ARG A 85 -14.48 3.73 1.53
CA ARG A 85 -15.38 4.25 2.54
C ARG A 85 -16.82 4.27 2.03
N LEU A 86 -17.00 3.87 0.77
CA LEU A 86 -18.32 3.84 0.16
C LEU A 86 -19.15 2.67 0.69
N ASP A 87 -18.71 1.45 0.37
CA ASP A 87 -19.41 0.25 0.81
C ASP A 87 -19.01 -0.10 2.24
N GLY A 88 -19.80 0.38 3.20
CA GLY A 88 -19.50 0.10 4.60
C GLY A 88 -20.41 -0.97 5.18
N GLY A 89 -21.64 -0.60 5.51
CA GLY A 89 -22.57 -1.55 6.07
C GLY A 89 -23.45 -0.94 7.15
N SER A 90 -24.35 -1.74 7.70
CA SER A 90 -25.25 -1.27 8.75
C SER A 90 -26.01 -2.44 9.38
N GLY A 91 -25.85 -2.60 10.69
CA GLY A 91 -26.54 -3.68 11.38
C GLY A 91 -27.16 -3.23 12.69
N PRO A 92 -28.43 -2.83 12.63
CA PRO A 92 -29.18 -2.36 13.80
C PRO A 92 -29.47 -3.48 14.79
N SER A 93 -29.62 -3.13 16.06
CA SER A 93 -29.90 -4.11 17.11
C SER A 93 -31.21 -3.78 17.82
N SER A 94 -31.56 -4.62 18.79
CA SER A 94 -32.79 -4.42 19.55
C SER A 94 -32.55 -3.53 20.77
N GLY A 95 -33.44 -2.58 20.98
CA GLY A 95 -33.30 -1.67 22.11
C GLY A 95 -33.75 -0.26 21.78
N GLY A 1 -20.22 -10.81 -1.45
CA GLY A 1 -19.54 -10.85 -2.74
C GLY A 1 -18.05 -11.04 -2.59
N SER A 2 -17.34 -11.07 -3.72
CA SER A 2 -15.90 -11.26 -3.72
C SER A 2 -15.18 -9.92 -3.94
N SER A 3 -15.66 -8.89 -3.26
CA SER A 3 -15.07 -7.57 -3.38
C SER A 3 -13.70 -7.50 -2.71
N GLY A 4 -12.65 -7.81 -3.47
CA GLY A 4 -11.31 -7.80 -2.92
C GLY A 4 -10.25 -7.90 -3.99
N SER A 5 -9.04 -7.46 -3.67
CA SER A 5 -7.93 -7.49 -4.62
C SER A 5 -6.59 -7.46 -3.89
N SER A 6 -5.53 -7.85 -4.60
CA SER A 6 -4.20 -7.87 -4.01
C SER A 6 -3.50 -6.52 -4.22
N GLY A 7 -3.67 -5.62 -3.26
CA GLY A 7 -3.04 -4.31 -3.36
C GLY A 7 -2.73 -3.72 -1.99
N LEU A 8 -1.66 -2.94 -1.92
CA LEU A 8 -1.25 -2.31 -0.67
C LEU A 8 -1.19 -0.79 -0.83
N TYR A 9 -1.65 -0.09 0.20
CA TYR A 9 -1.65 1.38 0.17
C TYR A 9 -0.58 1.93 1.10
N VAL A 10 0.13 2.96 0.64
CA VAL A 10 1.19 3.58 1.42
C VAL A 10 0.91 5.07 1.62
N GLY A 11 1.14 5.55 2.85
CA GLY A 11 0.92 6.95 3.14
C GLY A 11 1.89 7.49 4.17
N SER A 12 1.99 8.81 4.25
CA SER A 12 2.90 9.45 5.19
C SER A 12 4.34 9.34 4.71
N LEU A 13 4.56 9.60 3.43
CA LEU A 13 5.89 9.53 2.83
C LEU A 13 6.46 10.92 2.60
N HIS A 14 7.65 10.99 2.00
CA HIS A 14 8.30 12.26 1.72
C HIS A 14 8.28 12.56 0.22
N PHE A 15 7.95 13.80 -0.13
CA PHE A 15 7.91 14.20 -1.53
C PHE A 15 9.05 13.58 -2.32
N ASN A 16 10.25 13.60 -1.74
CA ASN A 16 11.43 13.04 -2.39
C ASN A 16 11.18 11.59 -2.80
N ILE A 17 10.54 10.83 -1.92
CA ILE A 17 10.24 9.43 -2.18
C ILE A 17 9.57 9.26 -3.54
N THR A 18 10.32 8.75 -4.52
CA THR A 18 9.79 8.54 -5.86
C THR A 18 9.29 7.11 -6.03
N GLU A 19 8.77 6.81 -7.22
CA GLU A 19 8.25 5.48 -7.52
C GLU A 19 9.36 4.43 -7.39
N ASP A 20 10.59 4.84 -7.68
CA ASP A 20 11.74 3.93 -7.60
C ASP A 20 11.91 3.41 -6.18
N MET A 21 11.79 4.31 -5.20
CA MET A 21 11.94 3.93 -3.80
C MET A 21 10.86 2.93 -3.39
N LEU A 22 9.62 3.21 -3.77
CA LEU A 22 8.51 2.33 -3.44
C LEU A 22 8.72 0.93 -4.03
N ARG A 23 9.26 0.89 -5.24
CA ARG A 23 9.52 -0.38 -5.92
C ARG A 23 10.69 -1.12 -5.26
N GLY A 24 11.74 -0.38 -4.93
CA GLY A 24 12.90 -0.97 -4.32
C GLY A 24 12.58 -1.60 -2.97
N ILE A 25 11.61 -1.05 -2.27
CA ILE A 25 11.20 -1.57 -0.97
C ILE A 25 10.14 -2.66 -1.12
N PHE A 26 9.16 -2.41 -1.99
CA PHE A 26 8.08 -3.37 -2.22
C PHE A 26 8.53 -4.45 -3.21
N GLU A 27 9.76 -4.32 -3.71
CA GLU A 27 10.29 -5.28 -4.66
C GLU A 27 10.58 -6.62 -3.97
N PRO A 28 11.45 -6.58 -2.95
CA PRO A 28 11.82 -7.77 -2.18
C PRO A 28 10.68 -8.31 -1.33
N PHE A 29 9.52 -7.66 -1.43
CA PHE A 29 8.35 -8.07 -0.66
C PHE A 29 7.36 -8.82 -1.54
N GLY A 30 7.59 -8.77 -2.86
CA GLY A 30 6.71 -9.45 -3.79
C GLY A 30 6.73 -8.82 -5.16
N LYS A 31 5.99 -9.42 -6.10
CA LYS A 31 5.93 -8.90 -7.46
C LYS A 31 5.10 -7.63 -7.52
N ILE A 32 5.63 -6.60 -8.18
CA ILE A 32 4.93 -5.33 -8.31
C ILE A 32 4.25 -5.21 -9.67
N ASP A 33 2.96 -5.50 -9.70
CA ASP A 33 2.18 -5.43 -10.94
C ASP A 33 2.23 -4.03 -11.52
N ASN A 34 2.06 -3.02 -10.67
CA ASN A 34 2.09 -1.63 -11.11
C ASN A 34 2.18 -0.68 -9.92
N ILE A 35 2.74 0.50 -10.14
CA ILE A 35 2.88 1.50 -9.09
C ILE A 35 2.36 2.85 -9.54
N VAL A 36 1.57 3.48 -8.69
CA VAL A 36 1.01 4.80 -8.99
C VAL A 36 1.14 5.75 -7.81
N LEU A 37 1.58 6.97 -8.08
CA LEU A 37 1.75 7.97 -7.03
C LEU A 37 0.62 8.99 -7.07
N MET A 38 -0.01 9.21 -5.91
CA MET A 38 -1.12 10.16 -5.80
C MET A 38 -0.59 11.57 -5.56
N LYS A 39 -1.16 12.54 -6.27
CA LYS A 39 -0.74 13.93 -6.14
C LYS A 39 -1.96 14.85 -6.08
N ASP A 40 -1.78 16.01 -5.45
CA ASP A 40 -2.87 16.97 -5.32
C ASP A 40 -3.25 17.55 -6.68
N SER A 41 -4.26 18.41 -6.69
CA SER A 41 -4.73 19.02 -7.93
C SER A 41 -4.41 20.52 -7.95
N ASP A 42 -4.47 21.15 -6.78
CA ASP A 42 -4.19 22.57 -6.66
C ASP A 42 -2.72 22.86 -6.92
N THR A 43 -1.84 22.04 -6.32
CA THR A 43 -0.40 22.22 -6.49
C THR A 43 0.17 21.14 -7.41
N GLY A 44 -0.09 19.88 -7.07
CA GLY A 44 0.41 18.78 -7.87
C GLY A 44 1.71 18.21 -7.34
N ARG A 45 1.93 18.36 -6.04
CA ARG A 45 3.14 17.85 -5.41
C ARG A 45 2.83 16.66 -4.51
N SER A 46 3.51 15.54 -4.76
CA SER A 46 3.31 14.33 -3.98
C SER A 46 3.10 14.66 -2.51
N LYS A 47 1.98 14.19 -1.95
CA LYS A 47 1.66 14.44 -0.55
C LYS A 47 2.38 13.45 0.35
N GLY A 48 2.64 12.25 -0.18
CA GLY A 48 3.33 11.23 0.61
C GLY A 48 2.54 9.94 0.67
N TYR A 49 1.79 9.64 -0.38
CA TYR A 49 0.99 8.42 -0.43
C TYR A 49 0.90 7.89 -1.86
N GLY A 50 0.67 6.59 -1.98
CA GLY A 50 0.57 5.98 -3.30
C GLY A 50 -0.11 4.62 -3.25
N PHE A 51 -0.38 4.06 -4.43
CA PHE A 51 -1.02 2.75 -4.52
C PHE A 51 -0.13 1.75 -5.25
N ILE A 52 -0.02 0.55 -4.69
CA ILE A 52 0.81 -0.50 -5.29
C ILE A 52 0.03 -1.81 -5.39
N THR A 53 0.17 -2.49 -6.52
CA THR A 53 -0.51 -3.76 -6.74
C THR A 53 0.49 -4.91 -6.77
N PHE A 54 0.19 -5.95 -5.99
CA PHE A 54 1.05 -7.12 -5.91
C PHE A 54 0.47 -8.28 -6.71
N SER A 55 1.26 -9.34 -6.87
CA SER A 55 0.82 -10.51 -7.62
C SER A 55 0.73 -11.73 -6.70
N ASP A 56 0.54 -11.49 -5.41
CA ASP A 56 0.44 -12.56 -4.43
C ASP A 56 -0.18 -12.06 -3.14
N SER A 57 -1.38 -12.55 -2.83
CA SER A 57 -2.08 -12.14 -1.62
C SER A 57 -1.20 -12.34 -0.38
N GLU A 58 -0.46 -13.44 -0.36
CA GLU A 58 0.42 -13.74 0.76
C GLU A 58 1.50 -12.67 0.90
N CYS A 59 2.08 -12.28 -0.22
CA CYS A 59 3.13 -11.26 -0.22
C CYS A 59 2.59 -9.92 0.24
N ALA A 60 1.38 -9.58 -0.21
CA ALA A 60 0.76 -8.32 0.18
C ALA A 60 0.61 -8.21 1.69
N ARG A 61 0.13 -9.28 2.31
CA ARG A 61 -0.05 -9.30 3.76
C ARG A 61 1.27 -9.11 4.48
N ARG A 62 2.29 -9.87 4.05
CA ARG A 62 3.60 -9.79 4.66
C ARG A 62 4.17 -8.38 4.55
N ALA A 63 4.15 -7.82 3.35
CA ALA A 63 4.66 -6.48 3.11
C ALA A 63 3.95 -5.46 4.01
N LEU A 64 2.66 -5.70 4.25
CA LEU A 64 1.87 -4.80 5.09
C LEU A 64 2.39 -4.80 6.52
N GLU A 65 2.67 -5.99 7.04
CA GLU A 65 3.17 -6.13 8.41
C GLU A 65 4.58 -5.57 8.52
N GLN A 66 5.42 -5.88 7.53
CA GLN A 66 6.80 -5.42 7.53
C GLN A 66 6.87 -3.90 7.36
N LEU A 67 6.03 -3.37 6.47
CA LEU A 67 6.00 -1.94 6.22
C LEU A 67 5.32 -1.20 7.36
N ASN A 68 4.18 -1.71 7.80
CA ASN A 68 3.44 -1.09 8.90
C ASN A 68 4.39 -0.65 10.01
N GLY A 69 4.61 0.67 10.09
CA GLY A 69 5.49 1.21 11.11
C GLY A 69 6.95 1.17 10.69
N PHE A 70 7.21 1.36 9.40
CA PHE A 70 8.57 1.34 8.87
C PHE A 70 9.08 2.76 8.66
N GLU A 71 9.88 3.24 9.62
CA GLU A 71 10.45 4.58 9.53
C GLU A 71 11.33 4.72 8.30
N LEU A 72 10.95 5.64 7.41
CA LEU A 72 11.70 5.88 6.18
C LEU A 72 12.43 7.21 6.24
N ALA A 73 11.70 8.27 6.60
CA ALA A 73 12.28 9.60 6.70
C ALA A 73 12.29 10.09 8.14
N GLY A 74 12.65 9.19 9.06
CA GLY A 74 12.71 9.54 10.47
C GLY A 74 11.47 9.11 11.21
N ARG A 75 10.32 9.16 10.55
CA ARG A 75 9.06 8.76 11.16
C ARG A 75 8.46 7.55 10.45
N PRO A 76 7.68 6.75 11.20
CA PRO A 76 7.04 5.56 10.66
C PRO A 76 5.93 5.88 9.66
N MET A 77 5.97 5.24 8.50
CA MET A 77 4.96 5.46 7.46
C MET A 77 3.68 4.72 7.79
N ARG A 78 2.65 4.94 6.97
CA ARG A 78 1.36 4.29 7.17
C ARG A 78 1.08 3.28 6.07
N VAL A 79 0.89 2.02 6.45
CA VAL A 79 0.62 0.96 5.51
C VAL A 79 -0.69 0.24 5.84
N GLY A 80 -1.53 0.07 4.83
CA GLY A 80 -2.80 -0.60 5.03
C GLY A 80 -3.35 -1.22 3.76
N HIS A 81 -4.28 -2.15 3.91
CA HIS A 81 -4.87 -2.83 2.76
C HIS A 81 -5.75 -1.89 1.97
N VAL A 82 -5.43 -1.72 0.69
CA VAL A 82 -6.20 -0.84 -0.18
C VAL A 82 -7.64 -1.33 -0.34
N THR A 83 -7.82 -2.65 -0.29
CA THR A 83 -9.14 -3.25 -0.42
C THR A 83 -10.08 -2.76 0.67
N GLU A 84 -11.36 -2.65 0.35
CA GLU A 84 -12.36 -2.20 1.31
C GLU A 84 -12.14 -0.74 1.67
N ARG A 85 -11.81 0.08 0.66
CA ARG A 85 -11.56 1.49 0.86
C ARG A 85 -12.51 2.05 1.92
N LEU A 86 -13.81 1.99 1.64
CA LEU A 86 -14.82 2.51 2.57
C LEU A 86 -15.20 1.44 3.58
N ASP A 87 -14.70 1.59 4.81
CA ASP A 87 -14.99 0.63 5.87
C ASP A 87 -15.60 1.34 7.08
N GLY A 88 -16.74 0.84 7.53
CA GLY A 88 -17.42 1.44 8.67
C GLY A 88 -16.73 1.12 9.99
N GLY A 89 -16.76 -0.16 10.37
CA GLY A 89 -16.12 -0.57 11.62
C GLY A 89 -17.09 -1.28 12.54
N SER A 90 -17.33 -2.57 12.26
CA SER A 90 -18.24 -3.37 13.07
C SER A 90 -17.46 -4.32 13.97
N GLY A 91 -17.06 -3.84 15.14
CA GLY A 91 -16.32 -4.66 16.08
C GLY A 91 -15.01 -5.16 15.50
N PRO A 92 -14.07 -4.23 15.27
CA PRO A 92 -12.75 -4.56 14.72
C PRO A 92 -11.89 -5.35 15.69
N SER A 93 -11.44 -6.53 15.25
CA SER A 93 -10.60 -7.38 16.09
C SER A 93 -9.35 -6.65 16.53
N SER A 94 -8.61 -7.26 17.46
CA SER A 94 -7.38 -6.67 17.97
C SER A 94 -6.16 -7.50 17.56
N GLY A 95 -4.98 -6.93 17.74
CA GLY A 95 -3.76 -7.63 17.39
C GLY A 95 -2.53 -7.01 18.02
#